data_2P1I
#
_entry.id   2P1I
#
_cell.length_a   192.040
_cell.length_b   153.460
_cell.length_c   143.360
_cell.angle_alpha   90.00
_cell.angle_beta   132.00
_cell.angle_gamma   90.00
#
_symmetry.space_group_name_H-M   'C 1 2 1'
#
loop_
_entity.id
_entity.type
_entity.pdbx_description
1 polymer 'Ribonucleotide reductase, small chain'
2 non-polymer 'FE (III) ION'
3 water water
#
_entity_poly.entity_id   1
_entity_poly.type   'polypeptide(L)'
_entity_poly.pdbx_seq_one_letter_code
;MAEVVNISKSASFSKQEKEFSDFQKSKESNEKILNKESNRFTLHPIMYPEVWNFYKKAEASFWTAEEIDLSSDLKDFEKL
NVNEKHFIKHVLAFFAASDGIVLENLASKFLREVEIIEAKKFYSFQIAVENIHSETYSLLIDNYIKDEKERLNLFHAIEN
IPAIKNKALWAAKWINDTNSFAERIVANACVEGILFSGSFCAIFWFKKQNKLHGLTFSNELISRDEGLHTDFNCLIYSLL
ENKLPENVVQNIVKEAVEVERSFICESLPCDLIGMNSRLMSQYIEFVADRLLECLGCSKVFHSKNPFNWMDLISLQGKTN
FFEKRVADYQKSGVMAQRKEQVFSLNTDF
;
_entity_poly.pdbx_strand_id   A,B,C,D,E,F,G,H
#
loop_
_chem_comp.id
_chem_comp.type
_chem_comp.name
_chem_comp.formula
FE non-polymer 'FE (III) ION' 'Fe 3'
#
# COMPACT_ATOMS: atom_id res chain seq x y z
N MET A 47 37.13 19.41 26.51
CA MET A 47 35.79 18.81 26.82
C MET A 47 34.66 19.86 26.87
N TYR A 48 33.53 19.50 27.53
CA TYR A 48 32.37 20.37 27.69
C TYR A 48 32.02 20.32 29.13
N PRO A 49 32.75 21.06 29.96
CA PRO A 49 32.71 21.03 31.46
C PRO A 49 31.40 21.29 32.17
N GLU A 50 30.44 21.89 31.51
CA GLU A 50 29.23 22.31 32.21
C GLU A 50 28.31 21.12 32.07
N VAL A 51 28.33 20.50 30.89
CA VAL A 51 27.68 19.22 30.65
C VAL A 51 28.11 18.08 31.59
N TRP A 52 29.40 17.98 31.85
CA TRP A 52 29.93 16.97 32.77
C TRP A 52 29.40 17.15 34.18
N ASN A 53 29.15 18.40 34.59
CA ASN A 53 28.54 18.70 35.92
C ASN A 53 27.13 18.16 36.08
N PHE A 54 26.39 18.08 34.99
CA PHE A 54 25.04 17.53 35.01
C PHE A 54 25.10 16.02 35.17
N TYR A 55 26.18 15.42 34.66
CA TYR A 55 26.34 13.96 34.67
C TYR A 55 26.66 13.53 36.13
N LYS A 56 27.59 14.24 36.74
CA LYS A 56 28.10 13.97 38.06
C LYS A 56 27.04 14.25 39.09
N LYS A 57 26.03 15.00 38.67
CA LYS A 57 24.97 15.40 39.60
C LYS A 57 23.83 14.41 39.50
N ALA A 58 23.60 13.93 38.29
CA ALA A 58 22.68 12.83 38.06
C ALA A 58 23.23 11.53 38.71
N GLU A 59 24.50 11.24 38.43
CA GLU A 59 25.20 10.13 38.95
C GLU A 59 25.15 10.16 40.48
N ALA A 60 25.57 11.28 41.08
CA ALA A 60 25.71 11.35 42.56
C ALA A 60 24.34 11.52 43.12
N SER A 61 23.33 11.38 42.29
CA SER A 61 21.98 11.66 42.71
C SER A 61 21.16 10.43 42.42
N PHE A 62 21.86 9.38 42.05
CA PHE A 62 21.29 8.11 41.67
C PHE A 62 20.57 7.51 42.83
N TRP A 63 19.42 6.94 42.54
CA TRP A 63 18.63 6.18 43.53
C TRP A 63 17.86 5.00 42.91
N THR A 64 17.51 4.00 43.73
CA THR A 64 16.70 2.88 43.29
C THR A 64 15.40 2.60 44.06
N ALA A 65 14.59 1.72 43.52
CA ALA A 65 13.25 1.50 44.02
C ALA A 65 13.25 0.85 45.38
N GLU A 66 14.41 0.44 45.85
CA GLU A 66 14.51 -0.21 47.14
C GLU A 66 14.49 0.79 48.29
N GLU A 67 14.70 2.08 47.99
CA GLU A 67 14.77 3.04 49.06
C GLU A 67 13.42 3.62 49.39
N ILE A 68 12.38 3.03 48.82
CA ILE A 68 11.04 3.62 48.86
C ILE A 68 10.13 3.01 49.95
N ASP A 69 10.06 1.67 49.96
CA ASP A 69 9.30 0.93 51.00
C ASP A 69 7.84 1.43 51.22
N LEU A 70 6.97 1.16 50.24
CA LEU A 70 5.58 1.55 50.25
C LEU A 70 4.81 1.14 51.53
N SER A 71 5.55 0.60 52.48
CA SER A 71 5.03 -0.13 53.63
C SER A 71 3.77 0.45 54.23
N SER A 72 3.85 1.75 54.44
CA SER A 72 3.16 2.28 55.59
C SER A 72 1.87 2.99 55.30
N ASP A 73 1.52 3.18 54.03
CA ASP A 73 0.29 3.89 53.76
C ASP A 73 -0.58 3.34 52.58
N LEU A 74 -1.26 2.21 52.77
CA LEU A 74 -2.36 1.91 51.91
C LEU A 74 -3.51 2.04 52.82
N LYS A 75 -3.18 2.26 54.10
CA LYS A 75 -4.19 2.66 55.07
C LYS A 75 -4.67 4.04 54.70
N ASP A 76 -3.75 4.90 54.31
CA ASP A 76 -4.05 6.25 53.82
C ASP A 76 -4.96 6.16 52.62
N PHE A 77 -4.61 5.24 51.69
CA PHE A 77 -5.37 5.11 50.47
C PHE A 77 -6.72 4.51 50.70
N GLU A 78 -6.91 3.81 51.78
CA GLU A 78 -8.25 3.31 51.95
C GLU A 78 -8.98 4.25 52.86
N LYS A 79 -8.29 5.07 53.61
CA LYS A 79 -9.00 6.20 54.28
C LYS A 79 -9.36 7.35 53.33
N LEU A 80 -8.69 7.44 52.19
CA LEU A 80 -9.01 8.44 51.15
C LEU A 80 -10.42 8.25 50.72
N ASN A 81 -10.94 9.10 49.85
CA ASN A 81 -12.35 8.96 49.48
C ASN A 81 -12.46 8.52 48.03
N VAL A 82 -13.69 8.31 47.54
CA VAL A 82 -13.95 7.73 46.22
C VAL A 82 -13.58 8.40 44.94
N ASN A 83 -13.24 9.68 44.93
CA ASN A 83 -12.90 10.40 43.71
C ASN A 83 -11.42 10.62 43.66
N GLU A 84 -10.85 10.39 44.82
CA GLU A 84 -9.44 10.62 45.07
C GLU A 84 -8.69 9.39 44.79
N LYS A 85 -9.32 8.26 45.14
CA LYS A 85 -8.90 6.86 44.83
C LYS A 85 -8.67 6.69 43.32
N HIS A 86 -9.65 7.01 42.47
CA HIS A 86 -9.39 6.78 41.02
C HIS A 86 -8.66 7.89 40.26
N PHE A 87 -8.41 8.96 40.95
CA PHE A 87 -7.51 9.94 40.43
C PHE A 87 -6.15 9.26 40.47
N ILE A 88 -5.75 8.77 41.66
CA ILE A 88 -4.43 8.18 41.85
C ILE A 88 -4.31 7.02 40.93
N LYS A 89 -5.31 6.17 40.91
CA LYS A 89 -5.24 4.87 40.12
C LYS A 89 -5.07 5.17 38.64
N HIS A 90 -5.63 6.31 38.22
CA HIS A 90 -5.48 6.77 36.83
C HIS A 90 -4.15 7.48 36.61
N VAL A 91 -3.68 8.26 37.58
CA VAL A 91 -2.45 9.01 37.33
C VAL A 91 -1.29 8.08 37.16
N LEU A 92 -1.24 7.07 38.04
CA LEU A 92 -0.13 6.10 38.07
C LEU A 92 -0.20 5.31 36.81
N ALA A 93 -1.39 5.02 36.34
CA ALA A 93 -1.58 4.31 35.10
C ALA A 93 -1.32 5.25 33.89
N PHE A 94 -1.27 6.53 34.14
CA PHE A 94 -0.93 7.43 33.07
C PHE A 94 0.56 7.56 32.94
N PHE A 95 1.25 7.65 34.06
CA PHE A 95 2.69 7.65 34.05
C PHE A 95 3.28 6.41 33.37
N ALA A 96 2.59 5.27 33.43
CA ALA A 96 3.10 4.03 32.83
C ALA A 96 2.48 3.79 31.45
N ALA A 97 2.91 4.52 30.46
CA ALA A 97 2.37 4.46 29.11
C ALA A 97 3.44 5.04 28.16
N SER A 98 3.97 6.23 28.54
CA SER A 98 5.09 6.88 27.82
C SER A 98 6.45 6.54 28.41
N GLU A 104 8.44 4.39 25.60
CA GLU A 104 8.80 5.38 24.56
C GLU A 104 10.34 5.53 24.43
N ASN A 105 10.84 5.65 23.19
CA ASN A 105 12.27 5.92 22.94
C ASN A 105 12.50 7.42 22.73
N LEU A 106 13.51 7.96 23.41
CA LEU A 106 13.77 9.38 23.36
C LEU A 106 15.26 9.67 23.53
N ALA A 107 15.77 9.55 24.76
CA ALA A 107 17.21 9.76 25.00
C ALA A 107 18.08 8.92 24.02
N SER A 108 17.61 7.75 23.65
CA SER A 108 18.43 6.92 22.81
C SER A 108 18.48 7.45 21.40
N LYS A 109 17.51 8.28 21.06
CA LYS A 109 17.58 8.92 19.77
C LYS A 109 18.55 10.14 19.81
N PHE A 110 18.71 10.76 20.97
CA PHE A 110 19.74 11.77 21.07
C PHE A 110 21.10 11.20 21.43
N LEU A 111 21.12 10.00 21.99
CA LEU A 111 22.36 9.31 22.26
C LEU A 111 23.15 9.14 20.94
N ARG A 112 22.49 8.69 19.87
CA ARG A 112 23.19 8.58 18.56
C ARG A 112 23.44 9.90 17.77
N GLU A 113 22.61 10.92 17.98
CA GLU A 113 22.82 12.25 17.35
C GLU A 113 23.91 13.09 18.00
N VAL A 114 23.73 13.49 19.26
CA VAL A 114 24.72 14.33 19.95
C VAL A 114 26.10 13.72 20.06
N GLU A 115 27.00 14.11 19.16
CA GLU A 115 28.35 13.57 19.12
C GLU A 115 29.35 14.12 20.12
N ILE A 116 28.94 14.31 21.37
CA ILE A 116 29.90 14.73 22.42
C ILE A 116 29.88 13.84 23.65
N ILE A 117 31.01 13.14 23.86
CA ILE A 117 31.15 12.11 24.86
C ILE A 117 30.51 12.44 26.22
N GLU A 118 30.80 13.66 26.71
CA GLU A 118 30.20 14.21 27.94
C GLU A 118 28.66 14.14 27.91
N ALA A 119 28.08 14.27 26.72
CA ALA A 119 26.62 14.28 26.63
C ALA A 119 25.98 12.91 26.42
N LYS A 120 26.62 12.09 25.64
CA LYS A 120 26.17 10.72 25.50
C LYS A 120 26.20 10.08 26.86
N LYS A 121 27.21 10.44 27.63
CA LYS A 121 27.24 9.92 28.98
C LYS A 121 26.05 10.33 29.82
N PHE A 122 25.62 11.58 29.72
CA PHE A 122 24.41 12.00 30.44
C PHE A 122 23.17 11.29 29.91
N TYR A 123 23.05 11.10 28.60
CA TYR A 123 21.82 10.50 28.06
C TYR A 123 21.78 9.00 28.36
N SER A 124 22.90 8.27 28.19
CA SER A 124 22.90 6.85 28.54
C SER A 124 22.59 6.69 30.01
N PHE A 125 22.96 7.66 30.85
CA PHE A 125 22.57 7.61 32.28
C PHE A 125 21.09 7.97 32.50
N GLN A 126 20.49 8.66 31.55
CA GLN A 126 19.10 9.07 31.62
C GLN A 126 18.17 7.91 31.49
N ILE A 127 18.43 7.08 30.48
CA ILE A 127 17.63 5.88 30.26
C ILE A 127 17.65 4.92 31.46
N ALA A 128 18.77 4.78 32.14
CA ALA A 128 18.78 3.92 33.36
C ALA A 128 17.93 4.46 34.44
N VAL A 129 18.16 5.68 34.86
CA VAL A 129 17.32 6.39 35.84
C VAL A 129 15.82 6.38 35.45
N GLU A 130 15.54 6.47 34.15
CA GLU A 130 14.15 6.57 33.68
C GLU A 130 13.46 5.21 33.76
N ASN A 131 14.27 4.15 33.54
CA ASN A 131 13.86 2.82 33.84
C ASN A 131 13.57 2.59 35.33
N ILE A 132 14.43 3.11 36.18
CA ILE A 132 14.11 3.13 37.60
C ILE A 132 12.82 3.91 37.96
N HIS A 133 12.51 5.02 37.27
CA HIS A 133 11.20 5.69 37.53
C HIS A 133 10.12 4.74 37.16
N SER A 134 10.31 4.05 36.04
CA SER A 134 9.29 3.12 35.51
C SER A 134 8.92 2.02 36.46
N GLU A 135 9.95 1.42 37.07
CA GLU A 135 9.78 0.31 38.06
C GLU A 135 9.06 0.76 39.29
N THR A 136 9.42 1.96 39.76
CA THR A 136 8.78 2.61 40.91
C THR A 136 7.28 2.67 40.67
N TYR A 137 6.88 2.94 39.43
CA TYR A 137 5.45 3.08 39.15
C TYR A 137 4.78 1.72 39.10
N SER A 138 5.49 0.78 38.49
CA SER A 138 4.97 -0.57 38.39
C SER A 138 4.85 -1.14 39.80
N LEU A 139 5.83 -0.89 40.64
CA LEU A 139 5.67 -1.18 42.07
C LEU A 139 4.53 -0.47 42.79
N LEU A 140 4.26 0.80 42.47
CA LEU A 140 3.15 1.49 43.05
C LEU A 140 1.87 0.99 42.54
N ILE A 141 1.78 0.84 41.24
CA ILE A 141 0.60 0.25 40.61
C ILE A 141 0.33 -1.13 41.17
N ASP A 142 1.38 -1.78 41.63
CA ASP A 142 1.35 -3.07 42.29
C ASP A 142 0.76 -3.04 43.64
N ASN A 143 0.90 -1.92 44.36
CA ASN A 143 0.33 -1.81 45.73
C ASN A 143 -1.02 -1.14 45.84
N TYR A 144 -1.25 -0.01 45.16
CA TYR A 144 -2.61 0.59 45.26
C TYR A 144 -3.62 -0.14 44.42
N ILE A 145 -3.18 -0.77 43.34
CA ILE A 145 -4.09 -1.45 42.43
C ILE A 145 -3.77 -2.92 42.50
N LYS A 146 -3.68 -3.42 43.73
CA LYS A 146 -3.21 -4.74 44.08
C LYS A 146 -3.60 -5.93 43.14
N ASP A 147 -4.88 -6.19 42.88
CA ASP A 147 -5.21 -7.40 42.07
C ASP A 147 -5.34 -7.19 40.54
N GLU A 148 -4.83 -8.15 39.79
CA GLU A 148 -4.59 -7.98 38.34
C GLU A 148 -5.82 -7.73 37.42
N LYS A 149 -7.01 -8.02 37.92
CA LYS A 149 -8.23 -7.80 37.16
C LYS A 149 -8.31 -6.33 36.72
N GLU A 150 -8.00 -5.49 37.69
CA GLU A 150 -8.30 -4.12 37.65
C GLU A 150 -7.15 -3.44 37.00
N ARG A 151 -5.93 -3.93 37.19
CA ARG A 151 -4.74 -3.36 36.49
C ARG A 151 -5.07 -3.08 35.04
N LEU A 152 -5.47 -4.14 34.35
CA LEU A 152 -5.73 -4.13 32.96
C LEU A 152 -7.02 -3.48 32.68
N ASN A 153 -8.00 -3.63 33.55
CA ASN A 153 -9.35 -3.17 33.18
C ASN A 153 -9.23 -1.67 32.85
N LEU A 154 -8.01 -1.20 33.06
CA LEU A 154 -7.64 0.15 33.37
C LEU A 154 -6.39 0.53 32.59
N PHE A 155 -5.78 -0.44 31.94
CA PHE A 155 -4.77 -0.05 30.99
C PHE A 155 -5.35 0.25 29.60
N HIS A 156 -6.43 -0.44 29.23
CA HIS A 156 -7.11 -0.10 28.00
C HIS A 156 -7.78 1.22 28.20
N ALA A 157 -8.25 1.41 29.42
CA ALA A 157 -9.02 2.55 29.81
C ALA A 157 -8.26 3.82 29.51
N ILE A 158 -6.96 3.74 29.32
CA ILE A 158 -6.20 4.93 29.08
C ILE A 158 -6.00 5.15 27.58
N GLU A 159 -5.23 4.27 26.96
CA GLU A 159 -5.28 4.14 25.51
C GLU A 159 -6.30 5.11 24.87
N ASN A 160 -7.57 4.96 25.23
CA ASN A 160 -8.55 5.88 24.70
C ASN A 160 -8.83 6.93 25.77
N ILE A 161 -7.95 7.91 25.80
CA ILE A 161 -8.01 8.97 26.76
C ILE A 161 -7.38 10.16 26.03
N PRO A 162 -8.26 11.06 25.59
CA PRO A 162 -7.87 12.05 24.61
C PRO A 162 -6.56 12.74 24.99
N ALA A 163 -6.16 12.71 26.26
CA ALA A 163 -4.86 13.17 26.61
C ALA A 163 -3.74 12.44 25.84
N ILE A 164 -3.97 11.17 25.50
CA ILE A 164 -3.01 10.37 24.68
C ILE A 164 -3.15 10.70 23.16
N LYS A 165 -4.36 11.02 22.76
CA LYS A 165 -4.61 11.56 21.43
C LYS A 165 -3.73 12.78 21.27
N ASN A 166 -3.78 13.65 22.26
CA ASN A 166 -3.06 14.88 22.21
C ASN A 166 -1.54 14.64 22.33
N LYS A 167 -1.14 13.89 23.34
CA LYS A 167 0.28 13.56 23.60
C LYS A 167 0.97 12.88 22.41
N ALA A 168 0.31 11.93 21.75
CA ALA A 168 0.91 11.27 20.57
C ALA A 168 0.96 12.12 19.31
N LEU A 169 -0.15 12.76 18.96
CA LEU A 169 -0.23 13.65 17.81
C LEU A 169 0.82 14.75 17.83
N TRP A 170 1.08 15.29 19.02
CA TRP A 170 2.12 16.29 19.22
C TRP A 170 3.46 15.67 19.00
N ALA A 171 3.64 14.43 19.49
CA ALA A 171 4.93 13.72 19.36
C ALA A 171 5.19 13.38 17.88
N ALA A 172 4.10 13.24 17.13
CA ALA A 172 4.17 13.02 15.68
C ALA A 172 4.61 14.27 14.93
N LYS A 173 4.17 15.43 15.41
CA LYS A 173 4.45 16.69 14.71
C LYS A 173 5.84 17.26 15.00
N TRP A 174 6.30 17.23 16.24
CA TRP A 174 7.64 17.75 16.53
C TRP A 174 8.71 16.65 16.79
N ILE A 175 8.42 15.64 17.61
CA ILE A 175 9.44 14.62 17.99
C ILE A 175 9.47 13.45 16.99
N ASN A 176 10.44 12.41 17.22
CA ASN A 176 10.53 11.32 16.26
C ASN A 176 10.14 11.76 14.85
N ASP A 177 10.85 12.87 14.47
CA ASP A 177 10.51 13.57 13.26
C ASP A 177 11.69 13.64 12.33
N THR A 178 11.44 14.20 11.16
CA THR A 178 12.46 14.33 10.18
C THR A 178 12.46 15.76 9.56
N ASN A 179 12.74 16.77 10.39
CA ASN A 179 13.23 18.07 9.83
C ASN A 179 14.42 18.73 10.54
N SER A 180 14.28 19.05 11.82
CA SER A 180 15.31 19.85 12.49
C SER A 180 15.69 19.26 13.83
N PHE A 181 16.99 19.24 14.12
CA PHE A 181 17.48 18.76 15.42
C PHE A 181 17.09 19.74 16.50
N ALA A 182 17.23 21.02 16.15
CA ALA A 182 16.83 22.10 17.02
C ALA A 182 15.42 21.93 17.55
N GLU A 183 14.48 21.69 16.62
CA GLU A 183 13.09 21.43 16.97
C GLU A 183 12.98 20.28 17.97
N ARG A 184 13.76 19.23 17.76
CA ARG A 184 13.61 18.04 18.57
C ARG A 184 13.97 18.30 20.05
N ILE A 185 15.11 18.96 20.30
CA ILE A 185 15.47 19.23 21.68
C ILE A 185 14.48 20.14 22.35
N VAL A 186 13.86 21.08 21.61
CA VAL A 186 12.91 22.01 22.21
C VAL A 186 11.70 21.21 22.58
N ALA A 187 11.21 20.43 21.64
CA ALA A 187 10.08 19.55 21.95
C ALA A 187 10.44 18.55 23.08
N ASN A 188 11.68 18.07 23.09
CA ASN A 188 12.21 17.32 24.16
C ASN A 188 12.21 17.97 25.51
N ALA A 189 12.63 19.23 25.56
CA ALA A 189 12.69 19.94 26.82
C ALA A 189 11.28 20.23 27.31
N CYS A 190 10.29 20.16 26.44
CA CYS A 190 8.91 20.25 26.87
C CYS A 190 8.41 18.95 27.44
N VAL A 191 8.89 17.82 26.89
CA VAL A 191 8.45 16.48 27.25
C VAL A 191 8.94 16.32 28.66
N GLU A 192 10.16 16.79 28.91
CA GLU A 192 10.84 16.60 30.18
C GLU A 192 10.71 17.85 31.07
N GLY A 193 9.67 18.63 30.85
CA GLY A 193 9.56 20.02 31.45
C GLY A 193 8.12 20.47 31.66
N ILE A 194 7.36 20.37 30.57
CA ILE A 194 5.95 20.67 30.54
C ILE A 194 5.07 19.45 30.75
N LEU A 195 5.39 18.35 30.09
CA LEU A 195 4.58 17.11 30.33
C LEU A 195 4.80 16.48 31.69
N PHE A 196 3.71 16.00 32.29
CA PHE A 196 3.60 15.53 33.66
C PHE A 196 3.75 16.58 34.82
N SER A 197 4.24 17.78 34.51
CA SER A 197 4.21 18.99 35.39
C SER A 197 2.96 19.17 36.20
N GLY A 198 1.84 18.97 35.52
CA GLY A 198 0.53 18.95 36.17
C GLY A 198 0.37 17.76 37.13
N SER A 199 0.78 16.57 36.69
CA SER A 199 0.54 15.36 37.42
C SER A 199 1.40 15.31 38.65
N PHE A 200 2.55 15.93 38.51
CA PHE A 200 3.55 15.94 39.52
C PHE A 200 3.07 16.83 40.64
N CYS A 201 2.60 18.01 40.25
CA CYS A 201 2.05 18.93 41.25
C CYS A 201 0.91 18.28 42.01
N ALA A 202 0.03 17.57 41.27
CA ALA A 202 -1.11 16.91 41.99
C ALA A 202 -0.72 15.80 43.01
N ILE A 203 0.44 15.16 42.90
CA ILE A 203 0.83 14.27 43.98
C ILE A 203 1.37 15.06 45.22
N PHE A 204 1.96 16.21 44.94
CA PHE A 204 2.39 17.11 46.02
C PHE A 204 1.22 17.66 46.86
N TRP A 205 0.03 17.64 46.30
CA TRP A 205 -1.14 18.00 47.05
C TRP A 205 -1.43 16.95 48.08
N PHE A 206 -0.93 15.74 47.90
CA PHE A 206 -1.04 14.73 48.97
C PHE A 206 0.10 14.84 49.95
N LYS A 207 1.27 15.18 49.47
CA LYS A 207 2.35 15.47 50.36
C LYS A 207 2.03 16.58 51.30
N LYS A 208 1.27 17.62 50.86
CA LYS A 208 0.88 18.72 51.84
C LYS A 208 -0.18 18.28 52.88
N GLN A 209 -0.74 17.08 52.69
CA GLN A 209 -1.71 16.46 53.62
C GLN A 209 -1.07 15.38 54.48
N ASN A 210 0.24 15.24 54.35
CA ASN A 210 1.01 14.17 55.02
C ASN A 210 0.38 12.81 54.92
N LYS A 211 0.06 12.48 53.69
CA LYS A 211 -0.45 11.21 53.29
C LYS A 211 0.42 10.68 52.13
N LEU A 212 0.30 9.38 51.95
CA LEU A 212 0.86 8.63 50.80
C LEU A 212 2.37 8.59 50.71
N HIS A 213 3.00 8.35 51.84
CA HIS A 213 4.10 7.41 51.91
C HIS A 213 5.01 7.17 50.71
N GLY A 214 5.53 8.15 50.02
CA GLY A 214 6.41 7.68 48.94
C GLY A 214 5.67 7.39 47.65
N LEU A 215 4.34 7.49 47.66
CA LEU A 215 3.67 8.05 46.46
C LEU A 215 4.21 9.46 46.30
N THR A 216 4.40 10.14 47.44
CA THR A 216 4.80 11.52 47.37
C THR A 216 6.31 11.66 47.43
N PHE A 217 6.98 10.70 48.07
CA PHE A 217 8.42 10.73 48.24
C PHE A 217 9.06 10.23 46.97
N SER A 218 8.41 9.32 46.29
CA SER A 218 8.94 8.85 45.01
C SER A 218 8.72 10.04 44.08
N ASN A 219 7.48 10.46 43.98
CA ASN A 219 7.12 11.69 43.29
C ASN A 219 8.13 12.83 43.42
N GLU A 220 8.68 12.93 44.62
CA GLU A 220 9.69 13.89 44.94
C GLU A 220 10.95 13.64 44.15
N LEU A 221 11.39 12.38 44.11
CA LEU A 221 12.69 12.07 43.54
C LEU A 221 12.51 12.10 42.07
N ILE A 222 11.37 11.63 41.60
CA ILE A 222 11.12 11.60 40.18
C ILE A 222 11.04 13.01 39.60
N SER A 223 10.30 13.95 40.22
CA SER A 223 10.24 15.30 39.63
C SER A 223 11.56 16.04 39.77
N ARG A 224 12.22 15.86 40.89
CA ARG A 224 13.55 16.42 41.00
C ARG A 224 14.48 15.93 39.86
N ASP A 225 14.36 14.64 39.52
CA ASP A 225 15.11 14.01 38.48
C ASP A 225 14.71 14.62 37.16
N GLU A 226 13.43 14.56 36.86
CA GLU A 226 12.96 15.13 35.64
C GLU A 226 13.26 16.64 35.50
N GLY A 227 13.56 17.31 36.63
CA GLY A 227 13.95 18.66 36.58
C GLY A 227 15.32 18.72 36.04
N LEU A 228 16.19 17.86 36.54
CA LEU A 228 17.55 17.89 36.00
C LEU A 228 17.55 17.71 34.48
N HIS A 229 16.75 16.80 33.96
CA HIS A 229 16.81 16.52 32.52
C HIS A 229 16.44 17.78 31.70
N THR A 230 15.62 18.60 32.34
CA THR A 230 15.04 19.74 31.70
C THR A 230 16.14 20.76 31.57
N ASP A 231 16.79 21.10 32.67
CA ASP A 231 17.88 22.05 32.56
C ASP A 231 18.89 21.52 31.54
N PHE A 232 18.99 20.20 31.43
CA PHE A 232 20.00 19.67 30.55
C PHE A 232 19.73 20.01 29.09
N ASN A 233 18.54 19.74 28.61
CA ASN A 233 18.24 20.07 27.20
C ASN A 233 18.35 21.63 26.94
N CYS A 234 18.24 22.40 28.02
CA CYS A 234 18.49 23.82 27.87
C CYS A 234 19.92 24.07 27.53
N LEU A 235 20.82 23.42 28.24
CA LEU A 235 22.22 23.65 28.03
C LEU A 235 22.70 23.25 26.63
N ILE A 236 22.11 22.19 26.08
CA ILE A 236 22.44 21.69 24.75
C ILE A 236 21.89 22.66 23.74
N TYR A 237 20.74 23.27 24.05
CA TYR A 237 20.20 24.36 23.23
C TYR A 237 21.14 25.53 23.28
N SER A 238 21.72 25.74 24.45
CA SER A 238 22.57 26.86 24.75
C SER A 238 23.88 26.71 24.00
N LEU A 239 24.26 25.48 23.71
CA LEU A 239 25.51 25.20 22.98
C LEU A 239 25.25 25.12 21.48
N LEU A 240 24.01 25.41 21.13
CA LEU A 240 23.54 25.03 19.85
C LEU A 240 24.06 25.93 18.73
N GLU A 241 24.48 25.21 17.70
CA GLU A 241 25.03 25.72 16.47
C GLU A 241 24.15 26.92 16.02
N ASN A 242 22.97 26.64 15.47
CA ASN A 242 22.05 27.65 14.91
C ASN A 242 20.73 27.59 15.66
N LYS A 243 20.57 28.47 16.63
CA LYS A 243 19.41 28.49 17.46
C LYS A 243 18.16 28.79 16.67
N LEU A 244 17.01 28.43 17.21
CA LEU A 244 15.73 28.62 16.55
C LEU A 244 15.17 30.05 16.69
N PRO A 245 14.33 30.49 15.73
CA PRO A 245 13.67 31.75 15.98
C PRO A 245 12.60 31.55 17.03
N GLU A 246 12.63 32.38 18.08
CA GLU A 246 11.69 32.37 19.21
C GLU A 246 10.22 32.13 18.84
N ASN A 247 9.89 32.44 17.58
CA ASN A 247 8.54 32.27 17.09
C ASN A 247 8.20 30.79 17.06
N VAL A 248 9.15 29.97 16.59
CA VAL A 248 8.91 28.52 16.56
C VAL A 248 8.91 27.89 17.93
N VAL A 249 9.92 28.19 18.72
CA VAL A 249 9.98 27.65 20.07
C VAL A 249 8.69 27.89 20.89
N GLN A 250 8.06 29.06 20.74
CA GLN A 250 6.81 29.36 21.47
C GLN A 250 5.64 28.53 20.95
N ASN A 251 5.69 28.11 19.70
CA ASN A 251 4.62 27.25 19.17
C ASN A 251 4.73 25.85 19.74
N ILE A 252 5.94 25.32 19.70
CA ILE A 252 6.21 24.08 20.32
C ILE A 252 5.69 24.15 21.73
N VAL A 253 6.06 25.21 22.44
CA VAL A 253 5.71 25.33 23.87
C VAL A 253 4.19 25.44 24.11
N LYS A 254 3.54 26.29 23.33
CA LYS A 254 2.12 26.48 23.54
C LYS A 254 1.45 25.15 23.37
N GLU A 255 1.67 24.54 22.21
CA GLU A 255 1.13 23.20 21.98
C GLU A 255 1.43 22.16 23.08
N ALA A 256 2.66 22.13 23.62
CA ALA A 256 2.97 21.25 24.78
C ALA A 256 2.06 21.59 25.95
N VAL A 257 1.77 22.87 26.12
CA VAL A 257 0.98 23.31 27.25
C VAL A 257 -0.44 22.80 27.08
N GLU A 258 -1.00 23.08 25.90
CA GLU A 258 -2.38 22.69 25.59
C GLU A 258 -2.50 21.19 25.71
N VAL A 259 -1.39 20.48 25.43
CA VAL A 259 -1.39 19.02 25.49
C VAL A 259 -1.39 18.55 26.93
N GLU A 260 -0.43 19.04 27.72
CA GLU A 260 -0.44 18.85 29.17
C GLU A 260 -1.78 19.15 29.89
N ARG A 261 -2.42 20.30 29.59
CA ARG A 261 -3.69 20.66 30.25
C ARG A 261 -4.83 19.67 29.99
N SER A 262 -4.86 19.10 28.80
CA SER A 262 -5.84 18.04 28.53
C SER A 262 -5.65 16.74 29.38
N PHE A 263 -4.56 16.63 30.14
CA PHE A 263 -4.47 15.63 31.18
C PHE A 263 -5.11 16.06 32.49
N ILE A 264 -4.38 16.87 33.25
CA ILE A 264 -4.77 17.44 34.61
C ILE A 264 -5.97 18.34 34.75
N CYS A 265 -6.31 19.07 33.72
CA CYS A 265 -7.51 19.92 33.85
C CYS A 265 -8.71 19.33 33.20
N GLU A 266 -8.53 18.30 32.37
CA GLU A 266 -9.65 17.84 31.56
C GLU A 266 -9.85 16.33 31.58
N SER A 267 -8.86 15.55 31.08
CA SER A 267 -8.96 14.09 31.08
C SER A 267 -9.11 13.55 32.49
N LEU A 268 -8.12 13.83 33.34
CA LEU A 268 -8.15 13.42 34.74
C LEU A 268 -7.96 14.65 35.61
N PRO A 269 -9.06 15.33 35.90
CA PRO A 269 -9.11 16.61 36.63
C PRO A 269 -8.54 16.60 38.02
N CYS A 270 -7.51 17.39 38.26
CA CYS A 270 -7.02 17.53 39.62
C CYS A 270 -8.16 18.09 40.50
N ASP A 271 -9.14 18.76 39.87
CA ASP A 271 -10.22 19.43 40.60
C ASP A 271 -11.00 18.40 41.35
N LEU A 272 -10.38 17.27 41.63
CA LEU A 272 -11.05 16.29 42.48
C LEU A 272 -10.14 15.27 43.17
N ILE A 273 -9.00 15.86 43.58
CA ILE A 273 -8.22 15.43 44.70
C ILE A 273 -8.18 16.54 45.73
N GLY A 274 -8.83 17.65 45.40
CA GLY A 274 -8.92 18.84 46.28
C GLY A 274 -8.46 20.16 45.64
N MET A 275 -7.85 20.04 44.47
CA MET A 275 -7.26 21.15 43.73
C MET A 275 -8.27 21.86 42.87
N ASN A 276 -7.89 23.06 42.41
CA ASN A 276 -8.64 23.83 41.39
C ASN A 276 -8.00 23.76 39.99
N SER A 277 -8.79 23.25 39.05
CA SER A 277 -8.35 23.01 37.66
C SER A 277 -7.88 24.34 37.01
N ARG A 278 -8.53 25.43 37.35
CA ARG A 278 -8.08 26.70 36.81
C ARG A 278 -6.74 27.19 37.45
N LEU A 279 -6.57 27.03 38.75
CA LEU A 279 -5.28 27.37 39.37
C LEU A 279 -4.12 26.56 38.78
N MET A 280 -4.37 25.26 38.59
CA MET A 280 -3.43 24.29 37.98
C MET A 280 -3.12 24.73 36.55
N SER A 281 -4.18 25.08 35.83
CA SER A 281 -3.99 25.56 34.49
C SER A 281 -3.03 26.72 34.46
N GLN A 282 -3.04 27.54 35.54
CA GLN A 282 -2.09 28.67 35.72
C GLN A 282 -0.70 28.22 36.08
N TYR A 283 -0.58 27.07 36.81
CA TYR A 283 0.77 26.47 37.18
C TYR A 283 1.48 26.04 35.92
N ILE A 284 0.75 25.48 34.95
CA ILE A 284 1.37 25.05 33.69
C ILE A 284 1.97 26.23 33.00
N GLU A 285 1.14 27.24 32.79
CA GLU A 285 1.60 28.55 32.23
C GLU A 285 2.92 29.03 32.84
N PHE A 286 2.92 29.17 34.15
CA PHE A 286 4.15 29.48 34.88
C PHE A 286 5.32 28.49 34.66
N VAL A 287 5.06 27.19 34.73
CA VAL A 287 6.08 26.20 34.34
C VAL A 287 6.55 26.53 32.89
N ALA A 288 5.62 26.57 31.96
CA ALA A 288 5.95 26.94 30.60
C ALA A 288 6.87 28.19 30.49
N ASP A 289 6.48 29.28 31.16
CA ASP A 289 7.30 30.54 31.13
C ASP A 289 8.69 30.32 31.67
N ARG A 290 8.79 29.62 32.79
CA ARG A 290 10.08 29.25 33.37
C ARG A 290 10.92 28.59 32.35
N LEU A 291 10.26 27.78 31.54
CA LEU A 291 11.00 26.96 30.64
C LEU A 291 11.49 27.78 29.48
N LEU A 292 10.61 28.62 28.92
CA LEU A 292 11.08 29.61 27.94
C LEU A 292 12.31 30.44 28.37
N GLU A 293 12.37 30.87 29.63
CA GLU A 293 13.57 31.57 30.12
C GLU A 293 14.78 30.61 30.12
N CYS A 294 14.58 29.37 30.57
CA CYS A 294 15.70 28.37 30.57
C CYS A 294 16.14 28.13 29.13
N LEU A 295 15.24 28.36 28.17
CA LEU A 295 15.59 28.19 26.74
C LEU A 295 16.10 29.45 26.11
N GLY A 296 16.23 30.50 26.92
CA GLY A 296 16.73 31.78 26.41
C GLY A 296 15.71 32.45 25.51
N CYS A 297 14.44 32.44 25.93
CA CYS A 297 13.36 33.07 25.16
C CYS A 297 12.47 33.91 26.09
N SER A 298 11.77 34.88 25.52
CA SER A 298 10.89 35.69 26.33
C SER A 298 9.56 34.94 26.56
N LYS A 299 8.89 35.24 27.67
CA LYS A 299 7.68 34.54 28.12
C LYS A 299 6.53 34.73 27.15
N VAL A 300 5.35 34.18 27.47
CA VAL A 300 4.18 34.22 26.58
C VAL A 300 2.89 34.22 27.36
N PHE A 301 2.95 33.87 28.63
CA PHE A 301 1.77 33.89 29.48
C PHE A 301 2.00 34.63 30.79
N HIS A 302 3.14 35.26 30.97
CA HIS A 302 3.39 36.04 32.22
C HIS A 302 2.37 35.79 33.30
N SER A 303 2.69 34.86 34.19
CA SER A 303 1.76 34.42 35.22
C SER A 303 2.53 33.99 36.46
N LYS A 304 2.11 34.51 37.63
CA LYS A 304 2.86 34.38 38.87
C LYS A 304 2.64 32.99 39.49
N ASN A 305 3.41 32.60 40.52
CA ASN A 305 3.29 31.21 41.08
C ASN A 305 2.00 30.99 41.85
N PRO A 306 1.07 30.19 41.29
CA PRO A 306 -0.21 30.01 41.99
C PRO A 306 0.00 29.31 43.31
N PHE A 307 1.01 28.45 43.42
CA PHE A 307 1.34 27.85 44.71
C PHE A 307 2.81 27.91 45.05
N ASN A 308 3.02 28.39 46.25
CA ASN A 308 4.35 28.68 46.74
C ASN A 308 5.00 27.41 47.24
N TRP A 309 4.15 26.49 47.67
CA TRP A 309 4.56 25.10 47.89
C TRP A 309 4.98 24.44 46.58
N MET B 47 -19.54 -27.12 -8.14
CA MET B 47 -18.60 -27.17 -6.97
C MET B 47 -18.55 -25.93 -6.01
N TYR B 48 -17.73 -26.04 -4.97
CA TYR B 48 -17.66 -25.04 -3.89
C TYR B 48 -16.23 -24.99 -3.38
N PRO B 49 -15.35 -24.23 -4.08
CA PRO B 49 -13.90 -24.26 -3.85
C PRO B 49 -13.37 -23.59 -2.55
N GLU B 50 -14.18 -22.79 -1.84
CA GLU B 50 -13.77 -22.22 -0.56
C GLU B 50 -13.81 -23.34 0.45
N VAL B 51 -14.90 -24.08 0.40
CA VAL B 51 -15.10 -25.31 1.13
C VAL B 51 -14.03 -26.42 0.93
N TRP B 52 -13.57 -26.59 -0.29
CA TRP B 52 -12.55 -27.55 -0.57
C TRP B 52 -11.23 -27.24 0.12
N ASN B 53 -10.93 -25.95 0.26
CA ASN B 53 -9.63 -25.54 0.82
C ASN B 53 -9.55 -25.74 2.34
N PHE B 54 -10.71 -25.77 2.99
CA PHE B 54 -10.79 -26.25 4.37
C PHE B 54 -10.55 -27.76 4.55
N TYR B 55 -10.99 -28.56 3.60
CA TYR B 55 -10.73 -29.99 3.62
C TYR B 55 -9.26 -30.31 3.37
N LYS B 56 -8.63 -29.60 2.47
CA LYS B 56 -7.24 -29.89 2.13
C LYS B 56 -6.33 -29.40 3.19
N LYS B 57 -6.82 -28.45 3.98
CA LYS B 57 -6.06 -27.91 5.12
C LYS B 57 -6.22 -28.81 6.34
N ALA B 58 -7.41 -29.39 6.49
CA ALA B 58 -7.65 -30.35 7.53
C ALA B 58 -6.82 -31.56 7.25
N GLU B 59 -7.01 -32.11 6.06
CA GLU B 59 -6.31 -33.32 5.63
C GLU B 59 -4.81 -33.11 5.63
N ALA B 60 -4.37 -31.93 5.20
CA ALA B 60 -2.93 -31.63 5.07
C ALA B 60 -2.39 -31.36 6.44
N SER B 61 -3.28 -31.43 7.44
CA SER B 61 -2.98 -31.01 8.81
C SER B 61 -3.25 -32.18 9.73
N PHE B 62 -3.53 -33.34 9.10
CA PHE B 62 -3.85 -34.56 9.82
C PHE B 62 -2.72 -34.93 10.70
N TRP B 63 -3.08 -35.45 11.88
CA TRP B 63 -2.12 -35.97 12.88
C TRP B 63 -2.69 -37.11 13.74
N THR B 64 -1.79 -37.82 14.39
CA THR B 64 -2.12 -38.99 15.22
C THR B 64 -1.54 -39.04 16.65
N ALA B 65 -2.19 -39.83 17.51
CA ALA B 65 -1.82 -39.97 18.93
C ALA B 65 -0.35 -40.36 19.15
N GLU B 66 0.25 -40.99 18.16
CA GLU B 66 1.64 -41.38 18.27
C GLU B 66 2.62 -40.18 18.22
N GLU B 67 2.20 -39.03 17.70
CA GLU B 67 3.17 -37.96 17.55
C GLU B 67 3.35 -37.15 18.85
N ILE B 68 2.76 -37.62 19.94
CA ILE B 68 2.75 -36.87 21.20
C ILE B 68 3.79 -37.38 22.23
N ASP B 69 3.81 -38.71 22.46
CA ASP B 69 4.75 -39.40 23.39
C ASP B 69 4.91 -38.69 24.77
N LEU B 70 3.95 -38.97 25.67
CA LEU B 70 3.83 -38.22 26.95
C LEU B 70 4.94 -38.62 27.92
N SER B 71 5.98 -39.19 27.35
CA SER B 71 7.15 -39.73 28.05
C SER B 71 7.66 -38.93 29.24
N SER B 72 7.68 -37.61 29.08
CA SER B 72 8.71 -36.94 29.81
C SER B 72 8.29 -36.02 30.93
N ASP B 73 7.00 -35.90 31.14
CA ASP B 73 6.54 -34.98 32.15
C ASP B 73 5.30 -35.44 33.01
N LEU B 74 5.49 -36.48 33.82
CA LEU B 74 4.59 -36.75 34.92
C LEU B 74 5.40 -36.40 36.13
N LYS B 75 6.69 -36.12 35.92
CA LYS B 75 7.49 -35.47 36.97
C LYS B 75 6.99 -34.07 37.22
N ASP B 76 6.59 -33.38 36.16
CA ASP B 76 5.93 -32.09 36.25
C ASP B 76 4.64 -32.21 37.06
N PHE B 77 3.85 -33.23 36.73
CA PHE B 77 2.54 -33.48 37.33
C PHE B 77 2.69 -33.85 38.81
N GLU B 78 3.78 -34.48 39.14
CA GLU B 78 4.12 -34.73 40.53
C GLU B 78 4.74 -33.51 41.22
N LYS B 79 5.49 -32.70 40.48
CA LYS B 79 6.06 -31.48 41.08
C LYS B 79 4.94 -30.42 41.28
N LEU B 80 3.90 -30.48 40.43
CA LEU B 80 2.72 -29.62 40.54
C LEU B 80 2.15 -29.66 41.97
N ASN B 81 1.08 -28.93 42.23
CA ASN B 81 0.63 -28.77 43.62
C ASN B 81 -0.27 -29.89 44.14
N GLU B 84 -4.03 -27.71 41.45
CA GLU B 84 -3.51 -27.89 40.07
C GLU B 84 -3.71 -29.29 39.55
N LYS B 85 -3.36 -30.26 40.38
CA LYS B 85 -3.40 -31.69 39.99
C LYS B 85 -4.82 -32.07 39.63
N HIS B 86 -5.75 -31.87 40.54
CA HIS B 86 -7.12 -32.21 40.22
C HIS B 86 -7.92 -31.23 39.28
N PHE B 87 -7.38 -30.08 38.96
CA PHE B 87 -8.06 -29.29 37.98
C PHE B 87 -7.82 -30.08 36.74
N ILE B 88 -6.54 -30.44 36.53
CA ILE B 88 -6.16 -31.10 35.28
C ILE B 88 -6.88 -32.44 35.17
N LYS B 89 -6.80 -33.28 36.21
CA LYS B 89 -7.52 -34.55 36.31
C LYS B 89 -9.00 -34.47 35.96
N HIS B 90 -9.70 -33.39 36.33
CA HIS B 90 -11.06 -33.31 35.76
C HIS B 90 -11.21 -32.54 34.50
N VAL B 91 -10.27 -31.66 34.14
CA VAL B 91 -10.40 -31.02 32.81
C VAL B 91 -10.37 -32.11 31.73
N LEU B 92 -9.39 -33.02 31.86
CA LEU B 92 -9.25 -34.19 30.97
C LEU B 92 -10.47 -35.04 31.05
N ALA B 93 -11.08 -35.12 32.21
CA ALA B 93 -12.22 -36.01 32.36
C ALA B 93 -13.46 -35.30 31.84
N PHE B 94 -13.36 -33.98 31.79
CA PHE B 94 -14.46 -33.22 31.21
C PHE B 94 -14.43 -33.31 29.68
N PHE B 95 -13.24 -33.17 29.12
CA PHE B 95 -13.01 -33.38 27.69
C PHE B 95 -13.55 -34.72 27.14
N ALA B 96 -13.48 -35.78 27.95
CA ALA B 96 -13.96 -37.10 27.56
C ALA B 96 -15.36 -37.42 28.14
N ALA B 97 -16.39 -36.72 27.66
CA ALA B 97 -17.79 -36.90 28.08
C ALA B 97 -18.74 -36.53 26.90
N SER B 98 -18.40 -35.43 26.20
CA SER B 98 -19.14 -35.00 25.01
C SER B 98 -18.39 -35.40 23.71
N GLU B 104 -20.52 -38.13 21.58
CA GLU B 104 -21.70 -37.42 21.08
C GLU B 104 -21.71 -37.25 19.53
N ASN B 105 -22.90 -37.25 18.92
CA ASN B 105 -23.04 -37.22 17.47
C ASN B 105 -23.37 -35.82 17.09
N LEU B 106 -22.54 -35.26 16.22
CA LEU B 106 -22.82 -33.93 15.64
C LEU B 106 -22.53 -33.76 14.14
N ALA B 107 -21.27 -33.86 13.71
CA ALA B 107 -20.98 -33.77 12.27
C ALA B 107 -21.73 -34.82 11.46
N SER B 108 -21.96 -36.01 12.00
CA SER B 108 -22.70 -37.03 11.27
C SER B 108 -24.14 -36.58 11.03
N LYS B 109 -24.64 -35.72 11.90
CA LYS B 109 -25.98 -35.15 11.68
C LYS B 109 -25.99 -34.17 10.53
N PHE B 110 -24.86 -33.47 10.33
CA PHE B 110 -24.71 -32.57 9.19
C PHE B 110 -24.21 -33.29 7.93
N LEU B 111 -23.48 -34.39 8.11
CA LEU B 111 -23.11 -35.20 6.94
C LEU B 111 -24.35 -35.64 6.13
N ARG B 112 -25.46 -36.00 6.80
CA ARG B 112 -26.76 -36.35 6.13
C ARG B 112 -27.52 -35.16 5.53
N GLU B 113 -27.48 -34.02 6.25
CA GLU B 113 -28.22 -32.79 5.85
C GLU B 113 -27.52 -32.10 4.67
N VAL B 114 -26.32 -31.58 4.89
CA VAL B 114 -25.62 -30.79 3.87
C VAL B 114 -25.30 -31.59 2.60
N GLU B 115 -26.14 -31.42 1.60
CA GLU B 115 -26.00 -32.16 0.35
C GLU B 115 -24.95 -31.63 -0.67
N ILE B 116 -23.77 -31.15 -0.21
CA ILE B 116 -22.66 -30.80 -1.14
C ILE B 116 -21.36 -31.61 -0.90
N ILE B 117 -20.98 -32.37 -1.94
CA ILE B 117 -19.83 -33.31 -1.88
C ILE B 117 -18.64 -32.76 -1.04
N GLU B 118 -18.20 -31.55 -1.40
CA GLU B 118 -17.07 -30.85 -0.80
C GLU B 118 -17.26 -30.71 0.73
N ALA B 119 -18.50 -30.63 1.16
CA ALA B 119 -18.72 -30.42 2.58
C ALA B 119 -18.88 -31.75 3.33
N LYS B 120 -19.64 -32.68 2.76
CA LYS B 120 -19.63 -34.07 3.23
C LYS B 120 -18.20 -34.52 3.51
N LYS B 121 -17.34 -34.23 2.56
CA LYS B 121 -15.94 -34.55 2.59
C LYS B 121 -15.26 -33.98 3.84
N PHE B 122 -15.52 -32.71 4.15
CA PHE B 122 -14.98 -32.09 5.34
C PHE B 122 -15.55 -32.68 6.62
N TYR B 123 -16.86 -32.96 6.64
CA TYR B 123 -17.48 -33.48 7.86
C TYR B 123 -17.05 -34.91 8.14
N SER B 124 -17.08 -35.79 7.12
CA SER B 124 -16.57 -37.17 7.21
C SER B 124 -15.16 -37.26 7.77
N PHE B 125 -14.38 -36.22 7.50
CA PHE B 125 -13.01 -36.13 7.96
C PHE B 125 -12.94 -35.52 9.33
N GLN B 126 -13.93 -34.69 9.67
CA GLN B 126 -14.06 -34.10 11.03
C GLN B 126 -14.18 -35.17 12.12
N ILE B 127 -15.02 -36.18 11.88
CA ILE B 127 -15.27 -37.25 12.84
C ILE B 127 -14.05 -38.14 13.05
N ALA B 128 -13.27 -38.36 12.00
CA ALA B 128 -12.01 -39.11 12.15
C ALA B 128 -11.09 -38.35 13.09
N VAL B 129 -10.80 -37.11 12.75
CA VAL B 129 -9.90 -36.26 13.54
C VAL B 129 -10.41 -36.04 15.02
N GLU B 130 -11.73 -36.11 15.20
CA GLU B 130 -12.36 -35.86 16.47
C GLU B 130 -12.18 -37.10 17.35
N ASN B 131 -12.21 -38.25 16.68
CA ASN B 131 -11.90 -39.54 17.27
C ASN B 131 -10.44 -39.61 17.69
N ILE B 132 -9.55 -39.04 16.89
CA ILE B 132 -8.14 -38.90 17.31
C ILE B 132 -7.97 -37.94 18.51
N HIS B 133 -8.80 -36.89 18.62
CA HIS B 133 -8.72 -36.07 19.86
C HIS B 133 -9.12 -36.93 21.06
N SER B 134 -10.14 -37.75 20.86
CA SER B 134 -10.71 -38.50 21.96
C SER B 134 -9.68 -39.47 22.54
N GLU B 135 -9.01 -40.23 21.68
CA GLU B 135 -8.02 -41.21 22.11
C GLU B 135 -6.84 -40.54 22.79
N THR B 136 -6.48 -39.35 22.32
CA THR B 136 -5.37 -38.63 22.86
C THR B 136 -5.70 -38.37 24.34
N TYR B 137 -6.96 -38.02 24.62
CA TYR B 137 -7.38 -37.71 25.99
C TYR B 137 -7.46 -38.98 26.82
N SER B 138 -8.03 -40.05 26.25
CA SER B 138 -8.01 -41.32 26.94
C SER B 138 -6.59 -41.65 27.27
N LEU B 139 -5.68 -41.49 26.32
CA LEU B 139 -4.24 -41.72 26.56
C LEU B 139 -3.71 -40.86 27.70
N LEU B 140 -4.05 -39.56 27.67
CA LEU B 140 -3.66 -38.64 28.74
C LEU B 140 -4.23 -39.08 30.10
N ILE B 141 -5.53 -39.36 30.14
CA ILE B 141 -6.14 -39.80 31.41
C ILE B 141 -5.52 -41.12 31.88
N ASP B 142 -5.00 -41.91 30.93
CA ASP B 142 -4.26 -43.10 31.26
C ASP B 142 -2.89 -42.85 31.93
N ASN B 143 -2.24 -41.72 31.72
CA ASN B 143 -0.93 -41.46 32.33
C ASN B 143 -0.99 -40.54 33.55
N TYR B 144 -1.82 -39.50 33.47
CA TYR B 144 -1.99 -38.59 34.58
C TYR B 144 -2.80 -39.20 35.70
N ILE B 145 -3.65 -40.15 35.35
CA ILE B 145 -4.65 -40.72 36.23
C ILE B 145 -4.53 -42.25 36.12
N LYS B 146 -3.26 -42.66 36.15
CA LYS B 146 -2.83 -43.99 35.74
C LYS B 146 -3.68 -45.14 36.27
N ASP B 147 -3.97 -45.21 37.57
CA ASP B 147 -4.58 -46.41 38.09
C ASP B 147 -6.15 -46.41 38.08
N GLU B 148 -6.78 -47.40 37.47
CA GLU B 148 -8.18 -47.18 37.11
C GLU B 148 -9.27 -47.20 38.19
N LYS B 149 -8.84 -47.09 39.42
CA LYS B 149 -9.83 -47.04 40.44
C LYS B 149 -10.41 -45.63 40.46
N GLU B 150 -10.39 -44.99 39.29
CA GLU B 150 -10.65 -43.56 39.23
C GLU B 150 -11.29 -42.95 38.03
N ARG B 151 -10.89 -43.31 36.83
CA ARG B 151 -11.75 -42.92 35.74
C ARG B 151 -13.17 -43.11 36.26
N LEU B 152 -13.32 -44.11 37.12
CA LEU B 152 -14.61 -44.49 37.64
C LEU B 152 -15.23 -43.39 38.47
N ASN B 153 -14.44 -42.81 39.35
CA ASN B 153 -15.01 -41.87 40.27
C ASN B 153 -14.59 -40.49 39.84
N LEU B 154 -13.92 -40.48 38.69
CA LEU B 154 -13.80 -39.36 37.78
C LEU B 154 -15.16 -39.34 37.10
N PHE B 155 -15.33 -40.07 35.98
CA PHE B 155 -16.42 -39.74 35.02
C PHE B 155 -17.83 -39.70 35.61
N HIS B 156 -18.19 -40.75 36.35
CA HIS B 156 -19.26 -40.58 37.30
C HIS B 156 -18.65 -39.79 38.42
N ALA B 157 -19.25 -38.61 38.66
CA ALA B 157 -18.63 -37.43 39.32
C ALA B 157 -18.44 -36.28 38.35
N PRO B 162 -22.84 -29.43 37.41
CA PRO B 162 -23.76 -28.46 36.82
C PRO B 162 -23.36 -27.99 35.41
N ALA B 163 -22.08 -27.99 35.08
CA ALA B 163 -21.69 -27.66 33.71
C ALA B 163 -22.28 -28.62 32.69
N ILE B 164 -22.43 -29.90 33.06
CA ILE B 164 -23.19 -30.89 32.23
C ILE B 164 -24.72 -30.63 32.19
N LYS B 165 -25.28 -30.14 33.30
CA LYS B 165 -26.68 -29.74 33.32
C LYS B 165 -26.86 -28.63 32.31
N ASN B 166 -25.98 -27.64 32.38
CA ASN B 166 -25.99 -26.52 31.46
C ASN B 166 -25.73 -26.96 30.02
N LYS B 167 -24.65 -27.71 29.82
CA LYS B 167 -24.22 -28.22 28.52
C LYS B 167 -25.30 -29.04 27.80
N ALA B 168 -25.98 -29.92 28.53
CA ALA B 168 -26.99 -30.79 27.94
C ALA B 168 -28.27 -30.04 27.62
N LEU B 169 -28.78 -29.26 28.57
CA LEU B 169 -30.03 -28.55 28.33
C LEU B 169 -29.96 -27.53 27.16
N TRP B 170 -28.80 -26.90 27.01
CA TRP B 170 -28.54 -26.02 25.90
C TRP B 170 -28.47 -26.83 24.55
N ALA B 171 -27.84 -28.00 24.60
CA ALA B 171 -27.88 -28.95 23.50
C ALA B 171 -29.32 -29.39 23.19
N ALA B 172 -30.18 -29.46 24.20
CA ALA B 172 -31.58 -29.84 23.97
C ALA B 172 -32.40 -28.73 23.35
N LYS B 173 -32.08 -27.48 23.70
CA LYS B 173 -32.83 -26.32 23.19
C LYS B 173 -32.45 -25.96 21.75
N TRP B 174 -31.16 -26.01 21.42
CA TRP B 174 -30.70 -25.67 20.06
C TRP B 174 -30.35 -26.88 19.18
N ILE B 175 -29.42 -27.71 19.68
CA ILE B 175 -28.82 -28.83 18.94
C ILE B 175 -29.74 -30.05 18.81
N ASN B 176 -29.27 -31.06 18.05
CA ASN B 176 -30.01 -32.29 17.71
C ASN B 176 -31.55 -32.10 17.76
N ASP B 177 -32.02 -30.95 17.25
CA ASP B 177 -33.38 -30.42 17.42
C ASP B 177 -34.25 -30.57 16.16
N THR B 178 -35.49 -30.08 16.24
CA THR B 178 -36.49 -30.23 15.20
C THR B 178 -37.14 -28.86 14.86
N ASN B 179 -36.35 -27.91 14.36
CA ASN B 179 -36.87 -26.59 14.02
C ASN B 179 -36.24 -25.96 12.76
N SER B 180 -35.02 -25.44 12.91
CA SER B 180 -34.29 -24.78 11.80
C SER B 180 -32.87 -25.28 11.67
N PHE B 181 -32.44 -25.50 10.43
CA PHE B 181 -31.10 -25.96 10.15
C PHE B 181 -30.10 -24.80 10.33
N ALA B 182 -30.54 -23.57 10.06
CA ALA B 182 -29.81 -22.34 10.43
C ALA B 182 -29.37 -22.32 11.90
N GLU B 183 -30.33 -22.53 12.79
CA GLU B 183 -30.10 -22.62 14.22
C GLU B 183 -29.02 -23.61 14.54
N ARG B 184 -29.16 -24.82 14.01
CA ARG B 184 -28.22 -25.89 14.30
C ARG B 184 -26.77 -25.53 14.02
N ILE B 185 -26.47 -25.01 12.84
CA ILE B 185 -25.09 -24.54 12.52
C ILE B 185 -24.64 -23.41 13.45
N VAL B 186 -25.50 -22.47 13.81
CA VAL B 186 -25.06 -21.41 14.74
C VAL B 186 -24.68 -22.06 16.08
N ALA B 187 -25.59 -22.88 16.58
CA ALA B 187 -25.34 -23.62 17.79
C ALA B 187 -24.07 -24.55 17.70
N ASN B 188 -23.88 -25.23 16.54
CA ASN B 188 -22.67 -26.05 16.28
C ASN B 188 -21.38 -25.23 16.14
N ALA B 189 -21.47 -24.02 15.58
CA ALA B 189 -20.35 -23.03 15.58
C ALA B 189 -19.96 -22.58 17.01
N CYS B 190 -20.93 -22.61 17.92
CA CYS B 190 -20.68 -22.37 19.35
C CYS B 190 -20.06 -23.55 20.07
N VAL B 191 -20.55 -24.77 19.79
CA VAL B 191 -20.00 -26.06 20.27
C VAL B 191 -18.51 -26.08 19.97
N GLU B 192 -18.20 -25.75 18.72
CA GLU B 192 -16.86 -25.86 18.21
C GLU B 192 -16.15 -24.55 18.19
N GLY B 193 -16.57 -23.62 19.07
CA GLY B 193 -15.96 -22.30 19.12
C GLY B 193 -15.95 -21.74 20.53
N ILE B 194 -17.12 -21.73 21.15
CA ILE B 194 -17.25 -21.20 22.48
C ILE B 194 -16.95 -22.30 23.49
N LEU B 195 -17.56 -23.46 23.30
CA LEU B 195 -17.40 -24.52 24.28
C LEU B 195 -15.98 -25.08 24.25
N PHE B 196 -15.45 -25.36 25.43
CA PHE B 196 -14.04 -25.72 25.70
C PHE B 196 -12.98 -24.61 25.53
N SER B 197 -13.41 -23.46 24.96
CA SER B 197 -12.57 -22.30 24.77
C SER B 197 -11.88 -21.85 26.06
N GLY B 198 -12.66 -21.85 27.14
CA GLY B 198 -12.12 -21.66 28.49
C GLY B 198 -11.07 -22.66 28.92
N SER B 199 -11.40 -23.94 28.70
CA SER B 199 -10.64 -25.10 29.11
C SER B 199 -9.35 -25.30 28.31
N PHE B 200 -9.40 -24.91 27.03
CA PHE B 200 -8.19 -24.86 26.16
C PHE B 200 -7.23 -23.76 26.62
N CYS B 201 -7.80 -22.61 27.00
CA CYS B 201 -6.95 -21.51 27.50
C CYS B 201 -6.27 -21.92 28.85
N ALA B 202 -6.97 -22.64 29.70
CA ALA B 202 -6.30 -23.05 30.93
C ALA B 202 -5.08 -23.97 30.74
N ILE B 203 -5.07 -24.78 29.67
CA ILE B 203 -3.95 -25.69 29.44
C ILE B 203 -2.76 -24.88 28.87
N PHE B 204 -3.03 -23.85 28.05
CA PHE B 204 -1.93 -22.97 27.64
C PHE B 204 -1.28 -22.32 28.87
N TRP B 205 -2.04 -22.10 29.96
CA TRP B 205 -1.48 -21.52 31.15
C TRP B 205 -0.30 -22.35 31.65
N PHE B 206 -0.40 -23.68 31.52
CA PHE B 206 0.74 -24.54 31.79
C PHE B 206 1.80 -24.52 30.67
N LYS B 207 1.40 -24.24 29.42
CA LYS B 207 2.40 -24.05 28.37
C LYS B 207 3.26 -22.85 28.64
N LYS B 208 2.66 -21.81 29.22
CA LYS B 208 3.38 -20.59 29.61
C LYS B 208 4.46 -20.85 30.70
N GLN B 209 4.34 -21.98 31.42
CA GLN B 209 5.28 -22.32 32.50
C GLN B 209 6.27 -23.40 32.09
N ASN B 210 6.33 -23.71 30.81
CA ASN B 210 7.21 -24.75 30.31
C ASN B 210 6.97 -26.00 31.08
N LYS B 211 5.71 -26.36 31.19
CA LYS B 211 5.35 -27.62 31.86
C LYS B 211 4.32 -28.43 31.04
N LEU B 212 4.25 -29.72 31.38
CA LEU B 212 3.34 -30.74 30.85
C LEU B 212 3.35 -30.93 29.37
N HIS B 213 4.55 -31.18 28.85
CA HIS B 213 4.84 -32.04 27.70
C HIS B 213 3.69 -32.56 26.82
N GLY B 214 3.03 -31.73 26.02
CA GLY B 214 2.03 -32.38 25.21
C GLY B 214 0.73 -32.81 25.90
N LEU B 215 0.58 -32.48 27.19
CA LEU B 215 -0.70 -32.04 27.69
C LEU B 215 -0.96 -30.72 26.97
N THR B 216 0.10 -29.91 26.79
CA THR B 216 -0.12 -28.62 26.12
C THR B 216 0.18 -28.72 24.64
N PHE B 217 1.02 -29.68 24.24
CA PHE B 217 1.34 -29.88 22.80
C PHE B 217 0.16 -30.48 22.08
N SER B 218 -0.47 -31.47 22.68
CA SER B 218 -1.71 -31.97 22.13
C SER B 218 -2.73 -30.84 22.15
N ASN B 219 -2.94 -30.24 23.35
CA ASN B 219 -3.88 -29.14 23.56
C ASN B 219 -3.75 -28.08 22.48
N GLU B 220 -2.53 -27.95 21.93
CA GLU B 220 -2.22 -27.04 20.83
C GLU B 220 -2.76 -27.49 19.50
N LEU B 221 -2.65 -28.78 19.23
CA LEU B 221 -3.14 -29.41 17.99
C LEU B 221 -4.67 -29.50 18.00
N ILE B 222 -5.23 -29.94 19.10
CA ILE B 222 -6.68 -29.96 19.27
C ILE B 222 -7.35 -28.54 19.24
N SER B 223 -6.79 -27.50 19.88
CA SER B 223 -7.36 -26.12 19.75
C SER B 223 -7.24 -25.57 18.36
N ARG B 224 -6.09 -25.82 17.72
CA ARG B 224 -5.91 -25.36 16.37
C ARG B 224 -6.93 -26.09 15.46
N ASP B 225 -7.11 -27.38 15.73
CA ASP B 225 -7.99 -28.20 14.98
C ASP B 225 -9.42 -27.73 15.18
N GLU B 226 -9.87 -27.54 16.40
CA GLU B 226 -11.27 -27.09 16.59
C GLU B 226 -11.44 -25.65 16.11
N GLY B 227 -10.32 -24.94 15.89
CA GLY B 227 -10.40 -23.65 15.33
C GLY B 227 -10.83 -23.76 13.88
N LEU B 228 -10.30 -24.77 13.18
CA LEU B 228 -10.64 -25.00 11.77
C LEU B 228 -12.13 -25.29 11.61
N HIS B 229 -12.68 -26.11 12.47
CA HIS B 229 -14.06 -26.48 12.31
C HIS B 229 -14.95 -25.33 12.60
N THR B 230 -14.48 -24.37 13.42
CA THR B 230 -15.29 -23.18 13.75
C THR B 230 -15.38 -22.29 12.55
N ASP B 231 -14.23 -22.00 11.92
CA ASP B 231 -14.18 -21.15 10.71
C ASP B 231 -15.08 -21.78 9.67
N PHE B 232 -15.23 -23.11 9.75
CA PHE B 232 -15.89 -23.87 8.72
C PHE B 232 -17.37 -23.63 8.79
N ASN B 233 -17.97 -23.92 9.94
CA ASN B 233 -19.40 -23.66 10.09
C ASN B 233 -19.81 -22.20 9.76
N CYS B 234 -18.83 -21.31 9.86
CA CYS B 234 -19.02 -19.91 9.50
C CYS B 234 -19.29 -19.79 8.02
N LEU B 235 -18.48 -20.53 7.26
CA LEU B 235 -18.56 -20.51 5.84
C LEU B 235 -19.87 -21.09 5.35
N ILE B 236 -20.37 -22.11 6.06
CA ILE B 236 -21.65 -22.77 5.73
C ILE B 236 -22.83 -21.82 6.07
N TYR B 237 -22.65 -20.95 7.05
CA TYR B 237 -23.66 -19.92 7.30
C TYR B 237 -23.53 -18.81 6.28
N SER B 238 -22.29 -18.60 5.82
CA SER B 238 -22.00 -17.63 4.78
C SER B 238 -22.54 -18.04 3.40
N LEU B 239 -22.79 -19.34 3.19
CA LEU B 239 -23.43 -19.79 1.92
C LEU B 239 -24.89 -20.22 2.10
N LEU B 240 -25.37 -19.96 3.29
CA LEU B 240 -26.74 -20.15 3.59
C LEU B 240 -27.58 -19.17 2.83
N GLU B 241 -28.76 -19.66 2.55
CA GLU B 241 -29.70 -19.07 1.68
C GLU B 241 -30.37 -18.11 2.60
N ASN B 242 -31.10 -18.66 3.55
CA ASN B 242 -31.92 -17.82 4.41
C ASN B 242 -31.25 -17.59 5.74
N LYS B 243 -30.43 -16.56 5.86
CA LYS B 243 -29.68 -16.35 7.13
C LYS B 243 -30.58 -15.90 8.24
N LEU B 244 -30.16 -16.15 9.46
CA LEU B 244 -30.93 -15.82 10.65
C LEU B 244 -30.98 -14.30 10.99
N PRO B 245 -32.01 -13.87 11.74
CA PRO B 245 -31.95 -12.50 12.25
C PRO B 245 -30.92 -12.46 13.38
N GLU B 246 -30.02 -11.47 13.33
CA GLU B 246 -28.98 -11.20 14.36
C GLU B 246 -29.47 -11.49 15.78
N ASN B 247 -30.77 -11.20 15.97
CA ASN B 247 -31.44 -11.30 17.26
C ASN B 247 -31.29 -12.70 17.83
N VAL B 248 -31.61 -13.69 17.01
CA VAL B 248 -31.58 -15.09 17.40
C VAL B 248 -30.16 -15.63 17.54
N VAL B 249 -29.28 -15.30 16.62
CA VAL B 249 -27.89 -15.71 16.72
C VAL B 249 -27.27 -15.27 18.04
N GLN B 250 -27.52 -14.04 18.47
CA GLN B 250 -26.99 -13.55 19.74
C GLN B 250 -27.55 -14.34 20.89
N ASN B 251 -28.79 -14.83 20.78
CA ASN B 251 -29.40 -15.64 21.86
C ASN B 251 -28.60 -16.92 22.05
N ILE B 252 -28.45 -17.62 20.93
CA ILE B 252 -27.64 -18.81 20.84
C ILE B 252 -26.27 -18.54 21.48
N VAL B 253 -25.58 -17.48 21.09
CA VAL B 253 -24.22 -17.27 21.58
C VAL B 253 -24.18 -16.92 23.08
N LYS B 254 -25.09 -16.06 23.52
CA LYS B 254 -25.14 -15.69 24.92
C LYS B 254 -25.27 -16.93 25.76
N GLU B 255 -26.31 -17.72 25.49
CA GLU B 255 -26.54 -18.98 26.25
C GLU B 255 -25.35 -19.95 26.18
N ALA B 256 -24.66 -20.02 25.04
CA ALA B 256 -23.42 -20.76 24.88
C ALA B 256 -22.32 -20.26 25.80
N VAL B 257 -22.24 -18.92 25.92
CA VAL B 257 -21.24 -18.23 26.75
C VAL B 257 -21.52 -18.58 28.20
N GLU B 258 -22.79 -18.47 28.60
CA GLU B 258 -23.12 -18.71 30.00
C GLU B 258 -22.92 -20.16 30.38
N VAL B 259 -23.22 -21.07 29.43
CA VAL B 259 -22.95 -22.54 29.54
C VAL B 259 -21.47 -22.82 29.68
N GLU B 260 -20.65 -22.27 28.80
CA GLU B 260 -19.21 -22.39 28.93
C GLU B 260 -18.61 -21.83 30.24
N ARG B 261 -19.06 -20.64 30.66
CA ARG B 261 -18.61 -19.99 31.90
C ARG B 261 -18.81 -20.87 33.13
N SER B 262 -19.93 -21.59 33.17
CA SER B 262 -20.21 -22.51 34.28
C SER B 262 -19.22 -23.65 34.41
N PHE B 263 -18.31 -23.85 33.44
CA PHE B 263 -17.26 -24.83 33.64
C PHE B 263 -16.02 -24.16 34.24
N ILE B 264 -15.24 -23.44 33.44
CA ILE B 264 -13.99 -22.87 33.90
C ILE B 264 -14.06 -21.75 35.01
N CYS B 265 -15.18 -21.04 35.08
CA CYS B 265 -15.30 -19.95 36.05
C CYS B 265 -16.07 -20.38 37.27
N GLU B 266 -16.73 -21.54 37.22
CA GLU B 266 -17.62 -22.00 38.28
C GLU B 266 -17.48 -23.50 38.66
N SER B 267 -17.66 -24.41 37.72
CA SER B 267 -17.67 -25.83 38.07
C SER B 267 -16.24 -26.26 38.32
N LEU B 268 -15.38 -25.94 37.38
CA LEU B 268 -13.98 -26.35 37.43
C LEU B 268 -13.15 -25.08 37.27
N PRO B 269 -12.83 -24.43 38.39
CA PRO B 269 -12.29 -23.08 38.53
C PRO B 269 -10.92 -22.95 37.91
N CYS B 270 -10.70 -22.14 36.87
CA CYS B 270 -9.31 -21.91 36.48
C CYS B 270 -8.55 -21.09 37.55
N ASP B 271 -9.30 -20.40 38.40
CA ASP B 271 -8.70 -19.49 39.37
C ASP B 271 -7.92 -20.22 40.47
N LEU B 272 -7.12 -21.21 40.10
CA LEU B 272 -6.28 -21.91 41.06
C LEU B 272 -5.54 -23.03 40.30
N ILE B 273 -5.36 -22.85 39.00
CA ILE B 273 -4.17 -23.37 38.31
C ILE B 273 -3.22 -22.21 38.25
N GLY B 274 -3.75 -21.02 38.61
CA GLY B 274 -2.99 -19.78 38.73
C GLY B 274 -3.71 -18.61 38.06
N MET B 275 -4.78 -18.91 37.34
CA MET B 275 -5.48 -17.95 36.52
C MET B 275 -6.47 -17.21 37.38
N ASN B 276 -7.02 -16.08 36.84
CA ASN B 276 -8.18 -15.35 37.42
C ASN B 276 -9.47 -15.62 36.68
N SER B 277 -10.47 -16.10 37.38
CA SER B 277 -11.67 -16.46 36.66
C SER B 277 -12.41 -15.27 36.03
N ARG B 278 -12.17 -14.08 36.53
CA ARG B 278 -12.80 -12.89 36.02
C ARG B 278 -12.22 -12.53 34.67
N LEU B 279 -10.90 -12.60 34.57
CA LEU B 279 -10.19 -12.38 33.32
C LEU B 279 -10.58 -13.43 32.28
N MET B 280 -10.64 -14.68 32.73
CA MET B 280 -11.16 -15.78 31.93
C MET B 280 -12.56 -15.51 31.38
N SER B 281 -13.47 -15.12 32.29
CA SER B 281 -14.82 -14.73 31.92
C SER B 281 -14.80 -13.73 30.77
N GLN B 282 -13.82 -12.81 30.81
CA GLN B 282 -13.67 -11.78 29.80
C GLN B 282 -13.13 -12.35 28.48
N TYR B 283 -12.30 -13.41 28.61
CA TYR B 283 -11.78 -14.19 27.49
C TYR B 283 -12.91 -14.79 26.69
N ILE B 284 -13.86 -15.40 27.39
CA ILE B 284 -14.97 -16.05 26.68
C ILE B 284 -15.75 -14.99 25.90
N GLU B 285 -16.04 -13.88 26.55
CA GLU B 285 -16.65 -12.68 25.92
C GLU B 285 -16.00 -12.41 24.62
N PHE B 286 -14.71 -12.15 24.70
CA PHE B 286 -13.86 -11.96 23.55
C PHE B 286 -13.95 -13.03 22.44
N VAL B 287 -13.84 -14.29 22.82
CA VAL B 287 -14.02 -15.42 21.92
C VAL B 287 -15.41 -15.35 21.23
N ALA B 288 -16.44 -15.15 22.07
CA ALA B 288 -17.83 -14.96 21.61
C ALA B 288 -17.97 -13.85 20.59
N ASP B 289 -17.45 -12.67 20.90
CA ASP B 289 -17.50 -11.58 19.93
C ASP B 289 -16.80 -11.88 18.60
N ARG B 290 -15.64 -12.53 18.65
CA ARG B 290 -14.91 -12.93 17.46
C ARG B 290 -15.73 -13.93 16.65
N LEU B 291 -16.51 -14.72 17.34
CA LEU B 291 -17.33 -15.67 16.65
C LEU B 291 -18.42 -14.89 15.96
N LEU B 292 -19.11 -14.04 16.71
CA LEU B 292 -20.11 -13.19 16.08
C LEU B 292 -19.61 -12.61 14.74
N GLU B 293 -18.34 -12.20 14.68
CA GLU B 293 -17.74 -11.54 13.49
C GLU B 293 -17.63 -12.52 12.39
N CYS B 294 -17.16 -13.71 12.76
CA CYS B 294 -16.97 -14.74 11.83
C CYS B 294 -18.36 -15.09 11.25
N LEU B 295 -19.40 -14.82 12.02
CA LEU B 295 -20.80 -15.16 11.68
C LEU B 295 -21.52 -14.07 10.98
N GLY B 296 -20.81 -13.00 10.72
CA GLY B 296 -21.42 -11.93 9.97
C GLY B 296 -22.42 -11.23 10.87
N CYS B 297 -22.05 -11.07 12.15
CA CYS B 297 -22.91 -10.39 13.08
C CYS B 297 -22.13 -9.36 13.91
N SER B 298 -22.83 -8.32 14.36
CA SER B 298 -22.24 -7.32 15.28
C SER B 298 -22.04 -7.90 16.69
N LYS B 299 -21.00 -7.45 17.39
CA LYS B 299 -20.68 -7.96 18.74
C LYS B 299 -21.79 -7.70 19.78
N VAL B 300 -21.54 -8.01 21.06
CA VAL B 300 -22.56 -7.88 22.12
C VAL B 300 -21.91 -7.61 23.47
N PHE B 301 -20.60 -7.85 23.57
CA PHE B 301 -19.87 -7.69 24.84
C PHE B 301 -18.56 -6.94 24.59
N HIS B 302 -18.30 -6.51 23.37
CA HIS B 302 -17.16 -5.62 23.13
C HIS B 302 -16.19 -5.64 24.28
N SER B 303 -15.18 -6.50 24.18
CA SER B 303 -14.15 -6.61 25.18
C SER B 303 -12.87 -7.01 24.53
N LYS B 304 -11.80 -6.29 24.84
CA LYS B 304 -10.50 -6.55 24.27
C LYS B 304 -9.77 -7.86 24.76
N ASN B 305 -8.57 -8.14 24.23
CA ASN B 305 -7.81 -9.37 24.59
C ASN B 305 -7.26 -9.40 26.03
N PRO B 306 -7.83 -10.23 26.90
CA PRO B 306 -7.31 -10.23 28.25
C PRO B 306 -5.90 -10.81 28.29
N PHE B 307 -5.65 -11.75 27.38
CA PHE B 307 -4.37 -12.47 27.32
C PHE B 307 -3.92 -12.38 25.86
N ASN B 308 -2.76 -11.76 25.61
CA ASN B 308 -2.24 -11.64 24.27
C ASN B 308 -1.46 -12.92 23.90
N TRP B 309 -0.99 -13.66 24.91
CA TRP B 309 -0.47 -15.00 24.65
C TRP B 309 -1.58 -16.02 24.35
N MET C 47 -10.35 -53.44 26.57
CA MET C 47 -10.99 -53.25 25.24
C MET C 47 -11.13 -54.56 24.49
N TYR C 48 -11.47 -54.42 23.22
CA TYR C 48 -11.40 -55.44 22.21
C TYR C 48 -10.11 -55.21 21.40
N PRO C 49 -8.99 -55.84 21.85
CA PRO C 49 -7.61 -55.64 21.40
C PRO C 49 -7.29 -56.06 19.98
N GLU C 50 -8.04 -56.99 19.41
CA GLU C 50 -7.74 -57.45 18.04
C GLU C 50 -8.26 -56.34 17.07
N VAL C 51 -9.43 -55.83 17.37
CA VAL C 51 -10.04 -54.74 16.66
C VAL C 51 -9.22 -53.45 16.72
N TRP C 52 -8.61 -53.18 17.86
CA TRP C 52 -7.80 -51.99 17.95
C TRP C 52 -6.54 -52.02 17.05
N ASN C 53 -6.01 -53.19 16.78
CA ASN C 53 -4.86 -53.36 15.83
C ASN C 53 -5.20 -53.05 14.39
N PHE C 54 -6.47 -53.25 14.04
CA PHE C 54 -6.93 -53.01 12.69
C PHE C 54 -7.11 -51.52 12.44
N TYR C 55 -7.46 -50.79 13.50
CA TYR C 55 -7.53 -49.34 13.44
C TYR C 55 -6.15 -48.70 13.34
N LYS C 56 -5.22 -49.13 14.20
CA LYS C 56 -3.85 -48.58 14.21
C LYS C 56 -3.12 -48.83 12.92
N LYS C 57 -3.55 -49.88 12.20
CA LYS C 57 -2.91 -50.33 10.96
C LYS C 57 -3.58 -49.63 9.78
N ALA C 58 -4.87 -49.31 9.93
CA ALA C 58 -5.57 -48.38 9.02
C ALA C 58 -4.91 -47.00 9.10
N GLU C 59 -4.87 -46.51 10.33
CA GLU C 59 -4.41 -45.15 10.62
C GLU C 59 -2.93 -45.01 10.24
N ALA C 60 -2.15 -46.04 10.57
CA ALA C 60 -0.72 -45.98 10.36
C ALA C 60 -0.48 -46.24 8.92
N SER C 61 -1.56 -46.43 8.15
CA SER C 61 -1.45 -46.75 6.72
C SER C 61 -2.25 -45.73 5.97
N PHE C 62 -2.55 -44.63 6.65
CA PHE C 62 -3.26 -43.47 6.11
C PHE C 62 -2.53 -42.94 4.92
N TRP C 63 -3.27 -42.41 3.96
CA TRP C 63 -2.66 -41.82 2.77
C TRP C 63 -3.64 -40.88 2.03
N THR C 64 -3.10 -40.02 1.17
CA THR C 64 -3.92 -38.98 0.57
C THR C 64 -3.68 -38.83 -0.95
N ALA C 65 -4.60 -38.17 -1.65
CA ALA C 65 -4.53 -38.08 -3.13
C ALA C 65 -3.30 -37.35 -3.62
N GLU C 66 -2.68 -36.59 -2.74
CA GLU C 66 -1.48 -35.83 -3.11
C GLU C 66 -0.22 -36.76 -3.31
N GLU C 67 -0.27 -37.96 -2.74
CA GLU C 67 0.80 -38.92 -2.88
C GLU C 67 0.92 -39.57 -4.27
N ILE C 68 0.03 -39.24 -5.20
CA ILE C 68 -0.12 -40.03 -6.43
C ILE C 68 0.50 -39.34 -7.65
N ASP C 69 0.19 -38.07 -7.85
CA ASP C 69 0.69 -37.22 -8.97
C ASP C 69 0.73 -37.92 -10.38
N LEU C 70 -0.42 -37.88 -11.06
CA LEU C 70 -0.68 -38.66 -12.27
C LEU C 70 0.14 -38.17 -13.44
N SER C 71 1.18 -37.44 -13.07
CA SER C 71 1.91 -36.55 -13.98
C SER C 71 2.36 -37.23 -15.27
N SER C 72 2.65 -38.51 -15.17
CA SER C 72 3.68 -39.05 -16.03
C SER C 72 3.15 -39.91 -17.18
N ASP C 73 1.91 -40.40 -17.10
CA ASP C 73 1.44 -41.36 -18.11
C ASP C 73 0.00 -41.18 -18.62
N LEU C 74 -0.21 -40.13 -19.41
CA LEU C 74 -1.40 -39.98 -20.22
C LEU C 74 -0.86 -40.32 -21.60
N LYS C 75 0.47 -40.27 -21.68
CA LYS C 75 1.22 -40.74 -22.85
C LYS C 75 0.92 -42.23 -23.03
N ASP C 76 0.86 -42.94 -21.92
CA ASP C 76 0.60 -44.36 -21.93
C ASP C 76 -0.81 -44.63 -22.39
N PHE C 77 -1.71 -43.77 -21.92
CA PHE C 77 -3.12 -43.86 -22.21
C PHE C 77 -3.39 -43.50 -23.70
N GLU C 78 -2.57 -42.60 -24.26
CA GLU C 78 -2.63 -42.25 -25.68
C GLU C 78 -1.93 -43.31 -26.53
N LYS C 79 -0.92 -43.96 -25.97
CA LYS C 79 -0.28 -45.05 -26.71
C LYS C 79 -1.09 -46.38 -26.60
N LEU C 80 -1.97 -46.48 -25.61
CA LEU C 80 -2.87 -47.61 -25.41
C LEU C 80 -3.70 -47.87 -26.68
N ASN C 81 -4.45 -48.96 -26.71
CA ASN C 81 -5.33 -49.20 -27.83
C ASN C 81 -6.78 -48.82 -27.49
N VAL C 82 -7.57 -48.57 -28.56
CA VAL C 82 -9.02 -48.20 -28.52
C VAL C 82 -9.93 -48.88 -27.43
N ASN C 83 -9.86 -50.22 -27.33
CA ASN C 83 -10.79 -51.04 -26.54
C ASN C 83 -10.38 -51.13 -25.12
N GLU C 84 -9.08 -51.34 -24.95
CA GLU C 84 -8.40 -51.03 -23.69
C GLU C 84 -8.17 -49.47 -23.50
N LYS C 85 -9.05 -48.62 -24.05
CA LYS C 85 -8.99 -47.13 -23.86
C LYS C 85 -10.27 -46.73 -23.14
N HIS C 86 -11.34 -47.47 -23.45
CA HIS C 86 -12.66 -47.20 -22.92
C HIS C 86 -13.06 -48.20 -21.83
N PHE C 87 -12.21 -49.19 -21.61
CA PHE C 87 -12.42 -50.10 -20.54
C PHE C 87 -12.05 -49.29 -19.35
N ILE C 88 -10.86 -48.72 -19.38
CA ILE C 88 -10.47 -47.82 -18.28
C ILE C 88 -11.46 -46.69 -18.04
N LYS C 89 -11.85 -45.98 -19.09
CA LYS C 89 -12.85 -44.86 -18.97
C LYS C 89 -14.12 -45.31 -18.22
N HIS C 90 -14.50 -46.56 -18.47
CA HIS C 90 -15.69 -47.15 -17.87
C HIS C 90 -15.46 -47.71 -16.50
N VAL C 91 -14.32 -48.37 -16.30
CA VAL C 91 -14.05 -48.89 -14.97
C VAL C 91 -13.95 -47.74 -13.91
N LEU C 92 -13.28 -46.63 -14.27
CA LEU C 92 -13.15 -45.47 -13.36
C LEU C 92 -14.49 -44.81 -13.10
N ALA C 93 -15.33 -44.81 -14.12
CA ALA C 93 -16.69 -44.29 -14.01
C ALA C 93 -17.57 -45.30 -13.28
N PHE C 94 -17.17 -46.58 -13.26
CA PHE C 94 -17.88 -47.61 -12.46
C PHE C 94 -17.56 -47.52 -10.97
N PHE C 95 -16.29 -47.33 -10.66
CA PHE C 95 -15.85 -47.11 -9.30
C PHE C 95 -16.51 -45.88 -8.64
N ALA C 96 -16.80 -44.82 -9.40
CA ALA C 96 -17.52 -43.62 -8.86
C ALA C 96 -19.03 -43.63 -9.13
N ALA C 97 -19.71 -44.59 -8.50
CA ALA C 97 -21.16 -44.74 -8.52
C ALA C 97 -21.65 -45.19 -7.15
N SER C 98 -21.01 -46.28 -6.66
CA SER C 98 -21.25 -46.75 -5.30
C SER C 98 -20.38 -46.07 -4.24
N GLU C 104 -22.59 -43.98 -1.58
CA GLU C 104 -23.35 -45.01 -0.88
C GLU C 104 -23.05 -44.95 0.62
N ASN C 105 -24.07 -45.15 1.46
CA ASN C 105 -23.88 -45.24 2.92
C ASN C 105 -23.72 -46.67 3.35
N LEU C 106 -22.63 -46.97 4.05
CA LEU C 106 -22.43 -48.34 4.57
C LEU C 106 -21.85 -48.38 5.98
N ALA C 107 -20.61 -47.93 6.12
CA ALA C 107 -19.95 -47.97 7.40
C ALA C 107 -20.70 -47.15 8.45
N SER C 108 -21.34 -46.05 8.00
CA SER C 108 -22.11 -45.20 8.92
C SER C 108 -23.34 -45.92 9.46
N LYS C 109 -23.78 -46.95 8.74
CA LYS C 109 -24.86 -47.84 9.16
C LYS C 109 -24.41 -48.71 10.32
N PHE C 110 -23.16 -49.16 10.24
CA PHE C 110 -22.53 -49.94 11.30
C PHE C 110 -21.96 -49.10 12.40
N LEU C 111 -21.59 -47.86 12.12
CA LEU C 111 -21.16 -46.93 13.17
C LEU C 111 -22.22 -46.82 14.24
N ARG C 112 -23.48 -46.78 13.85
CA ARG C 112 -24.58 -46.61 14.82
C ARG C 112 -24.98 -47.93 15.50
N GLU C 113 -24.88 -49.04 14.77
CA GLU C 113 -25.20 -50.37 15.33
C GLU C 113 -24.13 -50.93 16.28
N VAL C 114 -22.92 -51.17 15.80
CA VAL C 114 -21.89 -51.80 16.60
C VAL C 114 -21.47 -50.95 17.79
N GLU C 115 -21.93 -51.32 18.97
CA GLU C 115 -21.75 -50.51 20.17
C GLU C 115 -20.39 -50.66 20.89
N ILE C 116 -19.31 -50.81 20.12
CA ILE C 116 -17.97 -50.98 20.71
C ILE C 116 -17.00 -49.89 20.28
N ILE C 117 -16.54 -49.06 21.23
CA ILE C 117 -15.69 -47.89 20.96
C ILE C 117 -14.63 -48.16 19.91
N GLU C 118 -13.87 -49.24 20.13
CA GLU C 118 -12.74 -49.65 19.27
C GLU C 118 -13.17 -49.83 17.82
N ALA C 119 -14.42 -50.27 17.64
CA ALA C 119 -14.96 -50.62 16.35
C ALA C 119 -15.51 -49.39 15.65
N LYS C 120 -16.28 -48.62 16.40
CA LYS C 120 -16.71 -47.29 15.96
C LYS C 120 -15.51 -46.52 15.38
N LYS C 121 -14.44 -46.55 16.16
CA LYS C 121 -13.17 -45.98 15.79
C LYS C 121 -12.74 -46.42 14.39
N PHE C 122 -12.84 -47.73 14.11
CA PHE C 122 -12.40 -48.30 12.83
C PHE C 122 -13.30 -47.86 11.68
N TYR C 123 -14.59 -47.88 11.96
CA TYR C 123 -15.59 -47.53 11.01
C TYR C 123 -15.60 -46.02 10.65
N SER C 124 -15.56 -45.12 11.66
CA SER C 124 -15.50 -43.70 11.37
C SER C 124 -14.25 -43.35 10.57
N PHE C 125 -13.22 -44.20 10.65
CA PHE C 125 -12.00 -43.98 9.93
C PHE C 125 -12.07 -44.56 8.57
N GLN C 126 -12.91 -45.57 8.37
CA GLN C 126 -13.17 -46.16 7.06
C GLN C 126 -13.72 -45.13 6.10
N ILE C 127 -14.73 -44.42 6.55
CA ILE C 127 -15.45 -43.39 5.78
C ILE C 127 -14.53 -42.25 5.25
N ALA C 128 -13.72 -41.70 6.17
CA ALA C 128 -12.53 -40.92 5.87
C ALA C 128 -11.72 -41.46 4.70
N VAL C 129 -11.09 -42.62 4.89
CA VAL C 129 -10.27 -43.28 3.82
C VAL C 129 -11.04 -43.58 2.53
N GLU C 130 -12.34 -43.82 2.63
CA GLU C 130 -13.13 -44.18 1.50
C GLU C 130 -13.47 -43.00 0.65
N ASN C 131 -13.52 -41.85 1.31
CA ASN C 131 -13.68 -40.58 0.65
C ASN C 131 -12.42 -40.19 -0.06
N ILE C 132 -11.27 -40.46 0.56
CA ILE C 132 -9.98 -40.29 -0.13
C ILE C 132 -9.85 -41.19 -1.36
N HIS C 133 -10.46 -42.38 -1.32
CA HIS C 133 -10.54 -43.31 -2.45
C HIS C 133 -11.34 -42.65 -3.58
N SER C 134 -12.46 -42.04 -3.17
CA SER C 134 -13.38 -41.40 -4.06
C SER C 134 -12.72 -40.29 -4.84
N GLU C 135 -12.03 -39.41 -4.12
CA GLU C 135 -11.42 -38.18 -4.67
C GLU C 135 -10.34 -38.59 -5.69
N THR C 136 -9.72 -39.76 -5.44
CA THR C 136 -8.59 -40.22 -6.20
C THR C 136 -9.15 -40.61 -7.58
N TYR C 137 -10.36 -41.15 -7.54
CA TYR C 137 -11.02 -41.56 -8.72
C TYR C 137 -11.49 -40.36 -9.54
N SER C 138 -12.14 -39.41 -8.86
CA SER C 138 -12.55 -38.16 -9.49
C SER C 138 -11.35 -37.46 -10.15
N LEU C 139 -10.21 -37.44 -9.43
CA LEU C 139 -8.98 -36.95 -10.02
C LEU C 139 -8.53 -37.78 -11.26
N LEU C 140 -8.70 -39.09 -11.23
CA LEU C 140 -8.30 -39.94 -12.31
C LEU C 140 -9.21 -39.68 -13.54
N ILE C 141 -10.51 -39.68 -13.27
CA ILE C 141 -11.50 -39.41 -14.29
C ILE C 141 -11.28 -37.99 -14.84
N ASP C 142 -10.66 -37.10 -14.02
CA ASP C 142 -10.26 -35.74 -14.44
C ASP C 142 -9.15 -35.70 -15.45
N ASN C 143 -8.26 -36.69 -15.40
CA ASN C 143 -7.12 -36.72 -16.30
C ASN C 143 -7.26 -37.62 -17.52
N TYR C 144 -7.81 -38.80 -17.32
CA TYR C 144 -7.96 -39.76 -18.45
C TYR C 144 -9.11 -39.34 -19.35
N ILE C 145 -10.07 -38.66 -18.72
CA ILE C 145 -11.34 -38.24 -19.33
C ILE C 145 -11.48 -36.72 -19.23
N LYS C 146 -10.34 -36.07 -19.41
CA LYS C 146 -10.16 -34.65 -19.45
C LYS C 146 -11.43 -33.74 -19.60
N ASP C 147 -12.01 -33.75 -20.81
CA ASP C 147 -13.08 -32.83 -21.18
C ASP C 147 -14.47 -33.22 -20.58
N GLU C 148 -15.10 -32.30 -19.83
CA GLU C 148 -16.47 -32.48 -19.29
C GLU C 148 -17.52 -33.06 -20.20
N LYS C 149 -17.26 -32.97 -21.51
CA LYS C 149 -18.19 -33.37 -22.55
C LYS C 149 -18.50 -34.81 -22.28
N GLU C 150 -17.43 -35.57 -22.01
CA GLU C 150 -17.50 -36.98 -21.61
C GLU C 150 -17.71 -37.22 -20.10
N ARG C 151 -16.83 -36.71 -19.20
CA ARG C 151 -17.07 -36.84 -17.77
C ARG C 151 -18.57 -37.04 -17.59
N LEU C 152 -19.35 -36.14 -18.15
CA LEU C 152 -20.82 -36.19 -18.18
C LEU C 152 -21.47 -37.34 -18.99
N ASN C 153 -21.32 -37.35 -20.30
CA ASN C 153 -22.09 -38.30 -21.07
C ASN C 153 -21.97 -39.74 -20.51
N LEU C 154 -21.00 -39.96 -19.60
CA LEU C 154 -20.54 -41.30 -19.29
C LEU C 154 -21.02 -41.97 -17.99
N PHE C 155 -21.27 -41.17 -16.95
CA PHE C 155 -21.60 -41.70 -15.63
C PHE C 155 -23.07 -41.97 -15.67
N HIS C 156 -23.74 -41.12 -16.44
CA HIS C 156 -25.17 -41.24 -16.62
C HIS C 156 -25.38 -42.11 -17.84
N ALA C 157 -24.29 -42.72 -18.30
CA ALA C 157 -24.28 -43.68 -19.40
C ALA C 157 -23.89 -45.03 -18.84
N ILE C 158 -23.50 -45.03 -17.56
CA ILE C 158 -23.19 -46.25 -16.85
C ILE C 158 -24.16 -46.51 -15.69
N GLU C 159 -24.96 -45.53 -15.30
CA GLU C 159 -25.96 -45.79 -14.29
C GLU C 159 -26.91 -46.87 -14.80
N ASN C 160 -27.25 -46.78 -16.10
CA ASN C 160 -28.21 -47.69 -16.72
C ASN C 160 -27.56 -49.00 -17.20
N ILE C 161 -26.66 -49.56 -16.37
CA ILE C 161 -25.95 -50.76 -16.82
C ILE C 161 -26.33 -52.05 -16.03
N PRO C 162 -26.61 -53.18 -16.74
CA PRO C 162 -26.95 -54.43 -16.03
C PRO C 162 -26.18 -54.72 -14.73
N ALA C 163 -24.89 -54.40 -14.73
CA ALA C 163 -24.04 -54.49 -13.56
C ALA C 163 -24.66 -53.82 -12.34
N ILE C 164 -25.22 -52.61 -12.56
CA ILE C 164 -25.90 -51.84 -11.50
C ILE C 164 -27.31 -52.42 -11.20
N LYS C 165 -27.97 -53.01 -12.21
CA LYS C 165 -29.20 -53.76 -11.95
C LYS C 165 -28.89 -54.85 -10.87
N ASN C 166 -27.85 -55.63 -11.12
CA ASN C 166 -27.47 -56.69 -10.21
C ASN C 166 -26.98 -56.15 -8.88
N LYS C 167 -26.09 -55.16 -8.94
CA LYS C 167 -25.48 -54.55 -7.79
C LYS C 167 -26.52 -54.01 -6.78
N ALA C 168 -27.51 -53.29 -7.31
CA ALA C 168 -28.53 -52.63 -6.47
C ALA C 168 -29.56 -53.62 -5.95
N LEU C 169 -30.09 -54.50 -6.82
CA LEU C 169 -31.04 -55.54 -6.38
C LEU C 169 -30.50 -56.40 -5.23
N TRP C 170 -29.22 -56.76 -5.31
CA TRP C 170 -28.56 -57.55 -4.31
C TRP C 170 -28.40 -56.74 -3.05
N ALA C 171 -28.11 -55.45 -3.24
CA ALA C 171 -28.08 -54.44 -2.16
C ALA C 171 -29.43 -54.32 -1.44
N ALA C 172 -30.52 -54.47 -2.20
CA ALA C 172 -31.86 -54.36 -1.62
C ALA C 172 -32.25 -55.63 -0.88
N LYS C 173 -31.68 -56.76 -1.33
CA LYS C 173 -32.06 -58.07 -0.78
C LYS C 173 -31.37 -58.36 0.55
N TRP C 174 -30.10 -57.97 0.65
CA TRP C 174 -29.27 -58.25 1.82
C TRP C 174 -28.93 -57.03 2.67
N ILE C 175 -28.33 -55.98 2.08
CA ILE C 175 -27.94 -54.81 2.88
C ILE C 175 -29.04 -53.73 2.87
N ASN C 176 -28.79 -52.53 3.37
CA ASN C 176 -29.90 -51.59 3.48
C ASN C 176 -31.16 -52.38 3.73
N ASP C 177 -31.16 -53.17 4.82
CA ASP C 177 -32.25 -54.14 5.05
C ASP C 177 -32.78 -54.14 6.49
N THR C 178 -33.89 -54.86 6.69
CA THR C 178 -34.54 -54.97 8.00
C THR C 178 -34.87 -56.42 8.38
N ASN C 179 -33.81 -57.23 8.58
CA ASN C 179 -33.97 -58.52 9.29
C ASN C 179 -32.88 -59.00 10.25
N SER C 180 -31.65 -59.15 9.77
CA SER C 180 -30.57 -59.72 10.58
C SER C 180 -29.29 -58.91 10.47
N PHE C 181 -28.72 -58.52 11.62
CA PHE C 181 -27.42 -57.81 11.72
C PHE C 181 -26.33 -58.71 11.12
N ALA C 182 -26.39 -59.98 11.47
CA ALA C 182 -25.45 -60.97 10.99
C ALA C 182 -25.45 -61.08 9.44
N GLU C 183 -26.63 -61.15 8.79
CA GLU C 183 -26.78 -61.04 7.29
C GLU C 183 -25.99 -59.85 6.76
N ARG C 184 -26.23 -58.67 7.32
CA ARG C 184 -25.63 -57.42 6.84
C ARG C 184 -24.11 -57.46 6.78
N ILE C 185 -23.47 -57.97 7.85
CA ILE C 185 -21.98 -58.04 7.89
C ILE C 185 -21.47 -58.99 6.82
N VAL C 186 -22.12 -60.15 6.67
CA VAL C 186 -21.75 -61.11 5.62
C VAL C 186 -21.81 -60.41 4.25
N ALA C 187 -22.96 -59.81 3.97
CA ALA C 187 -23.14 -59.08 2.75
C ALA C 187 -22.15 -57.90 2.62
N ASN C 188 -21.84 -57.24 3.75
CA ASN C 188 -20.89 -56.14 3.72
C ASN C 188 -19.46 -56.58 3.56
N ALA C 189 -19.17 -57.81 3.98
CA ALA C 189 -17.85 -58.43 3.78
C ALA C 189 -17.70 -58.85 2.30
N CYS C 190 -18.83 -58.99 1.62
CA CYS C 190 -18.86 -59.23 0.17
C CYS C 190 -18.64 -57.91 -0.58
N VAL C 191 -19.27 -56.84 -0.09
CA VAL C 191 -19.16 -55.51 -0.71
C VAL C 191 -17.71 -55.15 -0.75
N GLU C 192 -17.06 -55.41 0.36
CA GLU C 192 -15.71 -54.95 0.57
C GLU C 192 -14.70 -56.10 0.41
N GLY C 193 -15.06 -57.06 -0.44
CA GLY C 193 -14.17 -58.21 -0.68
C GLY C 193 -14.36 -58.86 -2.05
N ILE C 194 -15.61 -59.15 -2.37
CA ILE C 194 -15.94 -59.76 -3.61
C ILE C 194 -16.19 -58.62 -4.62
N LEU C 195 -17.02 -57.66 -4.26
CA LEU C 195 -17.29 -56.55 -5.19
C LEU C 195 -16.06 -55.67 -5.50
N PHE C 196 -15.83 -55.38 -6.78
CA PHE C 196 -14.64 -54.66 -7.25
C PHE C 196 -13.40 -55.56 -7.46
N SER C 197 -13.40 -56.77 -6.91
CA SER C 197 -12.18 -57.59 -6.92
C SER C 197 -11.80 -57.96 -8.31
N GLY C 198 -12.80 -58.04 -9.17
CA GLY C 198 -12.58 -58.24 -10.61
C GLY C 198 -11.91 -57.06 -11.27
N SER C 199 -12.48 -55.89 -10.96
CA SER C 199 -12.05 -54.63 -11.53
C SER C 199 -10.67 -54.21 -11.06
N PHE C 200 -10.36 -54.52 -9.79
CA PHE C 200 -9.02 -54.29 -9.20
C PHE C 200 -8.00 -55.10 -9.91
N CYS C 201 -8.30 -56.37 -10.11
CA CYS C 201 -7.39 -57.27 -10.79
C CYS C 201 -7.06 -56.76 -12.21
N ALA C 202 -8.09 -56.30 -12.91
CA ALA C 202 -7.93 -55.71 -14.25
C ALA C 202 -6.93 -54.56 -14.30
N ILE C 203 -6.88 -53.71 -13.26
CA ILE C 203 -5.90 -52.61 -13.30
C ILE C 203 -4.50 -53.12 -13.02
N PHE C 204 -4.38 -54.24 -12.30
CA PHE C 204 -3.07 -54.82 -12.10
C PHE C 204 -2.52 -55.44 -13.40
N TRP C 205 -3.44 -55.79 -14.30
CA TRP C 205 -3.06 -56.23 -15.65
C TRP C 205 -2.24 -55.15 -16.39
N PHE C 206 -2.48 -53.89 -16.01
CA PHE C 206 -1.73 -52.77 -16.55
C PHE C 206 -0.47 -52.51 -15.75
N LYS C 207 -0.50 -52.78 -14.45
CA LYS C 207 0.71 -52.80 -13.64
C LYS C 207 1.77 -53.81 -14.13
N LYS C 208 1.34 -54.98 -14.62
CA LYS C 208 2.27 -56.02 -15.17
C LYS C 208 2.91 -55.57 -16.49
N GLN C 209 2.31 -54.52 -17.09
CA GLN C 209 2.76 -53.98 -18.39
C GLN C 209 3.61 -52.70 -18.20
N ASN C 210 4.02 -52.39 -16.96
CA ASN C 210 4.79 -51.19 -16.67
C ASN C 210 4.11 -49.98 -17.24
N LYS C 211 2.81 -49.89 -17.13
CA LYS C 211 2.08 -48.79 -17.74
C LYS C 211 1.10 -48.18 -16.68
N LEU C 212 0.66 -46.95 -16.92
CA LEU C 212 -0.35 -46.25 -16.12
C LEU C 212 0.00 -46.02 -14.66
N HIS C 213 1.21 -45.52 -14.42
CA HIS C 213 1.49 -44.47 -13.39
C HIS C 213 0.47 -44.19 -12.29
N GLY C 214 0.16 -45.14 -11.42
CA GLY C 214 -0.73 -44.71 -10.34
C GLY C 214 -2.19 -44.54 -10.70
N LEU C 215 -2.56 -44.96 -11.91
CA LEU C 215 -3.81 -45.70 -12.06
C LEU C 215 -3.61 -47.01 -11.33
N THR C 216 -2.41 -47.58 -11.44
CA THR C 216 -2.14 -48.90 -10.91
C THR C 216 -1.59 -48.74 -9.52
N PHE C 217 -0.92 -47.60 -9.28
CA PHE C 217 -0.32 -47.34 -7.94
C PHE C 217 -1.39 -46.98 -6.92
N SER C 218 -2.39 -46.22 -7.35
CA SER C 218 -3.50 -45.93 -6.43
C SER C 218 -4.34 -47.18 -6.29
N ASN C 219 -4.63 -47.80 -7.43
CA ASN C 219 -5.28 -49.11 -7.47
C ASN C 219 -4.64 -50.07 -6.53
N GLU C 220 -3.34 -49.97 -6.32
CA GLU C 220 -2.62 -50.79 -5.35
C GLU C 220 -2.94 -50.43 -3.88
N LEU C 221 -3.05 -49.12 -3.60
CA LEU C 221 -3.34 -48.66 -2.27
C LEU C 221 -4.80 -48.84 -1.94
N ILE C 222 -5.65 -48.63 -2.94
CA ILE C 222 -7.06 -48.86 -2.68
C ILE C 222 -7.36 -50.35 -2.46
N SER C 223 -6.78 -51.24 -3.26
CA SER C 223 -7.05 -52.69 -3.07
C SER C 223 -6.58 -53.15 -1.73
N ARG C 224 -5.39 -52.74 -1.36
CA ARG C 224 -4.80 -53.04 -0.09
C ARG C 224 -5.73 -52.54 1.00
N ASP C 225 -6.21 -51.31 0.86
CA ASP C 225 -7.08 -50.72 1.85
C ASP C 225 -8.38 -51.46 1.97
N GLU C 226 -9.09 -51.64 0.87
CA GLU C 226 -10.31 -52.43 1.01
C GLU C 226 -10.04 -53.89 1.39
N GLY C 227 -8.77 -54.31 1.37
CA GLY C 227 -8.38 -55.62 1.82
C GLY C 227 -8.44 -55.64 3.32
N LEU C 228 -8.04 -54.51 3.89
CA LEU C 228 -8.10 -54.36 5.34
C LEU C 228 -9.56 -54.41 5.84
N HIS C 229 -10.45 -53.72 5.14
CA HIS C 229 -11.83 -53.68 5.66
C HIS C 229 -12.54 -55.03 5.47
N THR C 230 -11.97 -55.85 4.60
CA THR C 230 -12.44 -57.23 4.33
C THR C 230 -12.15 -58.08 5.57
N ASP C 231 -10.90 -58.05 6.01
CA ASP C 231 -10.53 -58.84 7.18
C ASP C 231 -11.21 -58.28 8.43
N PHE C 232 -11.51 -57.00 8.42
CA PHE C 232 -12.17 -56.44 9.58
C PHE C 232 -13.56 -57.09 9.80
N ASN C 233 -14.47 -56.97 8.85
CA ASN C 233 -15.79 -57.56 8.98
C ASN C 233 -15.74 -59.02 9.38
N CYS C 234 -14.62 -59.65 9.11
CA CYS C 234 -14.48 -61.06 9.43
C CYS C 234 -14.37 -61.16 10.90
N LEU C 235 -13.56 -60.27 11.48
CA LEU C 235 -13.30 -60.22 12.91
C LEU C 235 -14.57 -59.98 13.70
N ILE C 236 -15.51 -59.25 13.12
CA ILE C 236 -16.73 -58.92 13.87
C ILE C 236 -17.69 -60.06 13.72
N TYR C 237 -17.67 -60.70 12.57
CA TYR C 237 -18.37 -61.97 12.48
C TYR C 237 -17.76 -62.98 13.51
N SER C 238 -16.44 -62.94 13.64
CA SER C 238 -15.69 -63.70 14.63
C SER C 238 -16.13 -63.48 16.07
N LEU C 239 -16.64 -62.29 16.36
CA LEU C 239 -17.01 -61.93 17.69
C LEU C 239 -18.50 -62.13 17.85
N ASN C 242 -24.29 -64.82 17.88
CA ASN C 242 -25.06 -65.86 17.22
C ASN C 242 -24.74 -65.90 15.73
N LYS C 243 -23.76 -66.75 15.38
CA LYS C 243 -23.31 -66.88 14.01
C LYS C 243 -24.36 -67.52 13.10
N LEU C 244 -24.30 -67.18 11.81
CA LEU C 244 -25.24 -67.68 10.81
C LEU C 244 -24.99 -69.14 10.45
N PRO C 245 -26.03 -69.86 9.97
CA PRO C 245 -25.81 -71.17 9.36
C PRO C 245 -25.07 -71.00 8.04
N GLU C 246 -23.98 -71.73 7.83
CA GLU C 246 -23.18 -71.57 6.61
C GLU C 246 -23.99 -71.72 5.32
N ASN C 247 -25.19 -72.25 5.45
CA ASN C 247 -26.11 -72.36 4.33
C ASN C 247 -26.45 -70.98 3.78
N VAL C 248 -26.78 -70.06 4.69
CA VAL C 248 -27.16 -68.68 4.35
C VAL C 248 -25.95 -67.83 3.90
N VAL C 249 -24.87 -67.91 4.66
CA VAL C 249 -23.59 -67.34 4.25
C VAL C 249 -23.26 -67.63 2.79
N GLN C 250 -23.33 -68.90 2.44
CA GLN C 250 -23.10 -69.45 1.13
C GLN C 250 -23.92 -68.73 0.06
N ASN C 251 -25.18 -68.51 0.38
CA ASN C 251 -26.08 -67.90 -0.57
C ASN C 251 -25.80 -66.43 -0.82
N ILE C 252 -25.52 -65.70 0.26
CA ILE C 252 -25.10 -64.33 0.13
C ILE C 252 -23.84 -64.26 -0.76
N VAL C 253 -22.85 -65.12 -0.49
CA VAL C 253 -21.61 -65.14 -1.27
C VAL C 253 -21.82 -65.48 -2.77
N LYS C 254 -22.56 -66.55 -3.03
CA LYS C 254 -22.90 -66.93 -4.40
C LYS C 254 -23.42 -65.71 -5.14
N GLU C 255 -24.50 -65.13 -4.60
CA GLU C 255 -25.17 -63.98 -5.22
C GLU C 255 -24.22 -62.82 -5.43
N ALA C 256 -23.32 -62.63 -4.48
CA ALA C 256 -22.27 -61.64 -4.56
C ALA C 256 -21.38 -61.88 -5.78
N VAL C 257 -21.08 -63.14 -6.02
CA VAL C 257 -20.09 -63.47 -7.03
C VAL C 257 -20.69 -63.41 -8.41
N GLU C 258 -21.95 -63.80 -8.53
CA GLU C 258 -22.65 -63.68 -9.78
C GLU C 258 -22.90 -62.21 -10.09
N VAL C 259 -23.12 -61.40 -9.04
CA VAL C 259 -23.26 -59.92 -9.18
C VAL C 259 -21.97 -59.26 -9.63
N GLU C 260 -20.86 -59.63 -8.99
CA GLU C 260 -19.53 -59.17 -9.40
C GLU C 260 -19.16 -59.53 -10.85
N ARG C 261 -19.48 -60.79 -11.23
CA ARG C 261 -19.16 -61.40 -12.52
C ARG C 261 -19.80 -60.59 -13.67
N SER C 262 -21.06 -60.21 -13.47
CA SER C 262 -21.75 -59.35 -14.45
C SER C 262 -21.05 -58.02 -14.77
N PHE C 263 -19.96 -57.71 -14.07
CA PHE C 263 -19.22 -56.52 -14.42
C PHE C 263 -18.05 -56.90 -15.35
N ILE C 264 -16.97 -57.43 -14.72
CA ILE C 264 -15.72 -57.81 -15.38
C ILE C 264 -15.83 -58.86 -16.49
N CYS C 265 -16.79 -59.76 -16.39
CA CYS C 265 -16.88 -60.83 -17.37
C CYS C 265 -18.05 -60.65 -18.33
N GLU C 266 -18.86 -59.61 -18.11
CA GLU C 266 -20.07 -59.40 -18.92
C GLU C 266 -20.36 -57.94 -19.36
N SER C 267 -20.57 -57.06 -18.37
CA SER C 267 -20.88 -55.65 -18.62
C SER C 267 -19.68 -54.90 -19.16
N LEU C 268 -18.58 -54.95 -18.41
CA LEU C 268 -17.33 -54.42 -18.92
C LEU C 268 -16.31 -55.58 -18.98
N PRO C 269 -16.16 -56.17 -20.18
CA PRO C 269 -15.33 -57.39 -20.29
C PRO C 269 -13.82 -57.08 -20.13
N CYS C 270 -13.20 -57.68 -19.11
CA CYS C 270 -11.74 -57.67 -18.96
C CYS C 270 -11.10 -58.33 -20.21
N ASP C 271 -11.85 -59.23 -20.85
CA ASP C 271 -11.41 -59.99 -22.05
C ASP C 271 -11.12 -59.02 -23.19
N LEU C 272 -11.10 -57.73 -22.93
CA LEU C 272 -10.53 -56.83 -23.91
C LEU C 272 -9.74 -55.64 -23.23
N ILE C 273 -8.83 -55.98 -22.30
CA ILE C 273 -7.62 -55.18 -21.99
C ILE C 273 -6.41 -56.11 -22.17
N GLY C 274 -6.72 -57.39 -22.39
CA GLY C 274 -5.73 -58.45 -22.65
C GLY C 274 -5.98 -59.72 -21.82
N MET C 275 -6.94 -59.61 -20.91
CA MET C 275 -7.30 -60.68 -20.02
C MET C 275 -8.23 -61.70 -20.68
N ASN C 276 -8.33 -62.89 -20.08
CA ASN C 276 -9.37 -63.91 -20.33
C ASN C 276 -10.53 -63.92 -19.35
N SER C 277 -11.72 -63.64 -19.87
CA SER C 277 -12.90 -63.52 -19.00
C SER C 277 -13.18 -64.76 -18.18
N ARG C 278 -12.83 -65.90 -18.75
CA ARG C 278 -13.06 -67.17 -18.14
C ARG C 278 -12.09 -67.43 -16.95
N LEU C 279 -10.84 -67.02 -17.16
CA LEU C 279 -9.82 -67.08 -16.12
C LEU C 279 -10.10 -66.11 -14.95
N MET C 280 -10.64 -64.94 -15.29
CA MET C 280 -11.10 -63.94 -14.34
C MET C 280 -12.30 -64.45 -13.55
N SER C 281 -13.27 -65.07 -14.23
CA SER C 281 -14.36 -65.67 -13.45
C SER C 281 -13.88 -66.67 -12.40
N GLN C 282 -12.79 -67.38 -12.73
CA GLN C 282 -12.18 -68.30 -11.81
C GLN C 282 -11.52 -67.61 -10.64
N TYR C 283 -10.97 -66.42 -10.92
CA TYR C 283 -10.37 -65.60 -9.86
C TYR C 283 -11.40 -65.12 -8.84
N ILE C 284 -12.58 -64.70 -9.30
CA ILE C 284 -13.65 -64.34 -8.37
C ILE C 284 -13.96 -65.57 -7.47
N GLU C 285 -14.22 -66.72 -8.09
CA GLU C 285 -14.33 -68.02 -7.39
C GLU C 285 -13.38 -68.16 -6.19
N PHE C 286 -12.09 -68.05 -6.53
CA PHE C 286 -11.02 -68.08 -5.55
C PHE C 286 -11.09 -66.97 -4.51
N VAL C 287 -11.36 -65.73 -4.92
CA VAL C 287 -11.54 -64.68 -3.89
C VAL C 287 -12.68 -65.07 -2.99
N ALA C 288 -13.82 -65.40 -3.59
CA ALA C 288 -14.97 -65.84 -2.83
C ALA C 288 -14.65 -66.99 -1.85
N ASP C 289 -13.94 -68.02 -2.31
CA ASP C 289 -13.49 -69.09 -1.42
C ASP C 289 -12.69 -68.56 -0.24
N ARG C 290 -11.65 -67.77 -0.52
CA ARG C 290 -10.78 -67.22 0.54
C ARG C 290 -11.60 -66.35 1.49
N LEU C 291 -12.63 -65.70 0.98
CA LEU C 291 -13.57 -65.01 1.84
C LEU C 291 -14.26 -65.99 2.77
N LEU C 292 -14.91 -66.98 2.17
CA LEU C 292 -15.50 -68.08 2.90
C LEU C 292 -14.67 -68.56 4.11
N GLU C 293 -13.34 -68.66 3.94
CA GLU C 293 -12.41 -69.13 4.98
C GLU C 293 -12.24 -68.04 6.03
N CYS C 294 -12.11 -66.81 5.57
CA CYS C 294 -12.01 -65.67 6.44
C CYS C 294 -13.26 -65.59 7.31
N LEU C 295 -14.38 -66.08 6.79
CA LEU C 295 -15.64 -65.96 7.52
C LEU C 295 -15.92 -67.21 8.32
N GLY C 296 -14.95 -68.13 8.30
CA GLY C 296 -15.07 -69.34 9.11
C GLY C 296 -16.07 -70.29 8.52
N CYS C 297 -15.99 -70.45 7.22
CA CYS C 297 -16.92 -71.29 6.50
C CYS C 297 -16.17 -72.12 5.45
N SER C 298 -16.76 -73.27 5.07
CA SER C 298 -16.18 -74.15 4.09
C SER C 298 -16.39 -73.56 2.71
N LYS C 299 -15.46 -73.86 1.81
CA LYS C 299 -15.47 -73.44 0.41
C LYS C 299 -16.72 -73.85 -0.40
N VAL C 300 -16.83 -73.44 -1.65
CA VAL C 300 -17.98 -73.82 -2.45
C VAL C 300 -17.66 -73.98 -3.94
N PHE C 301 -16.55 -73.39 -4.37
CA PHE C 301 -16.01 -73.59 -5.70
C PHE C 301 -14.51 -73.91 -5.69
N HIS C 302 -14.00 -74.46 -4.60
CA HIS C 302 -12.63 -74.99 -4.60
C HIS C 302 -11.92 -74.83 -5.95
N SER C 303 -11.19 -73.73 -6.12
CA SER C 303 -10.44 -73.47 -7.37
C SER C 303 -9.19 -72.67 -7.08
N LYS C 304 -8.10 -73.16 -7.68
CA LYS C 304 -6.74 -72.62 -7.48
C LYS C 304 -6.53 -71.16 -7.94
N ASN C 305 -5.32 -70.65 -7.74
CA ASN C 305 -4.98 -69.27 -8.05
C ASN C 305 -4.73 -69.10 -9.56
N PRO C 306 -5.74 -68.58 -10.32
CA PRO C 306 -5.51 -68.34 -11.77
C PRO C 306 -4.30 -67.46 -12.04
N PHE C 307 -4.11 -66.39 -11.29
CA PHE C 307 -2.92 -65.55 -11.48
C PHE C 307 -2.12 -65.49 -10.21
N ASN C 308 -0.83 -65.77 -10.31
CA ASN C 308 -0.02 -65.82 -9.12
C ASN C 308 0.51 -64.41 -8.82
N TRP C 309 0.61 -63.60 -9.87
CA TRP C 309 0.74 -62.14 -9.69
C TRP C 309 -0.56 -61.59 -9.09
N MET D 47 6.40 -13.48 34.13
CA MET D 47 7.65 -12.68 34.02
C MET D 47 8.92 -13.52 34.18
N TYR D 48 10.07 -12.88 33.97
CA TYR D 48 11.31 -13.57 33.84
C TYR D 48 12.16 -13.31 35.04
N PRO D 49 11.83 -13.95 36.16
CA PRO D 49 12.52 -13.72 37.43
C PRO D 49 13.97 -14.00 37.51
N GLU D 50 14.52 -14.82 36.63
CA GLU D 50 15.95 -15.06 36.79
C GLU D 50 16.70 -13.92 36.21
N VAL D 51 16.16 -13.33 35.12
CA VAL D 51 16.74 -12.14 34.49
C VAL D 51 16.60 -10.89 35.36
N TRP D 52 15.53 -10.80 36.15
CA TRP D 52 15.40 -9.77 37.15
C TRP D 52 16.54 -9.80 38.19
N ASN D 53 17.02 -10.99 38.52
CA ASN D 53 18.04 -11.15 39.56
C ASN D 53 19.37 -10.59 39.14
N PHE D 54 19.64 -10.65 37.84
CA PHE D 54 20.90 -10.08 37.31
C PHE D 54 20.82 -8.59 37.25
N TYR D 55 19.65 -8.04 37.01
CA TYR D 55 19.46 -6.58 37.08
C TYR D 55 19.71 -6.03 38.46
N LYS D 56 19.04 -6.65 39.45
CA LYS D 56 19.10 -6.20 40.83
C LYS D 56 20.47 -6.40 41.43
N LYS D 57 21.29 -7.24 40.81
CA LYS D 57 22.67 -7.56 41.18
C LYS D 57 23.65 -6.61 40.46
N ALA D 58 23.32 -6.23 39.21
CA ALA D 58 24.01 -5.09 38.55
C ALA D 58 23.80 -3.78 39.36
N GLU D 59 22.53 -3.49 39.59
CA GLU D 59 22.11 -2.25 40.20
C GLU D 59 22.77 -2.14 41.52
N ALA D 60 22.65 -3.24 42.28
CA ALA D 60 23.09 -3.28 43.67
C ALA D 60 24.60 -3.40 43.70
N SER D 61 25.19 -3.38 42.51
CA SER D 61 26.62 -3.58 42.38
C SER D 61 27.14 -2.37 41.63
N PHE D 62 26.29 -1.34 41.53
CA PHE D 62 26.65 -0.10 40.85
C PHE D 62 27.76 0.55 41.58
N TRP D 63 28.58 1.25 40.79
CA TRP D 63 29.78 1.94 41.26
C TRP D 63 30.29 3.03 40.32
N THR D 64 31.00 4.01 40.86
CA THR D 64 31.44 5.10 40.03
C THR D 64 32.92 5.39 40.08
N ALA D 65 33.38 6.22 39.15
CA ALA D 65 34.81 6.52 38.99
C ALA D 65 35.39 7.24 40.22
N GLU D 66 34.51 7.80 41.04
CA GLU D 66 34.86 8.55 42.24
C GLU D 66 35.41 7.61 43.32
N GLU D 67 35.08 6.34 43.23
CA GLU D 67 35.48 5.46 44.30
C GLU D 67 36.86 4.88 44.10
N ILE D 68 37.63 5.41 43.15
CA ILE D 68 38.93 4.81 42.84
C ILE D 68 40.12 5.62 43.38
N ASP D 69 40.10 6.93 43.13
CA ASP D 69 41.12 7.92 43.55
C ASP D 69 42.57 7.39 43.41
N LEU D 70 43.12 7.59 42.19
CA LEU D 70 44.40 7.04 41.74
C LEU D 70 45.60 7.66 42.45
N SER D 71 45.33 8.30 43.58
CA SER D 71 46.28 9.23 44.17
C SER D 71 47.64 8.60 44.51
N SER D 72 47.64 7.32 44.83
CA SER D 72 48.76 6.88 45.61
C SER D 72 49.83 6.08 44.86
N ASP D 73 49.63 5.79 43.59
CA ASP D 73 50.69 5.05 42.95
C ASP D 73 51.02 5.34 41.49
N LEU D 74 51.64 6.50 41.24
CA LEU D 74 52.32 6.67 39.97
C LEU D 74 53.79 6.58 40.35
N LYS D 75 53.99 6.59 41.65
CA LYS D 75 55.27 6.22 42.24
C LYS D 75 55.56 4.77 41.84
N ASP D 76 54.54 3.92 41.87
CA ASP D 76 54.76 2.56 41.42
C ASP D 76 55.11 2.50 39.93
N PHE D 77 54.35 3.29 39.17
CA PHE D 77 54.46 3.41 37.73
C PHE D 77 55.86 3.85 37.35
N GLU D 78 56.43 4.74 38.12
CA GLU D 78 57.73 5.19 37.76
C GLU D 78 58.78 4.35 38.43
N LYS D 79 58.45 3.70 39.53
CA LYS D 79 59.28 2.52 40.05
C LYS D 79 59.33 1.30 39.09
N LEU D 80 58.30 1.10 38.28
CA LEU D 80 58.28 0.00 37.35
C LEU D 80 59.38 0.07 36.39
N ASN D 81 59.40 -0.84 35.41
CA ASN D 81 60.42 -0.73 34.35
C ASN D 81 59.85 -0.43 32.94
N VAL D 82 60.73 -0.31 31.93
CA VAL D 82 60.39 0.17 30.57
C VAL D 82 59.43 -0.72 29.88
N ASN D 83 59.70 -2.02 29.93
CA ASN D 83 58.80 -3.01 29.31
C ASN D 83 57.42 -3.06 29.95
N GLU D 84 57.36 -2.80 31.25
CA GLU D 84 56.06 -2.79 31.89
C GLU D 84 55.36 -1.45 31.67
N LYS D 85 56.08 -0.35 31.80
CA LYS D 85 55.50 1.01 31.45
C LYS D 85 54.65 0.95 30.18
N HIS D 86 55.25 0.57 29.09
CA HIS D 86 54.48 0.60 27.88
C HIS D 86 53.57 -0.52 27.57
N PHE D 87 53.62 -1.56 28.39
CA PHE D 87 52.65 -2.55 28.31
C PHE D 87 51.42 -1.88 28.78
N ILE D 88 51.46 -1.39 30.03
CA ILE D 88 50.33 -0.67 30.62
C ILE D 88 49.81 0.47 29.76
N LYS D 89 50.67 1.34 29.24
CA LYS D 89 50.19 2.52 28.46
C LYS D 89 49.47 2.06 27.21
N HIS D 90 49.90 0.91 26.69
CA HIS D 90 49.26 0.29 25.54
C HIS D 90 47.99 -0.48 25.88
N VAL D 91 47.91 -1.12 27.05
CA VAL D 91 46.70 -1.86 27.34
C VAL D 91 45.57 -0.98 27.65
N LEU D 92 45.87 0.08 28.43
CA LEU D 92 44.89 1.20 28.71
C LEU D 92 44.38 1.83 27.45
N ALA D 93 45.25 1.97 26.49
CA ALA D 93 44.85 2.57 25.22
C ALA D 93 44.08 1.59 24.41
N PHE D 94 44.27 0.30 24.68
CA PHE D 94 43.54 -0.69 23.94
C PHE D 94 42.13 -0.76 24.46
N PHE D 95 41.98 -0.65 25.76
CA PHE D 95 40.66 -0.70 26.36
C PHE D 95 39.84 0.47 25.86
N ALA D 96 40.48 1.60 25.57
CA ALA D 96 39.71 2.77 25.13
C ALA D 96 39.67 2.89 23.59
N ALA D 97 38.95 2.01 22.91
CA ALA D 97 38.89 1.98 21.44
C ALA D 97 37.60 1.28 21.00
N SER D 98 37.25 0.14 21.65
CA SER D 98 35.96 -0.52 21.38
C SER D 98 34.92 -0.24 22.50
N GLU D 104 31.92 1.46 20.88
CA GLU D 104 31.10 0.65 19.97
C GLU D 104 29.70 0.49 20.52
N ASN D 105 28.75 0.14 19.68
CA ASN D 105 27.41 -0.07 20.18
C ASN D 105 27.05 -1.50 20.07
N LEU D 106 26.58 -2.03 21.19
CA LEU D 106 26.31 -3.43 21.36
C LEU D 106 24.99 -3.59 22.08
N ALA D 107 24.96 -3.30 23.39
CA ALA D 107 23.74 -3.60 24.14
C ALA D 107 22.55 -2.87 23.59
N SER D 108 22.79 -1.72 23.00
CA SER D 108 21.74 -0.91 22.45
C SER D 108 21.07 -1.66 21.32
N LYS D 109 21.83 -2.55 20.69
CA LYS D 109 21.35 -3.28 19.53
C LYS D 109 20.47 -4.40 20.07
N PHE D 110 20.79 -4.89 21.26
CA PHE D 110 19.93 -5.88 21.89
C PHE D 110 18.79 -5.21 22.60
N LEU D 111 19.01 -3.98 23.10
CA LEU D 111 17.90 -3.18 23.71
C LEU D 111 16.66 -3.11 22.84
N ARG D 112 16.85 -2.91 21.52
CA ARG D 112 15.75 -2.90 20.49
C ARG D 112 15.19 -4.30 20.15
N GLU D 113 16.06 -5.31 20.06
CA GLU D 113 15.66 -6.68 19.70
C GLU D 113 14.90 -7.37 20.81
N VAL D 114 15.59 -7.67 21.93
CA VAL D 114 15.01 -8.45 23.04
C VAL D 114 13.77 -7.79 23.69
N GLU D 115 12.57 -8.22 23.29
CA GLU D 115 11.31 -7.59 23.71
C GLU D 115 10.76 -8.03 25.08
N ILE D 116 11.64 -8.13 26.06
CA ILE D 116 11.20 -8.47 27.47
C ILE D 116 11.68 -7.41 28.50
N ILE D 117 10.72 -6.77 29.15
CA ILE D 117 10.99 -5.60 30.01
C ILE D 117 12.20 -5.86 30.90
N GLU D 118 12.17 -7.01 31.61
CA GLU D 118 13.22 -7.34 32.58
C GLU D 118 14.58 -7.25 31.89
N ALA D 119 14.63 -7.59 30.60
CA ALA D 119 15.93 -7.69 29.92
C ALA D 119 16.41 -6.33 29.41
N LYS D 120 15.52 -5.56 28.76
CA LYS D 120 15.90 -4.19 28.36
C LYS D 120 16.38 -3.44 29.59
N LYS D 121 15.72 -3.70 30.70
CA LYS D 121 16.19 -3.12 31.92
C LYS D 121 17.65 -3.41 32.22
N PHE D 122 18.07 -4.65 32.00
CA PHE D 122 19.44 -5.05 32.29
C PHE D 122 20.34 -4.39 31.28
N TYR D 123 19.90 -4.35 30.02
CA TYR D 123 20.74 -3.80 28.93
C TYR D 123 20.90 -2.34 29.02
N SER D 124 19.80 -1.61 29.30
CA SER D 124 19.87 -0.14 29.46
C SER D 124 20.76 0.23 30.62
N PHE D 125 20.89 -0.64 31.61
CA PHE D 125 21.78 -0.36 32.71
C PHE D 125 23.18 -0.80 32.34
N GLN D 126 23.34 -1.78 31.45
CA GLN D 126 24.69 -2.20 31.01
C GLN D 126 25.45 -1.02 30.44
N ILE D 127 24.76 -0.22 29.62
CA ILE D 127 25.39 0.84 28.83
C ILE D 127 25.82 1.96 29.74
N ALA D 128 25.03 2.28 30.76
CA ALA D 128 25.50 3.26 31.75
C ALA D 128 26.75 2.75 32.51
N VAL D 129 26.72 1.55 33.09
CA VAL D 129 27.90 1.00 33.75
C VAL D 129 29.11 0.83 32.80
N GLU D 130 28.86 0.69 31.50
CA GLU D 130 30.00 0.53 30.56
C GLU D 130 30.62 1.85 30.20
N ASN D 131 29.77 2.88 30.27
CA ASN D 131 30.22 4.30 30.27
C ASN D 131 31.08 4.62 31.50
N ILE D 132 30.69 4.11 32.65
CA ILE D 132 31.52 4.32 33.81
C ILE D 132 32.85 3.61 33.69
N HIS D 133 32.87 2.41 33.08
CA HIS D 133 34.13 1.70 32.78
C HIS D 133 35.03 2.57 31.90
N SER D 134 34.42 3.13 30.85
CA SER D 134 35.15 3.99 29.88
C SER D 134 35.84 5.15 30.55
N GLU D 135 35.06 5.87 31.38
CA GLU D 135 35.51 7.08 32.09
C GLU D 135 36.67 6.80 32.98
N THR D 136 36.64 5.58 33.53
CA THR D 136 37.65 5.21 34.49
C THR D 136 38.95 4.98 33.75
N TYR D 137 38.80 4.59 32.51
CA TYR D 137 39.97 4.31 31.70
C TYR D 137 40.56 5.57 31.22
N SER D 138 39.66 6.47 30.76
CA SER D 138 40.05 7.83 30.40
C SER D 138 40.77 8.51 31.53
N LEU D 139 40.21 8.43 32.74
CA LEU D 139 40.91 8.93 33.93
C LEU D 139 42.28 8.26 34.16
N LEU D 140 42.40 6.94 33.95
CA LEU D 140 43.71 6.28 34.10
C LEU D 140 44.75 6.63 33.05
N ILE D 141 44.35 6.61 31.79
CA ILE D 141 45.16 7.24 30.72
C ILE D 141 45.56 8.66 31.04
N ASP D 142 44.75 9.34 31.85
CA ASP D 142 44.99 10.74 32.22
C ASP D 142 46.09 10.84 33.24
N ASN D 143 46.28 9.83 34.08
CA ASN D 143 47.35 9.86 35.08
C ASN D 143 48.63 9.22 34.65
N TYR D 144 48.55 7.98 34.13
CA TYR D 144 49.75 7.20 33.70
C TYR D 144 50.40 7.82 32.48
N ILE D 145 49.60 8.52 31.67
CA ILE D 145 50.06 9.09 30.39
C ILE D 145 49.72 10.55 30.39
N LYS D 146 50.22 11.23 31.42
CA LYS D 146 49.65 12.52 31.83
C LYS D 146 49.67 13.59 30.72
N ASP D 147 50.76 13.66 29.98
CA ASP D 147 50.98 14.69 28.95
C ASP D 147 50.25 14.37 27.59
N GLU D 148 49.45 15.32 27.09
CA GLU D 148 48.68 15.14 25.83
C GLU D 148 49.50 14.68 24.61
N LYS D 149 50.82 14.98 24.65
CA LYS D 149 51.79 14.57 23.65
C LYS D 149 51.44 13.18 23.24
N GLU D 150 51.50 12.29 24.20
CA GLU D 150 51.41 10.91 23.93
C GLU D 150 50.00 10.39 23.95
N ARG D 151 49.06 11.06 24.60
CA ARG D 151 47.72 10.47 24.60
C ARG D 151 47.60 10.11 23.12
N LEU D 152 47.97 11.04 22.25
CA LEU D 152 47.56 10.92 20.87
C LEU D 152 48.45 10.03 19.97
N ASN D 153 49.74 10.07 20.17
CA ASN D 153 50.58 9.22 19.37
C ASN D 153 50.36 7.71 19.69
N LEU D 154 49.47 7.44 20.65
CA LEU D 154 49.20 6.16 21.28
C LEU D 154 47.92 5.52 20.82
N PHE D 155 46.88 6.30 20.61
CA PHE D 155 45.67 5.78 19.96
C PHE D 155 45.87 5.69 18.45
N HIS D 156 47.08 6.06 18.02
CA HIS D 156 47.45 6.09 16.63
C HIS D 156 48.53 5.01 16.46
N ALA D 157 49.11 4.54 17.53
CA ALA D 157 49.72 3.26 17.42
C ALA D 157 48.51 2.33 17.32
N ILE D 158 47.93 1.99 18.45
CA ILE D 158 46.74 1.14 18.52
C ILE D 158 45.81 1.03 17.30
N GLU D 159 45.27 2.15 16.81
CA GLU D 159 44.21 2.16 15.78
C GLU D 159 44.65 1.48 14.46
N ASN D 160 45.78 0.78 14.50
CA ASN D 160 46.21 -0.05 13.37
C ASN D 160 46.93 -1.38 13.70
N ILE D 161 47.23 -1.58 14.98
CA ILE D 161 47.53 -2.86 15.58
C ILE D 161 46.76 -4.02 14.92
N PRO D 162 47.46 -5.15 14.57
CA PRO D 162 46.84 -6.36 14.04
C PRO D 162 45.70 -6.92 14.90
N ALA D 163 45.79 -6.78 16.23
CA ALA D 163 44.65 -7.12 17.06
C ALA D 163 43.34 -6.38 16.69
N ILE D 164 43.44 -5.15 16.19
CA ILE D 164 42.24 -4.44 15.70
C ILE D 164 41.73 -5.00 14.40
N LYS D 165 42.65 -5.40 13.54
CA LYS D 165 42.25 -5.96 12.25
C LYS D 165 41.48 -7.24 12.60
N ASN D 166 42.03 -8.03 13.54
CA ASN D 166 41.39 -9.22 14.06
C ASN D 166 40.05 -8.88 14.66
N LYS D 167 40.08 -8.04 15.67
CA LYS D 167 38.86 -7.66 16.41
C LYS D 167 37.76 -7.18 15.52
N ALA D 168 38.09 -6.29 14.58
CA ALA D 168 37.15 -5.69 13.66
C ALA D 168 36.55 -6.73 12.71
N LEU D 169 37.41 -7.48 12.03
CA LEU D 169 36.95 -8.48 11.04
C LEU D 169 35.97 -9.50 11.58
N TRP D 170 36.20 -9.94 12.82
CA TRP D 170 35.38 -10.98 13.44
C TRP D 170 34.08 -10.34 13.90
N ALA D 171 34.13 -9.03 14.23
CA ALA D 171 32.91 -8.27 14.54
C ALA D 171 32.07 -8.10 13.30
N ALA D 172 32.72 -8.09 12.13
CA ALA D 172 32.00 -7.95 10.83
C ALA D 172 31.35 -9.26 10.39
N LYS D 173 31.97 -10.38 10.77
CA LYS D 173 31.49 -11.67 10.33
C LYS D 173 30.35 -12.10 11.23
N TRP D 174 30.50 -11.93 12.55
CA TRP D 174 29.49 -12.37 13.48
C TRP D 174 28.55 -11.29 13.97
N ILE D 175 29.10 -10.23 14.56
CA ILE D 175 28.25 -9.17 15.14
C ILE D 175 27.82 -8.15 14.12
N ASN D 176 27.14 -7.08 14.56
CA ASN D 176 26.79 -6.00 13.63
C ASN D 176 26.46 -6.68 12.29
N ASP D 177 25.58 -7.69 12.37
CA ASP D 177 25.33 -8.54 11.22
C ASP D 177 23.86 -8.69 10.84
N THR D 178 23.64 -9.38 9.72
CA THR D 178 22.30 -9.56 9.23
C THR D 178 22.06 -11.04 8.82
N ASN D 179 22.03 -11.91 9.83
CA ASN D 179 21.58 -13.32 9.60
C ASN D 179 20.82 -13.98 10.75
N SER D 180 21.45 -14.17 11.90
CA SER D 180 20.74 -14.87 12.97
C SER D 180 20.93 -14.20 14.32
N PHE D 181 19.84 -14.03 15.06
CA PHE D 181 19.99 -13.41 16.39
C PHE D 181 20.72 -14.29 17.37
N ALA D 182 20.50 -15.59 17.27
CA ALA D 182 21.25 -16.56 18.05
C ALA D 182 22.75 -16.35 17.90
N GLU D 183 23.23 -16.21 16.67
CA GLU D 183 24.65 -15.98 16.46
C GLU D 183 25.11 -14.75 17.22
N ARG D 184 24.34 -13.67 17.09
CA ARG D 184 24.72 -12.41 17.75
C ARG D 184 25.01 -12.54 19.25
N ILE D 185 24.09 -13.20 19.97
CA ILE D 185 24.25 -13.42 21.40
C ILE D 185 25.47 -14.25 21.67
N VAL D 186 25.73 -15.29 20.87
CA VAL D 186 26.91 -16.12 21.11
C VAL D 186 28.15 -15.26 20.92
N ALA D 187 28.18 -14.58 19.79
CA ALA D 187 29.29 -13.65 19.53
C ALA D 187 29.41 -12.56 20.60
N ASN D 188 28.27 -12.05 21.07
CA ASN D 188 28.25 -11.12 22.19
C ASN D 188 28.80 -11.64 23.49
N ALA D 189 28.46 -12.90 23.81
CA ALA D 189 28.89 -13.56 24.99
C ALA D 189 30.38 -13.74 24.96
N CYS D 190 30.92 -13.79 23.76
CA CYS D 190 32.36 -13.81 23.56
C CYS D 190 33.02 -12.45 23.78
N VAL D 191 32.36 -11.40 23.26
CA VAL D 191 32.85 -10.03 23.36
C VAL D 191 32.99 -9.74 24.82
N GLU D 192 32.02 -10.19 25.57
CA GLU D 192 31.95 -9.85 26.93
C GLU D 192 32.37 -10.99 27.80
N GLY D 193 33.20 -11.90 27.27
CA GLY D 193 33.65 -13.12 27.99
C GLY D 193 35.06 -13.56 27.68
N ILE D 194 35.37 -13.63 26.41
CA ILE D 194 36.67 -14.03 26.00
C ILE D 194 37.50 -12.79 25.70
N LEU D 195 36.91 -11.76 25.06
CA LEU D 195 37.73 -10.57 24.69
C LEU D 195 38.09 -9.81 25.96
N PHE D 196 39.34 -9.41 26.04
CA PHE D 196 39.87 -8.66 27.12
C PHE D 196 40.20 -9.52 28.36
N SER D 197 39.62 -10.74 28.48
CA SER D 197 40.06 -11.71 29.48
C SER D 197 41.57 -11.84 29.61
N GLY D 198 42.29 -11.71 28.49
CA GLY D 198 43.74 -11.74 28.55
C GLY D 198 44.25 -10.48 29.24
N SER D 199 43.71 -9.35 28.86
CA SER D 199 44.24 -8.14 29.34
C SER D 199 43.90 -7.93 30.82
N PHE D 200 42.78 -8.51 31.22
CA PHE D 200 42.26 -8.33 32.51
C PHE D 200 43.16 -9.08 33.41
N CYS D 201 43.55 -10.29 32.98
CA CYS D 201 44.42 -11.15 33.80
C CYS D 201 45.79 -10.57 33.94
N ALA D 202 46.32 -10.03 32.85
CA ALA D 202 47.58 -9.26 32.94
C ALA D 202 47.61 -8.13 33.98
N ILE D 203 46.47 -7.48 34.29
CA ILE D 203 46.49 -6.46 35.32
C ILE D 203 46.47 -7.10 36.76
N PHE D 204 45.86 -8.27 36.88
CA PHE D 204 45.97 -9.07 38.13
C PHE D 204 47.37 -9.43 38.46
N TRP D 205 48.17 -9.62 37.46
CA TRP D 205 49.60 -9.79 37.68
C TRP D 205 50.23 -8.73 38.49
N PHE D 206 49.73 -7.50 38.36
CA PHE D 206 50.25 -6.34 39.05
C PHE D 206 49.60 -6.23 40.39
N LYS D 207 48.34 -6.67 40.47
CA LYS D 207 47.70 -6.85 41.80
C LYS D 207 48.41 -7.92 42.67
N LYS D 208 49.00 -8.97 42.06
CA LYS D 208 49.72 -9.95 42.89
C LYS D 208 51.02 -9.39 43.41
N GLN D 209 51.46 -8.29 42.83
CA GLN D 209 52.69 -7.65 43.31
C GLN D 209 52.47 -6.44 44.20
N ASN D 210 51.24 -6.29 44.65
CA ASN D 210 50.85 -5.20 45.51
C ASN D 210 51.34 -3.85 44.97
N LYS D 211 51.10 -3.66 43.67
CA LYS D 211 51.36 -2.45 42.94
C LYS D 211 50.11 -1.97 42.25
N LEU D 212 50.15 -0.69 41.84
CA LEU D 212 49.15 0.04 41.04
C LEU D 212 47.76 0.04 41.52
N HIS D 213 47.63 0.47 42.76
CA HIS D 213 46.50 1.26 43.26
C HIS D 213 45.23 1.35 42.45
N GLY D 214 44.52 0.30 42.11
CA GLY D 214 43.27 0.77 41.42
C GLY D 214 43.41 1.03 39.91
N LEU D 215 44.63 0.83 39.42
CA LEU D 215 44.75 0.15 38.16
C LEU D 215 44.18 -1.23 38.35
N THR D 216 44.47 -1.84 39.49
CA THR D 216 44.14 -3.24 39.66
C THR D 216 42.80 -3.32 40.33
N PHE D 217 42.49 -2.33 41.16
CA PHE D 217 41.21 -2.27 41.89
C PHE D 217 40.10 -1.96 40.93
N SER D 218 40.34 -1.14 39.91
CA SER D 218 39.22 -0.86 38.98
C SER D 218 39.24 -2.08 38.17
N ASN D 219 40.44 -2.46 37.74
CA ASN D 219 40.50 -3.67 36.97
C ASN D 219 39.62 -4.72 37.56
N GLU D 220 39.55 -4.80 38.87
CA GLU D 220 38.80 -5.81 39.57
C GLU D 220 37.31 -5.58 39.46
N LEU D 221 36.87 -4.33 39.52
CA LEU D 221 35.44 -4.03 39.45
C LEU D 221 34.95 -4.16 38.02
N ILE D 222 35.82 -3.82 37.10
CA ILE D 222 35.44 -3.98 35.71
C ILE D 222 35.38 -5.46 35.33
N SER D 223 36.38 -6.26 35.75
CA SER D 223 36.25 -7.71 35.40
C SER D 223 35.02 -8.31 36.04
N ARG D 224 34.76 -7.96 37.28
CA ARG D 224 33.65 -8.55 37.99
C ARG D 224 32.45 -8.21 37.20
N ASP D 225 32.40 -6.99 36.69
CA ASP D 225 31.23 -6.46 36.03
C ASP D 225 31.14 -7.19 34.74
N GLU D 226 32.17 -7.18 33.93
CA GLU D 226 32.07 -7.93 32.67
C GLU D 226 31.70 -9.36 32.93
N GLY D 227 31.96 -9.82 34.15
CA GLY D 227 31.65 -11.20 34.47
C GLY D 227 30.14 -11.41 34.49
N LEU D 228 29.46 -10.40 35.03
CA LEU D 228 28.03 -10.41 35.18
C LEU D 228 27.35 -10.39 33.83
N HIS D 229 27.97 -9.77 32.85
CA HIS D 229 27.33 -9.49 31.57
C HIS D 229 27.47 -10.73 30.75
N THR D 230 28.57 -11.45 30.93
CA THR D 230 28.73 -12.76 30.30
C THR D 230 27.72 -13.75 30.77
N ASP D 231 27.54 -13.86 32.09
CA ASP D 231 26.60 -14.80 32.65
C ASP D 231 25.22 -14.52 32.07
N PHE D 232 24.99 -13.24 31.82
CA PHE D 232 23.70 -12.79 31.36
C PHE D 232 23.43 -13.39 30.00
N ASN D 233 24.33 -13.18 29.06
CA ASN D 233 24.11 -13.56 27.69
C ASN D 233 23.85 -15.10 27.62
N CYS D 234 24.35 -15.81 28.63
CA CYS D 234 24.14 -17.23 28.79
C CYS D 234 22.68 -17.45 29.03
N LEU D 235 22.13 -16.71 29.98
CA LEU D 235 20.74 -16.92 30.30
C LEU D 235 19.78 -16.69 29.16
N ILE D 236 20.05 -15.71 28.32
CA ILE D 236 19.16 -15.44 27.18
C ILE D 236 19.29 -16.54 26.19
N TYR D 237 20.47 -17.10 26.06
CA TYR D 237 20.62 -18.20 25.12
C TYR D 237 19.88 -19.36 25.74
N SER D 238 19.95 -19.45 27.06
CA SER D 238 19.23 -20.44 27.80
C SER D 238 17.73 -20.30 27.67
N LEU D 239 17.19 -19.09 27.44
CA LEU D 239 15.72 -18.97 27.21
C LEU D 239 15.38 -18.96 25.73
N LEU D 240 16.32 -19.47 24.94
CA LEU D 240 16.26 -19.26 23.53
C LEU D 240 15.25 -20.12 22.77
N GLU D 241 14.56 -19.44 21.87
CA GLU D 241 13.47 -19.98 21.09
C GLU D 241 13.94 -21.26 20.38
N ASN D 242 15.04 -21.18 19.62
CA ASN D 242 15.70 -22.24 18.85
C ASN D 242 17.23 -22.12 18.92
N LYS D 243 17.84 -22.97 19.73
CA LYS D 243 19.25 -22.86 20.01
C LYS D 243 20.09 -23.35 18.86
N LEU D 244 21.35 -22.90 18.81
CA LEU D 244 22.25 -23.19 17.70
C LEU D 244 22.80 -24.64 17.72
N PRO D 245 23.34 -25.13 16.57
CA PRO D 245 23.98 -26.39 16.73
C PRO D 245 25.33 -26.09 17.29
N GLU D 246 25.77 -26.86 18.28
CA GLU D 246 27.05 -26.56 18.90
C GLU D 246 28.22 -26.49 17.95
N ASN D 247 28.03 -27.01 16.74
CA ASN D 247 29.08 -26.97 15.72
C ASN D 247 29.45 -25.49 15.41
N VAL D 248 28.42 -24.65 15.28
CA VAL D 248 28.60 -23.25 14.93
C VAL D 248 29.05 -22.46 16.17
N VAL D 249 28.42 -22.68 17.32
CA VAL D 249 28.89 -22.02 18.57
C VAL D 249 30.39 -22.17 18.77
N GLN D 250 30.93 -23.36 18.45
CA GLN D 250 32.36 -23.61 18.63
C GLN D 250 33.16 -22.82 17.63
N ASN D 251 32.58 -22.49 16.51
CA ASN D 251 33.34 -21.76 15.50
C ASN D 251 33.53 -20.35 15.95
N ILE D 252 32.45 -19.77 16.42
CA ILE D 252 32.43 -18.43 16.88
C ILE D 252 33.46 -18.35 17.98
N VAL D 253 33.42 -19.27 18.96
CA VAL D 253 34.31 -19.16 20.09
C VAL D 253 35.76 -19.32 19.63
N LYS D 254 36.09 -20.39 18.88
CA LYS D 254 37.44 -20.57 18.36
C LYS D 254 37.93 -19.18 17.92
N GLU D 255 37.21 -18.58 17.00
CA GLU D 255 37.60 -17.36 16.32
C GLU D 255 37.72 -16.15 17.31
N ALA D 256 36.85 -16.10 18.30
CA ALA D 256 37.05 -15.19 19.42
C ALA D 256 38.37 -15.41 20.11
N VAL D 257 38.73 -16.66 20.35
CA VAL D 257 39.91 -17.08 21.07
C VAL D 257 41.16 -16.63 20.33
N GLU D 258 41.17 -16.88 19.04
CA GLU D 258 42.25 -16.55 18.15
C GLU D 258 42.37 -15.06 18.16
N VAL D 259 41.22 -14.36 18.06
CA VAL D 259 41.21 -12.89 18.04
C VAL D 259 41.80 -12.38 19.34
N GLU D 260 41.32 -12.88 20.47
CA GLU D 260 41.85 -12.48 21.77
C GLU D 260 43.31 -12.71 21.96
N ARG D 261 43.81 -13.84 21.48
CA ARG D 261 45.25 -14.15 21.63
C ARG D 261 46.18 -13.20 20.88
N SER D 262 45.72 -12.77 19.71
CA SER D 262 46.43 -11.79 18.91
C SER D 262 46.68 -10.48 19.64
N PHE D 263 46.07 -10.32 20.80
CA PHE D 263 46.37 -9.20 21.66
C PHE D 263 47.46 -9.51 22.64
N ILE D 264 47.11 -10.22 23.72
CA ILE D 264 48.06 -10.51 24.80
C ILE D 264 49.19 -11.47 24.54
N CYS D 265 49.06 -12.35 23.57
CA CYS D 265 50.23 -13.20 23.32
C CYS D 265 50.96 -12.82 22.10
N GLU D 266 50.43 -11.87 21.32
CA GLU D 266 51.10 -11.45 20.11
C GLU D 266 51.31 -9.98 19.99
N SER D 267 50.24 -9.17 19.83
CA SER D 267 50.33 -7.72 19.59
C SER D 267 50.98 -7.05 20.78
N LEU D 268 50.47 -7.27 21.99
CA LEU D 268 51.08 -6.67 23.16
C LEU D 268 51.26 -7.76 24.21
N PRO D 269 52.43 -8.33 24.21
CA PRO D 269 52.65 -9.55 24.91
C PRO D 269 52.76 -9.38 26.37
N CYS D 270 51.96 -10.15 27.08
CA CYS D 270 52.01 -10.20 28.48
C CYS D 270 53.40 -10.71 28.89
N ASP D 271 54.06 -11.34 27.95
CA ASP D 271 55.34 -11.96 28.17
C ASP D 271 56.41 -11.02 28.66
N LEU D 272 56.04 -9.87 29.10
CA LEU D 272 57.04 -9.05 29.69
C LEU D 272 56.30 -7.83 30.27
N ILE D 273 55.37 -8.18 31.14
CA ILE D 273 55.12 -7.55 32.40
C ILE D 273 55.59 -8.58 33.45
N GLY D 274 56.03 -9.74 33.00
CA GLY D 274 56.53 -10.82 33.88
C GLY D 274 55.88 -12.17 33.60
N MET D 275 54.86 -12.19 32.73
CA MET D 275 54.03 -13.32 32.51
C MET D 275 54.64 -14.16 31.46
N ASN D 276 54.04 -15.35 31.26
CA ASN D 276 54.30 -16.23 30.15
C ASN D 276 53.17 -16.28 29.09
N SER D 277 53.56 -16.01 27.85
CA SER D 277 52.67 -15.99 26.71
C SER D 277 51.96 -17.29 26.51
N ARG D 278 52.66 -18.38 26.71
CA ARG D 278 52.03 -19.67 26.50
C ARG D 278 51.03 -19.96 27.62
N LEU D 279 51.43 -19.65 28.85
CA LEU D 279 50.53 -19.88 29.96
C LEU D 279 49.24 -19.07 29.83
N MET D 280 49.38 -17.82 29.40
CA MET D 280 48.24 -16.99 29.01
C MET D 280 47.37 -17.63 27.95
N SER D 281 48.02 -17.99 26.86
CA SER D 281 47.33 -18.65 25.81
C SER D 281 46.50 -19.81 26.32
N GLN D 282 46.97 -20.54 27.35
CA GLN D 282 46.08 -21.55 27.95
C GLN D 282 44.95 -21.02 28.86
N TYR D 283 45.19 -19.88 29.54
CA TYR D 283 44.12 -19.17 30.31
C TYR D 283 42.98 -18.83 29.37
N ILE D 284 43.26 -18.29 28.18
CA ILE D 284 42.13 -18.07 27.22
C ILE D 284 41.33 -19.36 27.00
N GLU D 285 42.02 -20.40 26.52
CA GLU D 285 41.38 -21.71 26.27
C GLU D 285 40.51 -22.10 27.45
N PHE D 286 41.08 -22.06 28.67
CA PHE D 286 40.28 -22.38 29.87
C PHE D 286 39.08 -21.48 30.02
N VAL D 287 39.29 -20.15 29.88
CA VAL D 287 38.21 -19.19 29.87
C VAL D 287 37.17 -19.63 28.80
N ALA D 288 37.61 -19.83 27.57
CA ALA D 288 36.68 -20.16 26.53
C ALA D 288 35.93 -21.43 26.77
N ASP D 289 36.62 -22.48 27.25
CA ASP D 289 35.96 -23.71 27.76
C ASP D 289 34.85 -23.42 28.76
N ARG D 290 35.14 -22.60 29.78
CA ARG D 290 34.13 -22.23 30.78
C ARG D 290 32.93 -21.63 30.16
N LEU D 291 33.17 -20.87 29.09
CA LEU D 291 32.08 -20.17 28.39
C LEU D 291 31.21 -21.20 27.71
N LEU D 292 31.83 -22.09 26.97
CA LEU D 292 31.05 -23.11 26.30
C LEU D 292 30.11 -23.86 27.31
N GLU D 293 30.59 -24.14 28.55
CA GLU D 293 29.71 -24.79 29.55
C GLU D 293 28.61 -23.87 29.92
N CYS D 294 28.95 -22.58 30.12
CA CYS D 294 27.97 -21.59 30.44
C CYS D 294 26.91 -21.52 29.33
N LEU D 295 27.33 -21.74 28.08
CA LEU D 295 26.43 -21.71 26.93
C LEU D 295 25.72 -23.01 26.70
N GLY D 296 26.06 -24.05 27.45
CA GLY D 296 25.31 -25.27 27.34
C GLY D 296 25.92 -25.99 26.17
N CYS D 297 27.25 -25.95 26.05
CA CYS D 297 27.94 -26.78 25.06
C CYS D 297 29.15 -27.49 25.65
N SER D 298 29.62 -28.53 24.95
CA SER D 298 30.77 -29.27 25.36
C SER D 298 32.02 -28.45 25.09
N LYS D 299 33.10 -28.73 25.83
CA LYS D 299 34.39 -28.09 25.66
C LYS D 299 35.10 -28.39 24.32
N VAL D 300 36.31 -27.88 24.12
CA VAL D 300 36.99 -27.93 22.82
C VAL D 300 38.51 -27.93 22.98
N PHE D 301 39.02 -27.46 24.11
CA PHE D 301 40.47 -27.48 24.37
C PHE D 301 40.72 -27.93 25.83
N HIS D 302 39.75 -28.55 26.46
CA HIS D 302 40.01 -29.11 27.79
C HIS D 302 41.37 -28.77 28.30
N SER D 303 41.46 -27.69 29.05
CA SER D 303 42.71 -27.26 29.70
C SER D 303 42.46 -26.72 31.09
N LYS D 304 43.24 -27.20 32.04
CA LYS D 304 43.03 -26.86 33.46
C LYS D 304 43.45 -25.42 33.81
N ASN D 305 43.21 -24.98 35.05
CA ASN D 305 43.55 -23.58 35.45
C ASN D 305 45.04 -23.32 35.46
N PRO D 306 45.60 -22.58 34.49
CA PRO D 306 47.03 -22.31 34.66
C PRO D 306 47.36 -21.44 35.90
N PHE D 307 46.45 -20.53 36.29
CA PHE D 307 46.68 -19.69 37.45
C PHE D 307 45.49 -19.73 38.39
N ASN D 308 45.80 -20.11 39.63
CA ASN D 308 44.77 -20.35 40.65
C ASN D 308 44.34 -19.01 41.22
N TRP D 309 45.27 -18.03 41.14
CA TRP D 309 44.92 -16.66 41.44
C TRP D 309 44.04 -16.14 40.31
N MET E 47 -32.09 49.13 -13.01
CA MET E 47 -31.08 48.94 -11.95
C MET E 47 -30.88 50.17 -11.07
N TYR E 48 -30.02 50.01 -10.05
CA TYR E 48 -29.92 50.94 -8.93
C TYR E 48 -28.46 51.08 -8.50
N PRO E 49 -27.65 51.83 -9.26
CA PRO E 49 -26.20 51.83 -9.02
C PRO E 49 -25.64 52.38 -7.68
N GLU E 50 -26.40 53.20 -6.96
CA GLU E 50 -25.90 53.78 -5.72
C GLU E 50 -26.02 52.70 -4.70
N VAL E 51 -27.12 51.96 -4.78
CA VAL E 51 -27.33 50.78 -3.97
C VAL E 51 -26.26 49.68 -4.13
N TRP E 52 -25.85 49.44 -5.34
CA TRP E 52 -24.79 48.51 -5.67
C TRP E 52 -23.50 48.83 -4.96
N ASN E 53 -23.23 50.13 -4.80
CA ASN E 53 -21.98 50.63 -4.24
C ASN E 53 -21.82 50.24 -2.77
N PHE E 54 -22.96 50.21 -2.08
CA PHE E 54 -23.02 49.79 -0.70
C PHE E 54 -22.81 48.28 -0.57
N TYR E 55 -23.28 47.54 -1.58
CA TYR E 55 -23.13 46.09 -1.59
C TYR E 55 -21.66 45.70 -1.77
N LYS E 56 -20.99 46.41 -2.68
CA LYS E 56 -19.63 46.08 -3.01
C LYS E 56 -18.66 46.59 -1.94
N LYS E 57 -19.15 47.50 -1.09
CA LYS E 57 -18.39 48.09 0.02
C LYS E 57 -18.61 47.30 1.30
N ALA E 58 -19.81 46.79 1.52
CA ALA E 58 -20.02 45.72 2.52
C ALA E 58 -19.21 44.42 2.22
N GLU E 59 -19.35 43.95 0.96
CA GLU E 59 -18.74 42.75 0.48
C GLU E 59 -17.23 42.88 0.55
N ALA E 60 -16.73 44.08 0.20
CA ALA E 60 -15.31 44.29 0.09
C ALA E 60 -14.78 44.66 1.43
N SER E 61 -15.66 44.55 2.40
CA SER E 61 -15.36 45.01 3.76
C SER E 61 -15.64 43.84 4.68
N PHE E 62 -15.91 42.69 4.03
CA PHE E 62 -16.22 41.44 4.73
C PHE E 62 -15.08 41.04 5.64
N TRP E 63 -15.41 40.36 6.73
CA TRP E 63 -14.43 39.83 7.65
C TRP E 63 -15.04 38.77 8.65
N THR E 64 -14.19 37.97 9.25
CA THR E 64 -14.70 37.03 10.25
C THR E 64 -14.01 36.96 11.60
N ALA E 65 -14.64 36.23 12.52
CA ALA E 65 -14.20 36.16 13.92
C ALA E 65 -12.77 35.65 14.11
N GLU E 66 -12.22 34.92 13.13
CA GLU E 66 -10.82 34.52 13.17
C GLU E 66 -9.85 35.70 13.16
N GLU E 67 -10.27 36.88 12.65
CA GLU E 67 -9.36 38.00 12.50
C GLU E 67 -9.15 38.79 13.83
N ILE E 68 -9.65 38.25 14.94
CA ILE E 68 -9.74 39.02 16.21
C ILE E 68 -8.73 38.55 17.27
N ASP E 69 -8.79 37.26 17.55
CA ASP E 69 -7.81 36.59 18.38
C ASP E 69 -7.61 37.34 19.71
N LEU E 70 -8.56 37.10 20.61
CA LEU E 70 -8.68 37.73 21.94
C LEU E 70 -7.58 37.31 22.88
N SER E 71 -6.48 36.77 22.36
CA SER E 71 -5.54 36.07 23.22
C SER E 71 -4.85 36.93 24.27
N SER E 72 -4.88 38.25 24.09
CA SER E 72 -3.85 39.09 24.63
C SER E 72 -4.26 39.86 25.85
N ASP E 73 -5.55 40.02 26.08
CA ASP E 73 -5.92 40.94 27.12
C ASP E 73 -7.16 40.48 27.99
N LEU E 74 -7.04 39.36 28.70
CA LEU E 74 -7.95 39.06 29.82
C LEU E 74 -7.18 39.46 31.04
N LYS E 75 -5.90 39.76 30.80
CA LYS E 75 -5.04 40.33 31.81
C LYS E 75 -5.50 41.74 32.09
N ASP E 76 -5.96 42.44 31.05
CA ASP E 76 -6.56 43.78 31.18
C ASP E 76 -7.88 43.74 31.98
N PHE E 77 -8.68 42.72 31.64
CA PHE E 77 -9.99 42.48 32.27
C PHE E 77 -9.81 42.11 33.78
N GLU E 78 -8.76 41.39 34.10
CA GLU E 78 -8.44 41.15 35.48
C GLU E 78 -7.78 42.39 36.15
N LYS E 79 -7.12 43.25 35.36
CA LYS E 79 -6.49 44.49 35.94
C LYS E 79 -7.55 45.61 36.17
N LEU E 80 -8.61 45.55 35.37
CA LEU E 80 -9.82 46.34 35.50
C LEU E 80 -10.43 46.18 36.89
N ASN E 81 -11.69 46.61 37.10
CA ASN E 81 -12.33 46.35 38.42
C ASN E 81 -13.81 46.57 38.34
N VAL E 82 -14.55 46.10 39.35
CA VAL E 82 -16.01 46.30 39.37
C VAL E 82 -16.69 47.67 39.00
N ASN E 83 -15.98 48.57 38.37
CA ASN E 83 -16.65 49.63 37.63
C ASN E 83 -16.70 49.12 36.16
N GLU E 84 -15.59 48.48 35.81
CA GLU E 84 -15.29 48.18 34.45
C GLU E 84 -15.92 46.80 34.30
N LYS E 85 -15.36 45.84 35.01
CA LYS E 85 -15.75 44.42 34.97
C LYS E 85 -17.15 44.01 34.51
N HIS E 86 -18.20 44.31 35.28
CA HIS E 86 -19.49 43.76 34.86
C HIS E 86 -20.37 44.74 34.16
N PHE E 87 -19.85 45.94 33.90
CA PHE E 87 -20.45 46.73 32.88
C PHE E 87 -20.20 45.93 31.60
N ILE E 88 -18.93 45.58 31.36
CA ILE E 88 -18.58 44.78 30.18
C ILE E 88 -19.39 43.46 30.07
N LYS E 89 -19.44 42.67 31.15
CA LYS E 89 -20.13 41.37 31.18
C LYS E 89 -21.59 41.52 30.87
N HIS E 90 -22.19 42.63 31.30
CA HIS E 90 -23.58 42.93 30.93
C HIS E 90 -23.75 43.58 29.50
N VAL E 91 -22.85 44.47 29.04
CA VAL E 91 -22.99 45.01 27.68
C VAL E 91 -22.93 43.94 26.64
N LEU E 92 -21.93 43.05 26.81
CA LEU E 92 -21.74 41.88 25.95
C LEU E 92 -22.98 41.03 25.96
N ALA E 93 -23.53 40.82 27.15
CA ALA E 93 -24.73 40.02 27.36
C ALA E 93 -25.97 40.74 26.86
N PHE E 94 -25.88 42.04 26.73
CA PHE E 94 -26.96 42.78 26.13
C PHE E 94 -26.92 42.84 24.60
N PHE E 95 -25.73 42.94 24.02
CA PHE E 95 -25.55 42.68 22.58
C PHE E 95 -26.10 41.32 22.07
N ALA E 96 -25.98 40.28 22.87
CA ALA E 96 -26.48 38.94 22.47
C ALA E 96 -27.88 38.63 23.03
N ALA E 97 -28.88 39.34 22.49
CA ALA E 97 -30.30 39.18 22.87
C ALA E 97 -31.20 39.55 21.66
N SER E 98 -30.90 40.71 21.04
CA SER E 98 -31.56 41.24 19.83
C SER E 98 -30.80 40.80 18.57
N GLU E 104 -33.09 38.18 16.54
CA GLU E 104 -34.19 38.94 15.89
C GLU E 104 -34.26 38.83 14.34
N ASN E 105 -35.47 38.81 13.77
CA ASN E 105 -35.69 38.95 12.32
C ASN E 105 -35.86 40.44 11.92
N LEU E 106 -35.05 40.89 10.95
CA LEU E 106 -34.96 42.29 10.52
C LEU E 106 -34.90 42.42 9.01
N ALA E 107 -33.68 42.23 8.52
CA ALA E 107 -33.36 42.32 7.10
C ALA E 107 -34.09 41.27 6.26
N SER E 108 -34.37 40.11 6.84
CA SER E 108 -35.14 39.09 6.13
C SER E 108 -36.59 39.54 5.90
N LYS E 109 -37.07 40.47 6.71
CA LYS E 109 -38.40 41.03 6.50
C LYS E 109 -38.38 42.02 5.36
N PHE E 110 -37.26 42.72 5.22
CA PHE E 110 -37.08 43.60 4.09
C PHE E 110 -36.61 42.87 2.81
N LEU E 111 -35.87 41.76 2.97
CA LEU E 111 -35.54 40.86 1.83
C LEU E 111 -36.76 40.50 0.97
N ARG E 112 -37.89 40.19 1.61
CA ARG E 112 -39.11 39.80 0.89
C ARG E 112 -39.89 41.02 0.33
N GLU E 113 -39.83 42.16 1.03
CA GLU E 113 -40.56 43.38 0.68
C GLU E 113 -39.90 44.08 -0.49
N VAL E 114 -38.67 44.57 -0.27
CA VAL E 114 -37.93 45.37 -1.26
C VAL E 114 -37.65 44.56 -2.52
N GLU E 115 -38.43 44.83 -3.57
CA GLU E 115 -38.32 44.05 -4.79
C GLU E 115 -37.28 44.58 -5.82
N ILE E 116 -36.10 45.01 -5.34
CA ILE E 116 -35.00 45.36 -6.29
C ILE E 116 -33.72 44.56 -6.03
N ILE E 117 -33.33 43.76 -7.04
CA ILE E 117 -32.24 42.80 -6.99
C ILE E 117 -31.01 43.31 -6.18
N GLU E 118 -30.56 44.50 -6.56
CA GLU E 118 -29.42 45.18 -5.95
C GLU E 118 -29.57 45.34 -4.43
N ALA E 119 -30.80 45.48 -3.97
CA ALA E 119 -31.02 45.69 -2.58
C ALA E 119 -31.20 44.37 -1.79
N LYS E 120 -31.95 43.45 -2.37
CA LYS E 120 -31.99 42.08 -1.90
C LYS E 120 -30.58 41.56 -1.60
N LYS E 121 -29.66 41.87 -2.50
CA LYS E 121 -28.30 41.44 -2.36
C LYS E 121 -27.63 42.08 -1.18
N PHE E 122 -27.87 43.36 -0.94
CA PHE E 122 -27.34 44.00 0.24
C PHE E 122 -27.93 43.40 1.54
N TYR E 123 -29.24 43.18 1.57
CA TYR E 123 -29.83 42.65 2.78
C TYR E 123 -29.44 41.21 3.03
N SER E 124 -29.41 40.38 1.97
CA SER E 124 -29.00 38.95 2.09
C SER E 124 -27.59 38.86 2.65
N PHE E 125 -26.79 39.87 2.35
CA PHE E 125 -25.44 39.95 2.84
C PHE E 125 -25.39 40.53 4.23
N GLN E 126 -26.36 41.37 4.59
CA GLN E 126 -26.43 41.96 5.95
C GLN E 126 -26.50 40.88 6.99
N ILE E 127 -27.41 39.95 6.75
CA ILE E 127 -27.71 38.84 7.66
C ILE E 127 -26.50 37.91 7.94
N ALA E 128 -25.70 37.60 6.91
CA ALA E 128 -24.45 36.90 7.14
C ALA E 128 -23.52 37.66 8.01
N VAL E 129 -23.20 38.90 7.63
CA VAL E 129 -22.33 39.72 8.49
C VAL E 129 -22.89 39.95 9.92
N GLU E 130 -24.21 39.92 10.07
CA GLU E 130 -24.78 40.21 11.36
C GLU E 130 -24.61 39.01 12.25
N ASN E 131 -24.68 37.84 11.59
CA ASN E 131 -24.40 36.57 12.19
C ASN E 131 -22.92 36.44 12.59
N ILE E 132 -22.05 37.10 11.81
CA ILE E 132 -20.62 37.19 12.14
C ILE E 132 -20.37 38.15 13.36
N HIS E 133 -21.18 39.18 13.48
CA HIS E 133 -21.10 39.97 14.70
C HIS E 133 -21.51 39.14 15.93
N SER E 134 -22.55 38.33 15.76
CA SER E 134 -23.10 37.58 16.88
C SER E 134 -22.15 36.51 17.41
N GLU E 135 -21.55 35.74 16.52
CA GLU E 135 -20.49 34.82 16.92
C GLU E 135 -19.33 35.53 17.63
N THR E 136 -19.02 36.76 17.21
CA THR E 136 -17.89 37.43 17.85
C THR E 136 -18.25 37.76 19.29
N TYR E 137 -19.51 38.03 19.54
CA TYR E 137 -19.93 38.34 20.91
C TYR E 137 -19.99 37.08 21.72
N SER E 138 -20.54 36.01 21.12
CA SER E 138 -20.54 34.67 21.74
C SER E 138 -19.13 34.32 22.14
N LEU E 139 -18.19 34.55 21.22
CA LEU E 139 -16.80 34.31 21.54
C LEU E 139 -16.27 35.19 22.65
N LEU E 140 -16.67 36.46 22.63
CA LEU E 140 -16.25 37.43 23.65
C LEU E 140 -16.78 37.00 25.02
N ILE E 141 -18.06 36.69 25.05
CA ILE E 141 -18.70 36.20 26.24
C ILE E 141 -18.04 34.93 26.72
N ASP E 142 -17.50 34.13 25.80
CA ASP E 142 -16.74 32.91 26.12
C ASP E 142 -15.39 33.20 26.84
N ASN E 143 -14.71 34.34 26.58
CA ASN E 143 -13.42 34.68 27.24
C ASN E 143 -13.59 35.46 28.55
N TYR E 144 -14.33 36.59 28.49
CA TYR E 144 -14.51 37.51 29.64
C TYR E 144 -15.38 36.88 30.71
N ILE E 145 -16.28 35.97 30.30
CA ILE E 145 -17.15 35.27 31.23
C ILE E 145 -17.04 33.76 30.98
N LYS E 146 -15.80 33.29 31.10
CA LYS E 146 -15.41 31.96 30.71
C LYS E 146 -16.29 30.83 31.30
N ASP E 147 -16.53 30.79 32.64
CA ASP E 147 -17.34 29.67 33.26
C ASP E 147 -18.87 29.75 33.04
N GLU E 148 -19.49 28.69 32.50
CA GLU E 148 -20.92 28.76 32.15
C GLU E 148 -21.95 28.93 33.27
N LYS E 149 -21.53 29.37 34.45
CA LYS E 149 -22.52 29.74 35.47
C LYS E 149 -22.93 31.18 35.18
N GLU E 150 -21.97 32.07 35.36
CA GLU E 150 -22.09 33.41 34.85
C GLU E 150 -22.66 33.45 33.40
N ARG E 151 -22.54 32.37 32.60
CA ARG E 151 -23.21 32.46 31.30
C ARG E 151 -24.71 32.59 31.55
N LEU E 152 -25.28 31.65 32.31
CA LEU E 152 -26.71 31.68 32.59
C LEU E 152 -27.25 32.76 33.58
N ASN E 153 -26.53 33.15 34.61
CA ASN E 153 -27.21 34.08 35.54
C ASN E 153 -27.10 35.54 35.13
N LEU E 154 -26.54 35.71 33.92
CA LEU E 154 -26.34 36.99 33.32
C LEU E 154 -27.35 37.26 32.25
N PHE E 155 -27.71 36.26 31.47
CA PHE E 155 -28.62 36.58 30.40
C PHE E 155 -29.99 36.60 30.99
N HIS E 156 -30.07 36.04 32.20
CA HIS E 156 -31.33 35.93 32.95
C HIS E 156 -31.66 37.29 33.50
N ALA E 157 -30.61 37.86 34.07
CA ALA E 157 -30.63 39.13 34.72
C ALA E 157 -31.27 40.14 33.80
N ILE E 158 -31.10 39.88 32.49
CA ILE E 158 -31.49 40.82 31.43
C ILE E 158 -32.46 40.17 30.43
N GLU E 159 -32.91 38.96 30.74
CA GLU E 159 -34.10 38.38 30.09
C GLU E 159 -35.23 39.34 30.46
N ASN E 160 -35.12 39.96 31.64
CA ASN E 160 -36.16 40.89 32.15
C ASN E 160 -35.73 42.19 32.89
N ILE E 161 -35.02 43.07 32.19
CA ILE E 161 -34.63 44.38 32.73
C ILE E 161 -35.16 45.48 31.78
N PRO E 162 -35.39 46.72 32.30
CA PRO E 162 -36.28 47.62 31.61
C PRO E 162 -35.81 48.17 30.26
N ALA E 163 -34.53 48.11 29.95
CA ALA E 163 -34.07 48.48 28.62
C ALA E 163 -34.72 47.58 27.54
N ILE E 164 -35.00 46.33 27.92
CA ILE E 164 -35.71 45.36 27.06
C ILE E 164 -37.21 45.62 26.99
N LYS E 165 -37.77 46.06 28.13
CA LYS E 165 -39.15 46.51 28.18
C LYS E 165 -39.32 47.57 27.13
N ASN E 166 -38.41 48.54 27.13
CA ASN E 166 -38.47 49.65 26.21
C ASN E 166 -38.16 49.21 24.80
N LYS E 167 -37.08 48.47 24.64
CA LYS E 167 -36.63 47.99 23.32
C LYS E 167 -37.71 47.17 22.61
N ALA E 168 -38.37 46.28 23.34
CA ALA E 168 -39.40 45.41 22.79
C ALA E 168 -40.69 46.17 22.44
N LEU E 169 -41.18 46.99 23.37
CA LEU E 169 -42.43 47.77 23.19
C LEU E 169 -42.35 48.73 21.98
N TRP E 170 -41.19 49.34 21.77
CA TRP E 170 -40.91 50.22 20.64
C TRP E 170 -40.91 49.41 19.35
N ALA E 171 -40.33 48.19 19.46
CA ALA E 171 -40.35 47.18 18.40
C ALA E 171 -41.75 46.79 18.03
N ALA E 172 -42.63 46.73 19.02
CA ALA E 172 -44.01 46.35 18.80
C ALA E 172 -44.84 47.49 18.19
N LYS E 173 -44.47 48.73 18.51
CA LYS E 173 -45.21 49.90 18.00
C LYS E 173 -44.86 50.25 16.56
N TRP E 174 -43.57 50.19 16.19
CA TRP E 174 -43.12 50.55 14.84
C TRP E 174 -42.70 49.35 13.95
N ILE E 175 -41.79 48.51 14.45
CA ILE E 175 -41.23 47.33 13.73
C ILE E 175 -42.22 46.14 13.68
N ASN E 176 -41.89 45.11 12.91
CA ASN E 176 -42.64 43.83 12.84
C ASN E 176 -44.15 44.01 12.52
N ASP E 177 -44.49 45.25 12.18
CA ASP E 177 -45.84 45.74 12.29
C ASP E 177 -46.64 45.67 10.98
N THR E 178 -47.90 46.09 11.04
CA THR E 178 -48.83 46.09 9.89
C THR E 178 -49.50 47.45 9.64
N ASN E 179 -48.72 48.42 9.17
CA ASN E 179 -49.26 49.72 8.77
C ASN E 179 -48.60 50.34 7.55
N SER E 180 -47.36 50.80 7.71
CA SER E 180 -46.66 51.46 6.60
C SER E 180 -45.22 50.95 6.45
N PHE E 181 -44.81 50.71 5.21
CA PHE E 181 -43.44 50.28 4.94
C PHE E 181 -42.47 51.43 5.21
N ALA E 182 -42.90 52.65 4.89
CA ALA E 182 -42.13 53.84 5.21
C ALA E 182 -41.74 53.90 6.69
N GLU E 183 -42.70 53.70 7.58
CA GLU E 183 -42.44 53.67 9.02
C GLU E 183 -41.37 52.67 9.37
N ARG E 184 -41.48 51.46 8.80
CA ARG E 184 -40.59 50.35 9.10
C ARG E 184 -39.14 50.68 8.86
N ILE E 185 -38.86 51.27 7.69
CA ILE E 185 -37.48 51.66 7.34
C ILE E 185 -36.94 52.76 8.27
N VAL E 186 -37.78 53.74 8.61
CA VAL E 186 -37.34 54.76 9.57
C VAL E 186 -36.96 54.08 10.89
N ALA E 187 -37.89 53.26 11.38
CA ALA E 187 -37.70 52.45 12.57
C ALA E 187 -36.47 51.58 12.48
N ASN E 188 -36.25 50.99 11.30
CA ASN E 188 -35.08 50.16 11.04
C ASN E 188 -33.76 50.91 10.95
N ALA E 189 -33.78 52.12 10.38
CA ALA E 189 -32.63 53.06 10.42
C ALA E 189 -32.29 53.48 11.87
N CYS E 190 -33.29 53.47 12.75
CA CYS E 190 -33.05 53.73 14.16
C CYS E 190 -32.39 52.52 14.89
N VAL E 191 -32.90 51.31 14.60
CA VAL E 191 -32.39 50.04 15.15
C VAL E 191 -30.92 49.94 14.83
N GLU E 192 -30.59 50.33 13.59
CA GLU E 192 -29.24 50.23 13.02
C GLU E 192 -28.48 51.55 13.04
N GLY E 193 -28.88 52.46 13.94
CA GLY E 193 -28.26 53.77 14.00
C GLY E 193 -28.23 54.36 15.39
N ILE E 194 -29.38 54.36 16.06
CA ILE E 194 -29.45 54.94 17.39
C ILE E 194 -29.31 53.79 18.41
N LEU E 195 -29.99 52.67 18.20
CA LEU E 195 -29.82 51.54 19.09
C LEU E 195 -28.36 51.05 19.10
N PHE E 196 -27.82 50.76 20.28
CA PHE E 196 -26.43 50.38 20.56
C PHE E 196 -25.38 51.50 20.41
N SER E 197 -25.80 52.66 19.92
CA SER E 197 -24.88 53.81 19.73
C SER E 197 -24.20 54.21 21.00
N GLY E 198 -24.95 54.14 22.07
CA GLY E 198 -24.35 54.36 23.37
C GLY E 198 -23.37 53.26 23.74
N SER E 199 -23.86 52.03 23.63
CA SER E 199 -23.09 50.83 23.92
C SER E 199 -21.75 50.78 23.18
N PHE E 200 -21.77 51.23 21.92
CA PHE E 200 -20.61 51.25 21.06
C PHE E 200 -19.62 52.23 21.63
N CYS E 201 -20.12 53.43 21.91
CA CYS E 201 -19.29 54.54 22.39
C CYS E 201 -18.58 54.12 23.69
N ALA E 202 -19.28 53.38 24.55
CA ALA E 202 -18.72 52.88 25.82
C ALA E 202 -17.49 51.99 25.63
N ILE E 203 -17.52 51.18 24.58
CA ILE E 203 -16.38 50.28 24.29
C ILE E 203 -15.18 51.02 23.71
N PHE E 204 -15.46 52.12 22.99
CA PHE E 204 -14.44 53.08 22.57
C PHE E 204 -13.73 53.78 23.74
N TRP E 205 -14.45 54.03 24.83
CA TRP E 205 -13.84 54.59 26.04
C TRP E 205 -12.72 53.69 26.58
N PHE E 206 -12.80 52.38 26.31
CA PHE E 206 -11.65 51.47 26.64
C PHE E 206 -10.54 51.47 25.60
N LYS E 207 -10.96 51.72 24.35
CA LYS E 207 -10.03 51.91 23.28
C LYS E 207 -9.11 53.05 23.56
N LYS E 208 -9.64 54.13 24.13
CA LYS E 208 -8.80 55.32 24.44
C LYS E 208 -7.80 55.08 25.59
N GLN E 209 -8.01 53.98 26.31
CA GLN E 209 -7.15 53.60 27.43
C GLN E 209 -6.19 52.52 27.01
N ASN E 210 -6.16 52.22 25.72
CA ASN E 210 -5.26 51.18 25.20
C ASN E 210 -5.45 49.92 26.01
N LYS E 211 -6.70 49.57 26.25
CA LYS E 211 -6.95 48.24 26.82
C LYS E 211 -8.02 47.50 26.03
N LEU E 212 -8.19 46.23 26.42
CA LEU E 212 -9.10 45.26 25.85
C LEU E 212 -9.07 45.10 24.33
N HIS E 213 -7.87 44.85 23.83
CA HIS E 213 -7.59 43.93 22.68
C HIS E 213 -8.73 43.44 21.78
N GLY E 214 -9.47 44.28 21.10
CA GLY E 214 -10.41 43.65 20.18
C GLY E 214 -11.70 43.24 20.83
N LEU E 215 -11.84 43.50 22.12
CA LEU E 215 -13.13 43.92 22.58
C LEU E 215 -13.35 45.24 21.83
N THR E 216 -12.29 46.06 21.74
CA THR E 216 -12.40 47.39 21.11
C THR E 216 -12.27 47.29 19.61
N PHE E 217 -11.35 46.44 19.14
CA PHE E 217 -11.12 46.25 17.72
C PHE E 217 -12.31 45.56 17.02
N SER E 218 -12.85 44.52 17.62
CA SER E 218 -14.08 43.98 17.12
C SER E 218 -15.13 45.10 17.08
N ASN E 219 -15.32 45.76 18.23
CA ASN E 219 -16.23 46.86 18.47
C ASN E 219 -16.11 47.92 17.41
N GLU E 220 -14.88 48.05 16.90
CA GLU E 220 -14.49 48.91 15.77
C GLU E 220 -15.10 48.48 14.44
N LEU E 221 -14.99 47.18 14.14
CA LEU E 221 -15.47 46.63 12.89
C LEU E 221 -16.96 46.53 12.92
N ILE E 222 -17.51 46.12 14.06
CA ILE E 222 -18.97 46.05 14.21
C ILE E 222 -19.62 47.43 14.00
N SER E 223 -19.09 48.47 14.66
CA SER E 223 -19.73 49.83 14.58
C SER E 223 -19.53 50.48 13.20
N ARG E 224 -18.37 50.27 12.58
CA ARG E 224 -18.21 50.66 11.19
C ARG E 224 -19.26 49.93 10.35
N ASP E 225 -19.41 48.61 10.54
CA ASP E 225 -20.38 47.84 9.76
C ASP E 225 -21.79 48.35 10.02
N GLU E 226 -22.19 48.48 11.26
CA GLU E 226 -23.51 49.01 11.57
C GLU E 226 -23.72 50.45 11.04
N GLY E 227 -22.62 51.16 10.78
CA GLY E 227 -22.69 52.47 10.23
C GLY E 227 -23.19 52.36 8.78
N LEU E 228 -22.67 51.34 8.10
CA LEU E 228 -23.00 51.13 6.71
C LEU E 228 -24.48 50.81 6.49
N HIS E 229 -25.04 50.04 7.39
CA HIS E 229 -26.40 49.58 7.22
C HIS E 229 -27.31 50.75 7.51
N THR E 230 -26.85 51.67 8.34
CA THR E 230 -27.60 52.88 8.65
C THR E 230 -27.71 53.71 7.40
N ASP E 231 -26.56 53.93 6.74
CA ASP E 231 -26.49 54.80 5.58
C ASP E 231 -27.35 54.18 4.50
N PHE E 232 -27.47 52.84 4.53
CA PHE E 232 -28.23 52.18 3.49
C PHE E 232 -29.69 52.50 3.61
N ASN E 233 -30.27 52.23 4.77
CA ASN E 233 -31.71 52.46 4.94
C ASN E 233 -32.09 53.90 4.58
N CYS E 234 -31.10 54.79 4.63
CA CYS E 234 -31.34 56.21 4.29
C CYS E 234 -31.55 56.32 2.79
N LEU E 235 -30.70 55.65 2.01
CA LEU E 235 -30.86 55.69 0.56
C LEU E 235 -32.10 54.93 0.07
N ILE E 236 -32.67 54.07 0.89
CA ILE E 236 -33.93 53.39 0.52
C ILE E 236 -35.06 54.34 0.81
N TYR E 237 -34.88 55.15 1.84
CA TYR E 237 -35.81 56.23 2.13
C TYR E 237 -35.75 57.23 0.99
N SER E 238 -34.52 57.40 0.51
CA SER E 238 -34.17 58.36 -0.51
C SER E 238 -34.86 58.07 -1.79
N LEU E 239 -35.05 56.77 -2.06
CA LEU E 239 -35.68 56.35 -3.33
C LEU E 239 -37.12 55.94 -3.08
N LEU E 240 -37.63 56.43 -1.96
CA LEU E 240 -39.00 56.18 -1.61
C LEU E 240 -39.90 56.89 -2.60
N GLU E 241 -40.97 56.17 -2.90
CA GLU E 241 -42.11 56.63 -3.57
C GLU E 241 -42.80 57.78 -2.83
N ASN E 242 -43.38 57.48 -1.68
CA ASN E 242 -44.07 58.51 -0.88
C ASN E 242 -43.43 58.65 0.46
N LYS E 243 -42.57 59.65 0.64
CA LYS E 243 -41.91 59.76 1.95
C LYS E 243 -42.82 60.28 3.04
N LEU E 244 -42.42 60.02 4.27
CA LEU E 244 -43.23 60.36 5.44
C LEU E 244 -43.20 61.87 5.75
N PRO E 245 -44.25 62.38 6.41
CA PRO E 245 -44.18 63.71 7.01
C PRO E 245 -43.13 63.72 8.10
N GLU E 246 -42.22 64.69 8.08
CA GLU E 246 -41.16 64.80 9.08
C GLU E 246 -41.68 64.75 10.55
N ASN E 247 -42.95 65.10 10.77
CA ASN E 247 -43.53 65.01 12.13
C ASN E 247 -43.52 63.55 12.68
N VAL E 248 -43.82 62.58 11.81
CA VAL E 248 -43.82 61.15 12.17
C VAL E 248 -42.40 60.59 12.37
N VAL E 249 -41.53 60.87 11.41
CA VAL E 249 -40.12 60.50 11.49
C VAL E 249 -39.51 60.94 12.82
N GLN E 250 -39.80 62.16 13.25
CA GLN E 250 -39.32 62.72 14.51
C GLN E 250 -39.85 61.97 15.72
N ASN E 251 -41.09 61.47 15.60
CA ASN E 251 -41.73 60.64 16.63
C ASN E 251 -40.95 59.35 16.83
N ILE E 252 -40.72 58.63 15.72
CA ILE E 252 -39.96 57.40 15.69
C ILE E 252 -38.60 57.64 16.32
N VAL E 253 -37.89 58.65 15.84
CA VAL E 253 -36.55 58.98 16.35
C VAL E 253 -36.51 59.25 17.87
N LYS E 254 -37.35 60.18 18.34
CA LYS E 254 -37.40 60.55 19.74
C LYS E 254 -37.54 59.30 20.54
N GLU E 255 -38.56 58.51 20.21
CA GLU E 255 -38.85 57.27 20.99
C GLU E 255 -37.68 56.26 20.95
N ALA E 256 -36.96 56.20 19.83
CA ALA E 256 -35.73 55.42 19.71
C ALA E 256 -34.66 55.95 20.63
N VAL E 257 -34.63 57.27 20.83
CA VAL E 257 -33.57 57.94 21.62
C VAL E 257 -33.82 57.60 23.07
N GLU E 258 -35.09 57.74 23.47
CA GLU E 258 -35.45 57.47 24.85
C GLU E 258 -35.21 56.01 25.21
N VAL E 259 -35.45 55.12 24.24
CA VAL E 259 -35.29 53.68 24.43
C VAL E 259 -33.81 53.34 24.53
N GLU E 260 -32.99 53.93 23.66
CA GLU E 260 -31.54 53.79 23.72
C GLU E 260 -30.92 54.33 25.01
N ARG E 261 -31.43 55.47 25.51
CA ARG E 261 -30.95 56.11 26.74
C ARG E 261 -31.18 55.29 27.98
N SER E 262 -32.31 54.58 28.00
CA SER E 262 -32.62 53.67 29.09
C SER E 262 -31.62 52.47 29.19
N PHE E 263 -30.68 52.42 28.27
CA PHE E 263 -29.61 51.42 28.24
C PHE E 263 -28.41 51.93 29.03
N ILE E 264 -27.56 52.62 28.28
CA ILE E 264 -26.32 53.29 28.74
C ILE E 264 -26.44 54.40 29.80
N CYS E 265 -27.57 55.10 29.89
CA CYS E 265 -27.66 56.15 30.91
C CYS E 265 -28.47 55.71 32.10
N GLU E 266 -29.20 54.61 31.97
CA GLU E 266 -30.09 54.12 33.03
C GLU E 266 -29.84 52.71 33.52
N SER E 267 -30.10 51.74 32.63
CA SER E 267 -30.08 50.33 32.99
C SER E 267 -28.68 49.88 33.23
N LEU E 268 -27.81 50.21 32.30
CA LEU E 268 -26.43 49.81 32.40
C LEU E 268 -25.59 51.07 32.21
N PRO E 269 -25.45 51.86 33.29
CA PRO E 269 -24.88 53.22 33.24
C PRO E 269 -23.41 53.27 32.86
N CYS E 270 -23.09 53.94 31.75
CA CYS E 270 -21.69 54.19 31.35
C CYS E 270 -20.99 54.96 32.49
N ASP E 271 -21.78 55.64 33.35
CA ASP E 271 -21.20 56.58 34.33
C ASP E 271 -20.43 55.80 35.34
N LEU E 272 -20.07 54.58 34.94
CA LEU E 272 -19.55 53.53 35.77
C LEU E 272 -18.28 52.85 35.12
N ILE E 273 -17.94 53.24 33.88
CA ILE E 273 -16.72 52.75 33.20
C ILE E 273 -15.67 53.86 33.12
N GLY E 274 -16.15 55.06 33.49
CA GLY E 274 -15.36 56.30 33.60
C GLY E 274 -16.04 57.45 32.88
N MET E 275 -17.17 57.14 32.23
CA MET E 275 -17.91 58.09 31.39
C MET E 275 -18.90 58.88 32.22
N ASN E 276 -19.40 59.96 31.65
CA ASN E 276 -20.47 60.76 32.18
C ASN E 276 -21.80 60.37 31.49
N SER E 277 -22.74 59.88 32.27
CA SER E 277 -24.05 59.57 31.74
C SER E 277 -24.75 60.75 31.02
N ARG E 278 -24.54 61.96 31.50
CA ARG E 278 -25.22 63.10 30.80
C ARG E 278 -24.57 63.52 29.48
N LEU E 279 -23.23 63.44 29.43
CA LEU E 279 -22.47 63.69 28.21
C LEU E 279 -22.84 62.65 27.13
N MET E 280 -22.95 61.39 27.54
CA MET E 280 -23.47 60.28 26.73
C MET E 280 -24.87 60.55 26.23
N SER E 281 -25.73 61.00 27.15
CA SER E 281 -27.07 61.42 26.81
C SER E 281 -27.04 62.40 25.66
N GLN E 282 -26.07 63.30 25.67
CA GLN E 282 -25.96 64.27 24.58
C GLN E 282 -25.38 63.67 23.32
N TYR E 283 -24.59 62.61 23.49
CA TYR E 283 -24.08 61.85 22.34
C TYR E 283 -25.17 61.18 21.54
N ILE E 284 -26.19 60.68 22.24
CA ILE E 284 -27.31 60.03 21.59
C ILE E 284 -28.03 61.03 20.72
N GLU E 285 -28.39 62.15 21.37
CA GLU E 285 -28.96 63.34 20.76
C GLU E 285 -28.25 63.70 19.43
N PHE E 286 -26.93 63.87 19.52
CA PHE E 286 -26.08 64.11 18.36
C PHE E 286 -26.16 63.02 17.28
N VAL E 287 -26.14 61.75 17.69
CA VAL E 287 -26.27 60.62 16.77
C VAL E 287 -27.66 60.69 16.12
N ALA E 288 -28.66 60.93 16.98
CA ALA E 288 -30.04 61.09 16.50
C ALA E 288 -30.20 62.18 15.47
N ASP E 289 -29.70 63.37 15.79
CA ASP E 289 -29.70 64.47 14.85
C ASP E 289 -29.00 64.23 13.47
N ARG E 290 -27.80 63.66 13.49
CA ARG E 290 -27.10 63.22 12.25
C ARG E 290 -27.98 62.26 11.48
N LEU E 291 -28.72 61.39 12.18
CA LEU E 291 -29.62 60.46 11.50
C LEU E 291 -30.70 61.24 10.81
N LEU E 292 -31.34 62.13 11.54
CA LEU E 292 -32.34 62.97 10.94
C LEU E 292 -31.88 63.62 9.60
N GLU E 293 -30.61 64.02 9.51
CA GLU E 293 -30.07 64.62 8.27
C GLU E 293 -29.80 63.59 7.19
N CYS E 294 -29.38 62.39 7.60
CA CYS E 294 -29.28 61.25 6.69
C CYS E 294 -30.65 60.92 6.16
N LEU E 295 -31.64 61.14 7.00
CA LEU E 295 -33.02 60.90 6.65
C LEU E 295 -33.70 61.98 5.83
N GLY E 296 -32.98 63.06 5.60
CA GLY E 296 -33.54 64.17 4.86
C GLY E 296 -34.56 64.92 5.69
N CYS E 297 -34.28 65.06 6.97
CA CYS E 297 -35.14 65.82 7.82
C CYS E 297 -34.35 66.85 8.67
N SER E 298 -35.05 67.82 9.25
CA SER E 298 -34.46 68.81 10.14
C SER E 298 -34.22 68.21 11.49
N LYS E 299 -33.21 68.71 12.20
CA LYS E 299 -32.84 68.18 13.55
C LYS E 299 -33.93 68.45 14.59
N VAL E 300 -33.69 68.08 15.84
CA VAL E 300 -34.70 68.21 16.92
C VAL E 300 -34.08 68.51 18.28
N PHE E 301 -32.78 68.24 18.41
CA PHE E 301 -32.04 68.45 19.66
C PHE E 301 -30.71 69.17 19.36
N HIS E 302 -30.55 69.71 18.17
CA HIS E 302 -29.39 70.54 17.93
C HIS E 302 -28.38 70.47 19.09
N SER E 303 -27.42 69.57 18.98
CA SER E 303 -26.43 69.31 20.02
C SER E 303 -25.09 68.98 19.42
N LYS E 304 -24.02 69.74 19.75
CA LYS E 304 -22.66 69.54 19.19
C LYS E 304 -21.99 68.21 19.61
N ASN E 305 -20.78 67.91 19.10
CA ASN E 305 -20.07 66.63 19.41
C ASN E 305 -19.45 66.54 20.83
N PRO E 306 -20.18 65.94 21.79
CA PRO E 306 -19.56 65.87 23.13
C PRO E 306 -18.18 65.20 23.16
N PHE E 307 -17.98 64.10 22.42
CA PHE E 307 -16.63 63.55 22.30
C PHE E 307 -16.15 63.58 20.82
N ASN E 308 -14.98 64.18 20.59
CA ASN E 308 -14.45 64.33 19.24
C ASN E 308 -13.69 63.08 18.87
N TRP E 309 -13.31 62.29 19.89
CA TRP E 309 -12.76 60.93 19.73
C TRP E 309 -13.82 59.98 19.23
N MET F 47 -23.15 22.25 21.70
CA MET F 47 -23.63 22.49 20.31
C MET F 47 -23.51 21.31 19.34
N TYR F 48 -23.72 21.63 18.05
CA TYR F 48 -23.60 20.66 16.96
C TYR F 48 -22.32 20.94 16.18
N PRO F 49 -21.18 20.39 16.67
CA PRO F 49 -19.87 20.74 16.15
C PRO F 49 -19.45 20.13 14.82
N GLU F 50 -20.24 19.19 14.28
CA GLU F 50 -19.94 18.73 12.93
C GLU F 50 -20.52 19.72 11.90
N VAL F 51 -21.68 20.28 12.23
CA VAL F 51 -22.32 21.36 11.48
C VAL F 51 -21.57 22.72 11.51
N TRP F 52 -20.90 22.98 12.61
CA TRP F 52 -20.03 24.13 12.72
C TRP F 52 -18.82 24.10 11.82
N ASN F 53 -18.27 22.89 11.57
CA ASN F 53 -17.12 22.75 10.62
C ASN F 53 -17.44 22.99 9.16
N PHE F 54 -18.69 22.72 8.75
CA PHE F 54 -19.15 23.08 7.40
C PHE F 54 -19.28 24.64 7.26
N TYR F 55 -19.60 25.29 8.36
CA TYR F 55 -19.84 26.72 8.27
C TYR F 55 -18.48 27.44 8.17
N LYS F 56 -17.51 26.99 8.97
CA LYS F 56 -16.19 27.62 8.96
C LYS F 56 -15.39 27.26 7.72
N LYS F 57 -15.82 26.18 7.05
CA LYS F 57 -15.20 25.73 5.78
C LYS F 57 -15.84 26.43 4.63
N ALA F 58 -17.12 26.82 4.79
CA ALA F 58 -17.82 27.71 3.82
C ALA F 58 -17.19 29.07 3.88
N GLU F 59 -17.21 29.62 5.09
CA GLU F 59 -16.70 30.93 5.44
C GLU F 59 -15.26 31.08 4.95
N ALA F 60 -14.43 30.11 5.33
CA ALA F 60 -13.01 30.18 5.08
C ALA F 60 -12.76 29.84 3.63
N SER F 61 -13.83 29.54 2.90
CA SER F 61 -13.70 29.32 1.48
C SER F 61 -14.50 30.34 0.67
N PHE F 62 -14.84 31.46 1.33
CA PHE F 62 -15.60 32.57 0.77
C PHE F 62 -14.84 33.19 -0.37
N TRP F 63 -15.57 33.64 -1.37
CA TRP F 63 -14.98 34.26 -2.57
C TRP F 63 -15.97 35.17 -3.34
N THR F 64 -15.44 36.08 -4.15
CA THR F 64 -16.30 37.06 -4.76
C THR F 64 -16.03 37.24 -6.29
N ALA F 65 -16.93 37.91 -6.99
CA ALA F 65 -16.85 37.98 -8.46
C ALA F 65 -15.63 38.71 -8.91
N GLU F 66 -14.99 39.40 -7.98
CA GLU F 66 -13.81 40.21 -8.29
C GLU F 66 -12.57 39.33 -8.54
N GLU F 67 -12.58 38.11 -8.02
CA GLU F 67 -11.45 37.22 -8.23
C GLU F 67 -11.41 36.52 -9.57
N ILE F 68 -12.35 36.80 -10.46
CA ILE F 68 -12.43 35.99 -11.67
C ILE F 68 -11.80 36.69 -12.91
N ASP F 69 -12.18 37.95 -13.16
CA ASP F 69 -11.65 38.82 -14.26
C ASP F 69 -11.58 38.14 -15.65
N LEU F 70 -12.75 38.07 -16.30
CA LEU F 70 -12.91 37.31 -17.55
C LEU F 70 -12.16 37.93 -18.72
N SER F 71 -11.17 38.75 -18.41
CA SER F 71 -10.54 39.56 -19.45
C SER F 71 -9.97 38.79 -20.67
N SER F 72 -9.61 37.53 -20.47
CA SER F 72 -8.62 36.97 -21.32
C SER F 72 -9.14 36.10 -22.46
N ASP F 73 -10.37 35.60 -22.36
CA ASP F 73 -10.82 34.76 -23.47
C ASP F 73 -12.30 34.89 -23.91
N LEU F 74 -12.56 35.95 -24.67
CA LEU F 74 -13.73 36.06 -25.55
C LEU F 74 -13.14 35.71 -26.92
N LYS F 75 -11.81 35.74 -26.97
CA LYS F 75 -11.02 35.28 -28.10
C LYS F 75 -11.23 33.77 -28.31
N ASP F 76 -11.33 33.04 -27.19
CA ASP F 76 -11.64 31.59 -27.19
C ASP F 76 -13.09 31.33 -27.59
N PHE F 77 -13.98 32.24 -27.18
CA PHE F 77 -15.39 32.12 -27.49
C PHE F 77 -15.66 32.48 -28.96
N GLU F 78 -14.87 33.41 -29.52
CA GLU F 78 -14.99 33.71 -30.96
C GLU F 78 -14.21 32.66 -31.80
N LYS F 79 -13.21 32.00 -31.22
CA LYS F 79 -12.53 30.93 -31.97
C LYS F 79 -13.37 29.67 -31.89
N LEU F 80 -14.27 29.64 -30.92
CA LEU F 80 -15.09 28.47 -30.61
C LEU F 80 -16.00 28.13 -31.79
N ASN F 81 -16.72 27.06 -31.55
CA ASN F 81 -17.58 26.49 -32.51
C ASN F 81 -18.66 27.44 -32.85
N VAL F 82 -18.51 27.84 -34.09
CA VAL F 82 -19.57 27.81 -35.08
C VAL F 82 -20.87 27.15 -34.54
N ASN F 83 -20.74 26.34 -33.44
CA ASN F 83 -21.75 25.42 -32.75
C ASN F 83 -21.56 25.17 -31.20
N GLU F 84 -20.35 25.32 -30.68
CA GLU F 84 -20.15 25.25 -29.21
C GLU F 84 -20.60 26.56 -28.56
N LYS F 85 -20.68 27.61 -29.43
CA LYS F 85 -21.02 29.03 -29.08
C LYS F 85 -22.32 29.21 -28.33
N HIS F 86 -23.44 28.56 -28.72
CA HIS F 86 -24.73 28.75 -28.00
C HIS F 86 -25.23 27.61 -27.09
N PHE F 87 -24.37 26.61 -26.91
CA PHE F 87 -24.52 25.73 -25.78
C PHE F 87 -24.22 26.60 -24.60
N ILE F 88 -23.06 27.28 -24.65
CA ILE F 88 -22.67 28.14 -23.54
C ILE F 88 -23.73 29.23 -23.31
N LYS F 89 -24.10 29.96 -24.36
CA LYS F 89 -25.07 31.06 -24.28
C LYS F 89 -26.31 30.63 -23.54
N HIS F 90 -26.75 29.40 -23.86
CA HIS F 90 -27.94 28.77 -23.21
C HIS F 90 -27.67 28.19 -21.80
N VAL F 91 -26.47 27.65 -21.56
CA VAL F 91 -26.20 27.09 -20.22
C VAL F 91 -26.13 28.22 -19.17
N LEU F 92 -25.43 29.29 -19.52
CA LEU F 92 -25.36 30.45 -18.61
C LEU F 92 -26.73 31.10 -18.42
N ALA F 93 -27.55 31.08 -19.47
CA ALA F 93 -28.93 31.56 -19.36
C ALA F 93 -29.78 30.62 -18.55
N PHE F 94 -29.38 29.33 -18.56
CA PHE F 94 -30.04 28.26 -17.76
C PHE F 94 -29.78 28.46 -16.25
N PHE F 95 -28.52 28.71 -15.92
CA PHE F 95 -28.10 28.92 -14.55
C PHE F 95 -28.80 30.10 -13.91
N ALA F 96 -29.16 31.07 -14.73
CA ALA F 96 -29.78 32.29 -14.23
C ALA F 96 -31.30 32.30 -14.49
N ALA F 97 -32.01 31.39 -13.84
CA ALA F 97 -33.48 31.41 -13.76
C ALA F 97 -33.94 30.82 -12.42
N SER F 98 -33.25 29.78 -11.95
CA SER F 98 -33.52 29.20 -10.64
C SER F 98 -32.64 29.81 -9.54
N GLU F 104 -34.89 31.98 -6.97
CA GLU F 104 -35.83 31.18 -6.20
C GLU F 104 -35.44 31.10 -4.71
N ASN F 105 -36.43 30.84 -3.85
CA ASN F 105 -36.14 30.73 -2.41
C ASN F 105 -36.04 29.27 -1.94
N LEU F 106 -35.00 29.03 -1.13
CA LEU F 106 -34.57 27.68 -0.78
C LEU F 106 -34.07 27.64 0.66
N ALA F 107 -32.83 28.14 0.84
CA ALA F 107 -32.15 28.12 2.11
C ALA F 107 -32.97 28.86 3.15
N SER F 108 -33.64 29.93 2.72
CA SER F 108 -34.38 30.77 3.65
C SER F 108 -35.59 30.01 4.15
N LYS F 109 -36.00 28.98 3.40
CA LYS F 109 -37.10 28.12 3.84
C LYS F 109 -36.66 27.22 4.99
N PHE F 110 -35.41 26.78 4.94
CA PHE F 110 -34.85 26.02 6.03
C PHE F 110 -34.24 26.87 7.11
N LEU F 111 -33.88 28.11 6.82
CA LEU F 111 -33.44 29.07 7.86
C LEU F 111 -34.53 29.23 8.95
N ARG F 112 -35.79 29.25 8.52
CA ARG F 112 -36.95 29.36 9.42
C ARG F 112 -37.26 28.05 10.17
N GLU F 113 -37.16 26.93 9.45
CA GLU F 113 -37.47 25.61 10.03
C GLU F 113 -36.43 25.09 10.99
N VAL F 114 -35.22 24.81 10.50
CA VAL F 114 -34.14 24.25 11.31
C VAL F 114 -33.77 25.17 12.49
N GLU F 115 -34.17 24.72 13.69
CA GLU F 115 -34.01 25.48 14.94
C GLU F 115 -32.67 25.25 15.65
N ILE F 116 -31.56 25.15 14.92
CA ILE F 116 -30.23 25.05 15.56
C ILE F 116 -29.26 26.13 15.06
N ILE F 117 -28.80 26.97 15.99
CA ILE F 117 -28.04 28.18 15.65
C ILE F 117 -26.90 27.92 14.65
N GLU F 118 -26.16 26.84 14.90
CA GLU F 118 -25.07 26.31 14.03
C GLU F 118 -25.47 26.15 12.56
N ALA F 119 -26.72 25.73 12.33
CA ALA F 119 -27.21 25.49 10.96
C ALA F 119 -27.80 26.73 10.32
N LYS F 120 -28.53 27.54 11.11
CA LYS F 120 -28.96 28.87 10.69
C LYS F 120 -27.77 29.58 10.11
N LYS F 121 -26.67 29.50 10.84
CA LYS F 121 -25.47 30.15 10.43
C LYS F 121 -24.98 29.66 9.07
N PHE F 122 -25.14 28.38 8.79
CA PHE F 122 -24.70 27.84 7.55
C PHE F 122 -25.63 28.29 6.41
N TYR F 123 -26.92 28.26 6.69
CA TYR F 123 -27.92 28.63 5.69
C TYR F 123 -27.89 30.10 5.29
N SER F 124 -27.79 30.93 6.31
CA SER F 124 -27.73 32.39 6.13
C SER F 124 -26.52 32.79 5.28
N PHE F 125 -25.49 31.95 5.33
CA PHE F 125 -24.27 32.21 4.61
C PHE F 125 -24.36 31.56 3.21
N GLN F 126 -25.21 30.55 3.06
CA GLN F 126 -25.35 29.93 1.76
C GLN F 126 -26.05 30.82 0.82
N ILE F 127 -27.04 31.56 1.32
CA ILE F 127 -27.77 32.59 0.55
C ILE F 127 -26.79 33.62 -0.03
N ALA F 128 -25.89 34.14 0.82
CA ALA F 128 -24.99 35.18 0.36
C ALA F 128 -24.09 34.63 -0.72
N VAL F 129 -23.43 33.51 -0.44
CA VAL F 129 -22.58 32.84 -1.44
C VAL F 129 -23.35 32.44 -2.75
N GLU F 130 -24.65 32.16 -2.64
CA GLU F 130 -25.43 31.77 -3.79
C GLU F 130 -25.82 32.99 -4.62
N ASN F 131 -25.94 34.12 -3.93
CA ASN F 131 -26.01 35.41 -4.53
C ASN F 131 -24.77 35.83 -5.30
N ILE F 132 -23.59 35.49 -4.77
CA ILE F 132 -22.33 35.71 -5.47
C ILE F 132 -22.18 34.80 -6.69
N HIS F 133 -22.81 33.63 -6.67
CA HIS F 133 -22.79 32.77 -7.88
C HIS F 133 -23.63 33.47 -8.92
N SER F 134 -24.78 33.98 -8.49
CA SER F 134 -25.67 34.65 -9.40
C SER F 134 -24.95 35.77 -10.13
N GLU F 135 -24.29 36.67 -9.38
CA GLU F 135 -23.61 37.83 -10.03
C GLU F 135 -22.55 37.37 -10.99
N THR F 136 -21.97 36.20 -10.72
CA THR F 136 -20.87 35.69 -11.55
C THR F 136 -21.46 35.36 -12.91
N TYR F 137 -22.67 34.81 -12.84
CA TYR F 137 -23.34 34.37 -14.05
C TYR F 137 -23.82 35.58 -14.86
N SER F 138 -24.43 36.53 -14.16
CA SER F 138 -24.85 37.82 -14.77
C SER F 138 -23.67 38.50 -15.47
N LEU F 139 -22.53 38.51 -14.76
CA LEU F 139 -21.31 39.06 -15.29
C LEU F 139 -20.82 38.30 -16.57
N LEU F 140 -20.97 36.97 -16.54
CA LEU F 140 -20.63 36.06 -17.67
C LEU F 140 -21.52 36.31 -18.88
N ILE F 141 -22.80 36.28 -18.62
CA ILE F 141 -23.80 36.59 -19.61
C ILE F 141 -23.51 37.97 -20.20
N ASP F 142 -22.96 38.87 -19.37
CA ASP F 142 -22.58 40.23 -19.75
C ASP F 142 -21.47 40.27 -20.78
N ASN F 143 -20.57 39.27 -20.73
CA ASN F 143 -19.42 39.29 -21.63
C ASN F 143 -19.59 38.45 -22.84
N TYR F 144 -20.12 37.26 -22.61
CA TYR F 144 -20.24 36.24 -23.63
C TYR F 144 -21.38 36.58 -24.59
N ILE F 145 -22.38 37.32 -24.07
CA ILE F 145 -23.57 37.72 -24.83
C ILE F 145 -23.73 39.19 -24.67
N LYS F 146 -22.63 39.89 -25.02
CA LYS F 146 -22.44 41.32 -24.85
C LYS F 146 -23.71 42.12 -24.97
N ASP F 147 -24.28 42.10 -26.17
CA ASP F 147 -25.32 43.05 -26.59
C ASP F 147 -26.74 42.71 -26.08
N GLU F 148 -27.42 43.69 -25.47
CA GLU F 148 -28.75 43.55 -24.81
C GLU F 148 -29.91 42.93 -25.60
N LYS F 149 -29.82 42.96 -26.94
CA LYS F 149 -30.97 42.68 -27.84
C LYS F 149 -31.26 41.20 -27.93
N GLU F 150 -30.30 40.48 -27.36
CA GLU F 150 -30.16 39.05 -27.48
C GLU F 150 -29.84 38.51 -26.15
N ARG F 151 -29.51 39.42 -25.24
CA ARG F 151 -29.38 39.06 -23.83
C ARG F 151 -30.78 38.59 -23.61
N LEU F 152 -31.70 39.37 -24.20
CA LEU F 152 -33.11 39.40 -23.86
C LEU F 152 -33.83 38.23 -24.44
N ASN F 153 -33.72 38.06 -25.76
CA ASN F 153 -34.43 36.96 -26.42
C ASN F 153 -34.08 35.58 -25.81
N LEU F 154 -33.16 35.57 -24.85
CA LEU F 154 -32.68 34.31 -24.28
C LEU F 154 -33.52 33.71 -23.14
N PHE F 155 -33.59 34.41 -22.01
CA PHE F 155 -34.35 34.01 -20.83
C PHE F 155 -35.82 33.75 -21.14
N HIS F 156 -36.32 34.39 -22.20
CA HIS F 156 -37.73 34.29 -22.58
C HIS F 156 -37.88 33.31 -23.72
N ALA F 157 -36.80 32.56 -23.96
CA ALA F 157 -36.76 31.39 -24.84
C ALA F 157 -36.45 30.23 -23.92
N ILE F 158 -35.84 30.57 -22.80
CA ILE F 158 -35.60 29.58 -21.79
C ILE F 158 -36.61 29.51 -20.61
N GLU F 159 -37.39 30.57 -20.33
CA GLU F 159 -38.40 30.47 -19.29
C GLU F 159 -39.33 29.34 -19.60
N ASN F 160 -39.96 29.40 -20.77
CA ASN F 160 -40.64 28.22 -21.26
C ASN F 160 -39.64 27.35 -22.07
N ILE F 161 -39.25 26.20 -21.48
CA ILE F 161 -38.33 25.20 -22.06
C ILE F 161 -38.49 23.85 -21.27
N PRO F 162 -38.60 22.68 -21.97
CA PRO F 162 -39.14 21.51 -21.26
C PRO F 162 -38.35 21.15 -20.00
N ALA F 163 -37.07 21.51 -19.97
CA ALA F 163 -36.26 21.37 -18.77
C ALA F 163 -36.88 22.09 -17.57
N ILE F 164 -37.45 23.29 -17.78
CA ILE F 164 -38.14 23.99 -16.68
C ILE F 164 -39.53 23.43 -16.41
N LYS F 165 -40.17 22.91 -17.43
CA LYS F 165 -41.40 22.15 -17.24
C LYS F 165 -41.11 21.09 -16.15
N ASN F 166 -40.10 20.26 -16.40
CA ASN F 166 -39.76 19.20 -15.49
C ASN F 166 -39.18 19.74 -14.16
N LYS F 167 -38.30 20.73 -14.23
CA LYS F 167 -37.70 21.33 -13.01
C LYS F 167 -38.73 21.98 -12.08
N ALA F 168 -39.70 22.70 -12.65
CA ALA F 168 -40.76 23.31 -11.85
C ALA F 168 -41.73 22.27 -11.24
N LEU F 169 -42.26 21.37 -12.07
CA LEU F 169 -43.24 20.35 -11.66
C LEU F 169 -42.71 19.47 -10.53
N TRP F 170 -41.42 19.13 -10.59
CA TRP F 170 -40.75 18.33 -9.55
C TRP F 170 -40.60 19.15 -8.29
N ALA F 171 -40.35 20.45 -8.47
CA ALA F 171 -40.28 21.41 -7.35
C ALA F 171 -41.64 21.61 -6.72
N ALA F 172 -42.71 21.39 -7.50
CA ALA F 172 -44.06 21.48 -6.96
C ALA F 172 -44.47 20.23 -6.20
N LYS F 173 -43.96 19.08 -6.63
CA LYS F 173 -44.35 17.84 -5.97
C LYS F 173 -43.58 17.62 -4.66
N TRP F 174 -42.30 17.97 -4.65
CA TRP F 174 -41.43 17.67 -3.52
C TRP F 174 -41.12 18.91 -2.65
N ILE F 175 -40.57 19.96 -3.27
CA ILE F 175 -40.05 21.08 -2.50
C ILE F 175 -41.16 22.14 -2.39
N ASN F 176 -40.89 23.29 -1.78
CA ASN F 176 -41.95 24.31 -1.63
C ASN F 176 -43.28 23.56 -1.38
N ASP F 177 -43.31 22.67 -0.39
CA ASP F 177 -44.48 21.81 -0.23
C ASP F 177 -45.03 21.76 1.22
N THR F 178 -46.11 20.99 1.40
CA THR F 178 -46.88 20.93 2.66
C THR F 178 -47.10 19.48 3.08
N ASN F 179 -46.03 18.72 3.32
CA ASN F 179 -46.20 17.37 3.91
C ASN F 179 -45.11 16.90 4.90
N SER F 180 -43.87 16.74 4.43
CA SER F 180 -42.82 16.27 5.35
C SER F 180 -41.55 17.08 5.22
N PHE F 181 -40.93 17.38 6.37
CA PHE F 181 -39.65 18.10 6.39
C PHE F 181 -38.54 17.25 5.87
N ALA F 182 -38.58 15.96 6.25
CA ALA F 182 -37.70 14.92 5.72
C ALA F 182 -37.65 14.90 4.17
N GLU F 183 -38.80 14.85 3.54
CA GLU F 183 -38.95 14.96 2.09
C GLU F 183 -38.17 16.14 1.50
N ARG F 184 -38.40 17.34 2.05
CA ARG F 184 -37.81 18.56 1.48
C ARG F 184 -36.29 18.56 1.49
N ILE F 185 -35.67 18.06 2.56
CA ILE F 185 -34.19 18.00 2.64
C ILE F 185 -33.68 17.04 1.59
N VAL F 186 -34.31 15.89 1.45
CA VAL F 186 -33.86 14.98 0.42
C VAL F 186 -33.98 15.70 -0.95
N ALA F 187 -35.16 16.27 -1.21
CA ALA F 187 -35.36 17.02 -2.44
C ALA F 187 -34.34 18.13 -2.60
N ASN F 188 -34.03 18.81 -1.49
CA ASN F 188 -33.05 19.90 -1.47
C ASN F 188 -31.62 19.41 -1.68
N ALA F 189 -31.35 18.19 -1.22
CA ALA F 189 -30.05 17.53 -1.44
C ALA F 189 -29.88 17.21 -2.91
N CYS F 190 -31.01 17.02 -3.59
CA CYS F 190 -31.01 16.76 -5.03
C CYS F 190 -30.83 18.04 -5.82
N VAL F 191 -31.50 19.09 -5.34
CA VAL F 191 -31.40 20.42 -5.92
C VAL F 191 -29.95 20.86 -5.93
N GLU F 192 -29.30 20.55 -4.81
CA GLU F 192 -27.95 20.98 -4.54
C GLU F 192 -26.94 19.86 -4.76
N GLY F 193 -27.33 18.85 -5.56
CA GLY F 193 -26.40 17.72 -5.87
C GLY F 193 -26.60 17.13 -7.26
N ILE F 194 -27.84 16.89 -7.61
CA ILE F 194 -28.12 16.30 -8.89
C ILE F 194 -28.39 17.40 -9.88
N LEU F 195 -29.11 18.43 -9.49
CA LEU F 195 -29.44 19.49 -10.44
C LEU F 195 -28.21 20.27 -10.77
N PHE F 196 -28.01 20.57 -12.05
CA PHE F 196 -26.83 21.25 -12.58
C PHE F 196 -25.54 20.44 -12.72
N SER F 197 -25.46 19.28 -12.06
CA SER F 197 -24.26 18.43 -12.10
C SER F 197 -23.92 18.01 -13.50
N GLY F 198 -24.94 17.92 -14.35
CA GLY F 198 -24.72 17.74 -15.80
C GLY F 198 -24.06 18.97 -16.42
N SER F 199 -24.67 20.13 -16.22
CA SER F 199 -24.16 21.28 -16.94
C SER F 199 -22.84 21.78 -16.36
N PHE F 200 -22.56 21.45 -15.09
CA PHE F 200 -21.25 21.71 -14.44
C PHE F 200 -20.18 20.85 -15.08
N CYS F 201 -20.53 19.61 -15.36
CA CYS F 201 -19.56 18.76 -15.99
C CYS F 201 -19.30 19.27 -17.39
N ALA F 202 -20.33 19.81 -18.03
CA ALA F 202 -20.10 20.26 -19.41
C ALA F 202 -19.11 21.45 -19.51
N ILE F 203 -19.05 22.29 -18.48
CA ILE F 203 -18.05 23.35 -18.55
C ILE F 203 -16.62 22.84 -18.27
N PHE F 204 -16.54 21.74 -17.55
CA PHE F 204 -15.23 21.12 -17.35
C PHE F 204 -14.70 20.57 -18.68
N TRP F 205 -15.60 20.11 -19.54
CA TRP F 205 -15.22 19.75 -20.91
C TRP F 205 -14.31 20.83 -21.55
N PHE F 206 -14.64 22.08 -21.27
CA PHE F 206 -13.87 23.20 -21.76
C PHE F 206 -12.61 23.46 -20.90
N LYS F 207 -12.68 23.15 -19.59
CA LYS F 207 -11.47 23.15 -18.78
C LYS F 207 -10.41 22.20 -19.34
N LYS F 208 -10.83 21.03 -19.85
CA LYS F 208 -9.89 20.04 -20.39
C LYS F 208 -9.26 20.49 -21.72
N GLN F 209 -9.89 21.46 -22.36
CA GLN F 209 -9.35 22.03 -23.58
C GLN F 209 -8.54 23.31 -23.36
N ASN F 210 -8.25 23.62 -22.10
CA ASN F 210 -7.48 24.81 -21.80
C ASN F 210 -8.09 26.05 -22.42
N LYS F 211 -9.41 26.15 -22.39
CA LYS F 211 -10.12 27.34 -22.93
C LYS F 211 -11.12 27.84 -21.90
N LEU F 212 -11.58 29.09 -22.12
CA LEU F 212 -12.62 29.77 -21.36
C LEU F 212 -12.29 30.06 -19.92
N HIS F 213 -11.10 30.62 -19.76
CA HIS F 213 -10.71 31.54 -18.67
C HIS F 213 -11.74 31.90 -17.62
N GLY F 214 -12.15 31.00 -16.77
CA GLY F 214 -13.01 31.54 -15.68
C GLY F 214 -14.48 31.53 -16.01
N LEU F 215 -14.81 31.05 -17.21
CA LEU F 215 -16.06 30.28 -17.36
C LEU F 215 -15.84 28.93 -16.68
N THR F 216 -14.60 28.47 -16.67
CA THR F 216 -14.25 27.17 -16.14
C THR F 216 -13.81 27.34 -14.69
N PHE F 217 -13.00 28.37 -14.43
CA PHE F 217 -12.52 28.64 -13.03
C PHE F 217 -13.64 29.04 -12.12
N SER F 218 -14.59 29.83 -12.61
CA SER F 218 -15.79 30.15 -11.82
C SER F 218 -16.57 28.91 -11.60
N ASN F 219 -16.89 28.23 -12.70
CA ASN F 219 -17.57 26.94 -12.66
C ASN F 219 -16.91 26.02 -11.67
N GLU F 220 -15.60 26.16 -11.42
CA GLU F 220 -14.84 25.37 -10.43
C GLU F 220 -15.23 25.66 -9.01
N LEU F 221 -15.35 26.95 -8.76
CA LEU F 221 -15.55 27.48 -7.43
C LEU F 221 -17.01 27.30 -7.12
N ILE F 222 -17.83 27.33 -8.15
CA ILE F 222 -19.26 27.15 -7.96
C ILE F 222 -19.56 25.69 -7.71
N SER F 223 -18.95 24.80 -8.48
CA SER F 223 -19.21 23.36 -8.32
C SER F 223 -18.75 22.89 -6.91
N ARG F 224 -17.61 23.41 -6.50
CA ARG F 224 -17.05 22.99 -5.26
C ARG F 224 -17.93 23.55 -4.16
N ASP F 225 -18.45 24.76 -4.36
CA ASP F 225 -19.34 25.32 -3.37
C ASP F 225 -20.56 24.49 -3.27
N GLU F 226 -21.23 24.31 -4.38
CA GLU F 226 -22.47 23.56 -4.36
C GLU F 226 -22.28 22.12 -3.90
N GLY F 227 -21.04 21.63 -3.94
CA GLY F 227 -20.68 20.36 -3.37
C GLY F 227 -20.77 20.38 -1.85
N LEU F 228 -20.27 21.45 -1.27
CA LEU F 228 -20.34 21.66 0.16
C LEU F 228 -21.77 21.65 0.63
N HIS F 229 -22.66 22.24 -0.14
CA HIS F 229 -24.01 22.31 0.35
C HIS F 229 -24.67 20.95 0.30
N THR F 230 -24.24 20.15 -0.68
CA THR F 230 -24.74 18.81 -0.87
C THR F 230 -24.45 18.05 0.40
N ASP F 231 -23.15 17.99 0.74
CA ASP F 231 -22.65 17.35 1.95
C ASP F 231 -23.44 17.82 3.19
N PHE F 232 -23.79 19.09 3.20
CA PHE F 232 -24.48 19.63 4.35
C PHE F 232 -25.81 18.94 4.56
N ASN F 233 -26.64 18.93 3.54
CA ASN F 233 -28.01 18.41 3.65
C ASN F 233 -27.95 16.94 4.09
N CYS F 234 -26.83 16.29 3.75
CA CYS F 234 -26.59 14.91 4.13
C CYS F 234 -26.54 14.89 5.65
N LEU F 235 -25.70 15.73 6.23
CA LEU F 235 -25.53 15.80 7.67
C LEU F 235 -26.78 16.11 8.48
N ILE F 236 -27.69 16.90 7.93
CA ILE F 236 -28.95 17.13 8.68
C ILE F 236 -29.86 15.93 8.54
N TYR F 237 -29.81 15.24 7.40
CA TYR F 237 -30.56 14.02 7.29
C TYR F 237 -29.95 13.05 8.29
N SER F 238 -28.63 13.13 8.43
CA SER F 238 -27.87 12.34 9.40
C SER F 238 -28.31 12.56 10.86
N LEU F 239 -28.74 13.79 11.16
CA LEU F 239 -29.18 14.20 12.47
C LEU F 239 -30.71 14.20 12.59
N LEU F 240 -31.42 13.97 11.48
CA LEU F 240 -32.88 14.07 11.45
C LEU F 240 -33.57 12.96 12.23
N GLU F 241 -34.37 13.37 13.23
CA GLU F 241 -35.04 12.46 14.19
C GLU F 241 -35.54 11.21 13.45
N ASN F 242 -36.63 11.33 12.68
CA ASN F 242 -37.21 10.14 11.99
C ASN F 242 -36.91 10.13 10.47
N LYS F 243 -35.95 9.28 10.12
CA LYS F 243 -35.41 9.13 8.80
C LYS F 243 -36.48 8.50 7.89
N LEU F 244 -36.45 8.85 6.60
CA LEU F 244 -37.43 8.29 5.65
C LEU F 244 -37.16 6.80 5.24
N PRO F 245 -38.20 6.08 4.77
CA PRO F 245 -37.92 4.75 4.21
C PRO F 245 -37.21 4.92 2.87
N GLU F 246 -36.11 4.20 2.64
CA GLU F 246 -35.31 4.39 1.39
C GLU F 246 -36.12 4.26 0.12
N ASN F 247 -37.29 3.63 0.23
CA ASN F 247 -38.23 3.54 -0.86
C ASN F 247 -38.57 4.93 -1.44
N VAL F 248 -38.86 5.87 -0.54
CA VAL F 248 -39.26 7.23 -0.93
C VAL F 248 -38.06 8.08 -1.39
N VAL F 249 -36.98 8.06 -0.61
CA VAL F 249 -35.74 8.73 -1.04
C VAL F 249 -35.40 8.40 -2.50
N GLN F 250 -35.47 7.12 -2.83
CA GLN F 250 -35.14 6.65 -4.16
C GLN F 250 -36.07 7.26 -5.20
N ASN F 251 -37.34 7.45 -4.84
CA ASN F 251 -38.29 8.04 -5.78
C ASN F 251 -37.95 9.54 -6.04
N ILE F 252 -37.68 10.27 -4.97
CA ILE F 252 -37.18 11.63 -5.05
C ILE F 252 -35.96 11.71 -5.96
N VAL F 253 -34.94 10.87 -5.70
CA VAL F 253 -33.69 10.88 -6.50
C VAL F 253 -33.92 10.55 -7.99
N LYS F 254 -34.64 9.45 -8.25
CA LYS F 254 -34.91 9.03 -9.63
C LYS F 254 -35.54 10.21 -10.37
N GLU F 255 -36.59 10.80 -9.80
CA GLU F 255 -37.25 11.96 -10.43
C GLU F 255 -36.32 13.16 -10.63
N ALA F 256 -35.43 13.40 -9.69
CA ALA F 256 -34.44 14.43 -9.83
C ALA F 256 -33.53 14.13 -11.01
N VAL F 257 -33.22 12.84 -11.19
CA VAL F 257 -32.24 12.41 -12.22
C VAL F 257 -32.87 12.56 -13.62
N GLU F 258 -34.12 12.16 -13.73
CA GLU F 258 -34.86 12.26 -14.97
C GLU F 258 -35.02 13.71 -15.32
N VAL F 259 -35.17 14.56 -14.30
CA VAL F 259 -35.38 16.00 -14.48
C VAL F 259 -34.07 16.65 -14.93
N GLU F 260 -32.99 16.31 -14.25
CA GLU F 260 -31.63 16.68 -14.66
C GLU F 260 -31.28 16.37 -16.13
N ARG F 261 -31.56 15.13 -16.54
CA ARG F 261 -31.18 14.62 -17.84
C ARG F 261 -31.88 15.38 -18.92
N SER F 262 -33.12 15.80 -18.65
CA SER F 262 -33.90 16.60 -19.59
C SER F 262 -33.25 17.96 -19.95
N PHE F 263 -32.21 18.34 -19.21
CA PHE F 263 -31.41 19.46 -19.54
C PHE F 263 -30.26 19.06 -20.48
N ILE F 264 -29.21 18.47 -19.91
CA ILE F 264 -27.93 18.21 -20.58
C ILE F 264 -27.94 17.12 -21.65
N CYS F 265 -28.93 16.26 -21.61
CA CYS F 265 -29.00 15.15 -22.56
C CYS F 265 -30.10 15.34 -23.56
N GLU F 266 -30.96 16.36 -23.34
CA GLU F 266 -32.13 16.56 -24.21
C GLU F 266 -32.47 17.99 -24.60
N SER F 267 -32.73 18.86 -23.61
CA SER F 267 -33.07 20.30 -23.90
C SER F 267 -31.85 21.05 -24.44
N LEU F 268 -30.75 21.01 -23.69
CA LEU F 268 -29.49 21.51 -24.17
C LEU F 268 -28.43 20.38 -24.20
N PRO F 269 -28.33 19.68 -25.34
CA PRO F 269 -27.43 18.56 -25.51
C PRO F 269 -25.94 18.89 -25.37
N CYS F 270 -25.30 18.28 -24.36
CA CYS F 270 -23.84 18.26 -24.26
C CYS F 270 -23.25 17.59 -25.49
N ASP F 271 -24.03 16.73 -26.12
CA ASP F 271 -23.53 16.00 -27.26
C ASP F 271 -23.19 16.98 -28.41
N LEU F 272 -23.19 18.26 -28.08
CA LEU F 272 -22.81 19.20 -29.10
C LEU F 272 -21.85 20.33 -28.62
N ILE F 273 -20.95 19.98 -27.70
CA ILE F 273 -19.80 20.78 -27.31
C ILE F 273 -18.57 19.85 -27.34
N GLY F 274 -18.86 18.59 -27.61
CA GLY F 274 -17.87 17.52 -27.88
C GLY F 274 -18.14 16.25 -27.07
N MET F 275 -19.11 16.32 -26.16
CA MET F 275 -19.40 15.21 -25.26
C MET F 275 -20.40 14.24 -25.85
N ASN F 276 -20.55 13.10 -25.20
CA ASN F 276 -21.53 12.11 -25.54
C ASN F 276 -22.69 12.14 -24.51
N SER F 277 -23.88 12.43 -25.01
CA SER F 277 -25.12 12.43 -24.22
C SER F 277 -25.34 11.19 -23.42
N ARG F 278 -24.96 10.05 -23.96
CA ARG F 278 -25.19 8.78 -23.25
C ARG F 278 -24.18 8.54 -22.09
N LEU F 279 -22.92 8.93 -22.32
CA LEU F 279 -21.88 8.94 -21.29
C LEU F 279 -22.21 9.89 -20.13
N MET F 280 -22.71 11.09 -20.47
CA MET F 280 -23.28 12.06 -19.53
C MET F 280 -24.41 11.47 -18.72
N SER F 281 -25.39 10.93 -19.43
CA SER F 281 -26.49 10.22 -18.81
C SER F 281 -25.99 9.30 -17.68
N GLN F 282 -24.89 8.57 -17.93
CA GLN F 282 -24.33 7.64 -16.94
C GLN F 282 -23.64 8.38 -15.80
N TYR F 283 -23.20 9.63 -16.08
CA TYR F 283 -22.50 10.46 -15.09
C TYR F 283 -23.50 10.91 -14.06
N ILE F 284 -24.73 11.20 -14.49
CA ILE F 284 -25.83 11.55 -13.62
C ILE F 284 -26.03 10.42 -12.64
N GLU F 285 -26.27 9.23 -13.18
CA GLU F 285 -26.51 8.02 -12.39
C GLU F 285 -25.49 7.94 -11.33
N PHE F 286 -24.22 7.98 -11.74
CA PHE F 286 -23.08 7.96 -10.81
C PHE F 286 -23.24 9.04 -9.73
N VAL F 287 -23.50 10.29 -10.14
CA VAL F 287 -23.69 11.32 -9.17
C VAL F 287 -24.83 10.96 -8.25
N ALA F 288 -26.00 10.70 -8.81
CA ALA F 288 -27.12 10.20 -7.99
C ALA F 288 -26.77 9.00 -7.04
N ASP F 289 -26.03 8.01 -7.51
CA ASP F 289 -25.59 6.92 -6.59
C ASP F 289 -24.78 7.42 -5.39
N ARG F 290 -23.72 8.19 -5.66
CA ARG F 290 -22.90 8.76 -4.60
C ARG F 290 -23.74 9.59 -3.67
N LEU F 291 -24.79 10.20 -4.19
CA LEU F 291 -25.69 10.97 -3.34
C LEU F 291 -26.47 10.05 -2.40
N LEU F 292 -27.10 9.03 -2.98
CA LEU F 292 -27.67 7.94 -2.18
C LEU F 292 -26.77 7.51 -1.00
N GLU F 293 -25.46 7.38 -1.25
CA GLU F 293 -24.50 6.94 -0.21
C GLU F 293 -24.41 8.02 0.85
N CYS F 294 -24.30 9.26 0.37
CA CYS F 294 -24.20 10.42 1.20
C CYS F 294 -25.47 10.56 2.03
N LEU F 295 -26.59 10.04 1.52
CA LEU F 295 -27.85 10.07 2.26
C LEU F 295 -28.07 8.84 3.13
N GLY F 296 -27.13 7.91 3.11
CA GLY F 296 -27.27 6.71 3.92
C GLY F 296 -28.30 5.78 3.32
N CYS F 297 -28.18 5.57 2.02
CA CYS F 297 -29.08 4.69 1.32
C CYS F 297 -28.31 3.85 0.30
N SER F 298 -28.86 2.70 -0.05
CA SER F 298 -28.28 1.84 -1.09
C SER F 298 -28.52 2.43 -2.49
N LYS F 299 -27.58 2.17 -3.41
CA LYS F 299 -27.64 2.73 -4.75
C LYS F 299 -28.80 2.15 -5.58
N VAL F 300 -28.95 2.57 -6.82
CA VAL F 300 -30.08 2.10 -7.64
C VAL F 300 -29.75 2.03 -9.15
N PHE F 301 -28.61 2.56 -9.53
CA PHE F 301 -28.10 2.53 -10.91
C PHE F 301 -26.63 2.04 -10.93
N HIS F 302 -26.15 1.45 -9.84
CA HIS F 302 -24.74 1.00 -9.80
C HIS F 302 -24.03 1.17 -11.14
N SER F 303 -23.32 2.28 -11.31
CA SER F 303 -22.54 2.56 -12.49
C SER F 303 -21.26 3.30 -12.20
N LYS F 304 -20.16 2.79 -12.77
CA LYS F 304 -18.80 3.33 -12.63
C LYS F 304 -18.61 4.81 -13.09
N ASN F 305 -17.40 5.35 -12.88
CA ASN F 305 -17.10 6.75 -13.26
C ASN F 305 -16.83 6.90 -14.76
N PRO F 306 -17.80 7.47 -15.51
CA PRO F 306 -17.58 7.62 -16.96
C PRO F 306 -16.42 8.53 -17.29
N PHE F 307 -16.22 9.59 -16.49
CA PHE F 307 -15.00 10.43 -16.65
C PHE F 307 -14.24 10.48 -15.36
N ASN F 308 -12.96 10.19 -15.44
CA ASN F 308 -12.20 10.20 -14.19
C ASN F 308 -11.56 11.57 -13.97
N TRP F 309 -11.58 12.40 -15.02
CA TRP F 309 -11.39 13.84 -14.84
C TRP F 309 -12.69 14.39 -14.30
N MET G 47 0.20 12.89 -39.81
CA MET G 47 1.60 12.60 -40.28
C MET G 47 2.44 13.86 -40.61
N TYR G 48 3.64 13.62 -41.13
CA TYR G 48 4.62 14.66 -41.43
C TYR G 48 5.01 14.64 -42.92
N PRO G 49 4.10 15.08 -43.83
CA PRO G 49 4.21 14.96 -45.31
C PRO G 49 5.43 15.55 -46.03
N GLU G 50 6.10 16.53 -45.42
CA GLU G 50 7.28 17.10 -46.04
C GLU G 50 8.38 16.05 -45.93
N VAL G 51 8.44 15.39 -44.79
CA VAL G 51 9.44 14.37 -44.48
C VAL G 51 9.25 13.09 -45.34
N TRP G 52 8.01 12.73 -45.58
CA TRP G 52 7.70 11.63 -46.48
C TRP G 52 8.23 11.83 -47.91
N ASN G 53 8.22 13.07 -48.38
CA ASN G 53 8.68 13.41 -49.72
C ASN G 53 10.15 13.15 -49.91
N PHE G 54 10.90 13.36 -48.83
CA PHE G 54 12.34 13.09 -48.78
C PHE G 54 12.65 11.58 -48.84
N TYR G 55 11.80 10.76 -48.22
CA TYR G 55 11.97 9.32 -48.20
C TYR G 55 11.70 8.77 -49.58
N LYS G 56 10.63 9.26 -50.21
CA LYS G 56 10.19 8.73 -51.49
C LYS G 56 11.08 9.19 -52.61
N LYS G 57 11.88 10.23 -52.36
CA LYS G 57 12.87 10.69 -53.33
C LYS G 57 14.18 9.97 -53.11
N ALA G 58 14.47 9.61 -51.85
CA ALA G 58 15.65 8.82 -51.57
C ALA G 58 15.46 7.38 -52.13
N GLU G 59 14.30 6.80 -51.83
CA GLU G 59 13.88 5.49 -52.28
C GLU G 59 13.86 5.45 -53.79
N ALA G 60 13.23 6.47 -54.40
CA ALA G 60 13.04 6.47 -55.85
C ALA G 60 14.32 6.93 -56.54
N SER G 61 15.37 7.12 -55.73
CA SER G 61 16.65 7.58 -56.18
C SER G 61 17.68 6.54 -55.82
N PHE G 62 17.21 5.40 -55.34
CA PHE G 62 18.06 4.32 -54.88
C PHE G 62 18.89 3.72 -56.03
N TRP G 63 20.12 3.34 -55.72
CA TRP G 63 21.07 2.80 -56.72
C TRP G 63 22.11 1.86 -56.05
N THR G 64 22.67 0.93 -56.82
CA THR G 64 23.68 -0.04 -56.34
C THR G 64 25.02 0.02 -57.03
N ALA G 65 26.03 -0.58 -56.40
CA ALA G 65 27.38 -0.61 -56.91
C ALA G 65 27.50 -1.28 -58.30
N GLU G 66 26.48 -2.04 -58.66
CA GLU G 66 26.38 -2.74 -59.95
C GLU G 66 26.24 -1.77 -61.14
N GLU G 67 25.68 -0.59 -60.91
CA GLU G 67 25.46 0.38 -61.96
C GLU G 67 26.69 1.17 -62.39
N ILE G 68 27.88 0.85 -61.87
CA ILE G 68 29.01 1.74 -62.14
C ILE G 68 30.01 1.14 -63.10
N ASP G 69 30.38 -0.10 -62.87
CA ASP G 69 31.34 -0.79 -63.73
C ASP G 69 32.58 0.04 -64.14
N LEU G 70 33.57 0.00 -63.26
CA LEU G 70 34.86 0.67 -63.40
C LEU G 70 35.69 0.20 -64.57
N SER G 71 35.04 -0.50 -65.49
CA SER G 71 35.66 -1.12 -66.63
C SER G 71 36.74 -0.32 -67.30
N SER G 72 36.43 0.95 -67.43
CA SER G 72 36.78 1.78 -68.57
C SER G 72 38.11 2.55 -68.46
N ASP G 73 38.42 3.00 -67.25
CA ASP G 73 39.61 3.85 -67.10
C ASP G 73 40.47 3.66 -65.85
N LEU G 74 41.32 2.64 -65.87
CA LEU G 74 42.56 2.68 -65.06
C LEU G 74 43.64 3.01 -66.04
N LYS G 75 43.27 3.03 -67.32
CA LYS G 75 44.15 3.54 -68.34
C LYS G 75 44.29 5.02 -68.11
N ASP G 76 43.20 5.67 -67.68
CA ASP G 76 43.23 7.11 -67.30
C ASP G 76 44.07 7.35 -66.04
N PHE G 77 43.93 6.44 -65.07
CA PHE G 77 44.70 6.43 -63.84
C PHE G 77 46.19 6.21 -64.09
N GLU G 78 46.54 5.40 -65.08
CA GLU G 78 47.96 5.27 -65.42
C GLU G 78 48.48 6.39 -66.33
N LYS G 79 47.59 6.97 -67.12
CA LYS G 79 47.94 8.14 -67.93
C LYS G 79 48.08 9.36 -67.02
N LEU G 80 47.39 9.31 -65.90
CA LEU G 80 47.43 10.33 -64.89
C LEU G 80 48.86 10.63 -64.45
N ASN G 81 48.92 11.63 -63.60
CA ASN G 81 50.18 12.22 -63.32
C ASN G 81 50.87 11.42 -62.26
N VAL G 82 52.19 11.39 -62.39
CA VAL G 82 53.11 10.90 -61.36
C VAL G 82 52.98 11.68 -60.04
N ASN G 83 51.90 12.44 -59.89
CA ASN G 83 51.60 13.11 -58.63
C ASN G 83 50.14 13.46 -58.51
N GLU G 84 49.36 13.12 -59.50
CA GLU G 84 47.91 13.25 -59.45
C GLU G 84 47.39 11.92 -58.90
N LYS G 85 48.22 10.89 -59.04
CA LYS G 85 47.86 9.53 -58.67
C LYS G 85 47.66 9.23 -57.17
N HIS G 86 48.44 9.81 -56.26
CA HIS G 86 48.21 9.44 -54.87
C HIS G 86 47.30 10.40 -54.09
N PHE G 87 46.86 11.50 -54.73
CA PHE G 87 45.76 12.24 -54.17
C PHE G 87 44.61 11.31 -54.16
N ILE G 88 44.24 10.82 -55.34
CA ILE G 88 43.19 9.81 -55.51
C ILE G 88 43.27 8.69 -54.50
N LYS G 89 44.43 8.04 -54.44
CA LYS G 89 44.71 6.87 -53.57
C LYS G 89 44.40 7.17 -52.11
N HIS G 90 44.71 8.39 -51.71
CA HIS G 90 44.46 8.96 -50.38
C HIS G 90 43.03 9.42 -50.14
N VAL G 91 42.40 10.03 -51.15
CA VAL G 91 41.04 10.46 -50.89
C VAL G 91 40.06 9.30 -50.72
N LEU G 92 40.17 8.28 -51.60
CA LEU G 92 39.40 7.03 -51.47
C LEU G 92 39.68 6.36 -50.13
N ALA G 93 40.95 6.42 -49.70
CA ALA G 93 41.33 5.86 -48.41
C ALA G 93 40.74 6.69 -47.27
N PHE G 94 40.57 7.97 -47.52
CA PHE G 94 39.99 8.79 -46.49
C PHE G 94 38.47 8.66 -46.42
N PHE G 95 37.81 8.50 -47.58
CA PHE G 95 36.38 8.23 -47.62
C PHE G 95 36.01 6.98 -46.82
N ALA G 96 36.92 5.99 -46.82
CA ALA G 96 36.74 4.71 -46.11
C ALA G 96 37.38 4.67 -44.68
N ALA G 97 36.85 5.44 -43.75
CA ALA G 97 37.35 5.56 -42.38
C ALA G 97 36.19 5.97 -41.45
N SER G 98 35.44 6.98 -41.90
CA SER G 98 34.27 7.51 -41.19
C SER G 98 32.97 6.86 -41.66
N GLU G 104 31.30 4.47 -39.05
CA GLU G 104 30.79 5.21 -37.90
C GLU G 104 29.27 4.99 -37.71
N ASN G 105 28.79 5.10 -36.46
CA ASN G 105 27.36 5.12 -36.14
C ASN G 105 26.83 6.60 -36.09
N LEU G 106 25.79 6.92 -36.88
CA LEU G 106 25.22 8.28 -36.88
C LEU G 106 23.68 8.23 -36.98
N ALA G 107 23.18 7.85 -38.15
CA ALA G 107 21.74 7.76 -38.45
C ALA G 107 21.02 6.86 -37.44
N SER G 108 21.70 5.79 -37.03
CA SER G 108 21.19 4.84 -36.07
C SER G 108 21.00 5.48 -34.71
N LYS G 109 21.78 6.53 -34.45
CA LYS G 109 21.67 7.31 -33.23
C LYS G 109 20.37 8.10 -33.25
N PHE G 110 20.05 8.67 -34.43
CA PHE G 110 18.81 9.42 -34.59
C PHE G 110 17.58 8.52 -34.85
N LEU G 111 17.80 7.34 -35.40
CA LEU G 111 16.74 6.31 -35.52
C LEU G 111 16.02 6.07 -34.19
N ARG G 112 16.79 5.91 -33.10
CA ARG G 112 16.20 5.74 -31.74
C ARG G 112 15.64 7.04 -31.12
N GLU G 113 16.27 8.19 -31.39
CA GLU G 113 15.78 9.46 -30.80
C GLU G 113 14.49 10.00 -31.47
N VAL G 114 14.60 10.34 -32.76
CA VAL G 114 13.48 10.88 -33.55
C VAL G 114 12.27 9.95 -33.55
N GLU G 115 11.27 10.25 -32.72
CA GLU G 115 10.13 9.37 -32.61
C GLU G 115 8.94 9.61 -33.60
N ILE G 116 9.27 9.93 -34.85
CA ILE G 116 8.26 10.07 -35.92
C ILE G 116 8.44 9.08 -37.11
N ILE G 117 7.48 8.18 -37.27
CA ILE G 117 7.52 7.12 -38.27
C ILE G 117 8.18 7.52 -39.58
N GLU G 118 7.65 8.59 -40.20
CA GLU G 118 8.17 9.11 -41.48
C GLU G 118 9.68 9.42 -41.47
N ALA G 119 10.20 9.82 -40.32
CA ALA G 119 11.62 10.12 -40.19
C ALA G 119 12.44 8.86 -39.99
N LYS G 120 11.97 7.99 -39.09
CA LYS G 120 12.56 6.69 -38.84
C LYS G 120 12.78 5.99 -40.16
N LYS G 121 11.78 6.08 -41.03
CA LYS G 121 11.91 5.46 -42.33
C LYS G 121 12.97 6.11 -43.18
N PHE G 122 13.14 7.41 -43.07
CA PHE G 122 14.21 8.05 -43.84
C PHE G 122 15.57 7.58 -43.39
N TYR G 123 15.76 7.51 -42.07
CA TYR G 123 17.06 7.22 -41.49
C TYR G 123 17.41 5.77 -41.73
N SER G 124 16.45 4.87 -41.52
CA SER G 124 16.65 3.43 -41.78
C SER G 124 17.15 3.24 -43.19
N PHE G 125 16.70 4.10 -44.09
CA PHE G 125 17.06 3.93 -45.48
C PHE G 125 18.34 4.68 -45.81
N GLN G 126 18.72 5.63 -44.95
CA GLN G 126 20.01 6.32 -45.06
C GLN G 126 21.18 5.34 -44.81
N ILE G 127 21.08 4.50 -43.78
CA ILE G 127 22.17 3.59 -43.45
C ILE G 127 22.36 2.57 -44.57
N ALA G 128 21.25 2.11 -45.13
CA ALA G 128 21.32 1.23 -46.28
C ALA G 128 22.06 1.91 -47.43
N VAL G 129 21.59 3.07 -47.87
CA VAL G 129 22.27 3.75 -48.96
C VAL G 129 23.73 4.15 -48.68
N GLU G 130 24.07 4.45 -47.43
CA GLU G 130 25.44 4.84 -47.13
C GLU G 130 26.38 3.64 -47.03
N ASN G 131 25.81 2.47 -46.75
CA ASN G 131 26.55 1.22 -46.92
C ASN G 131 26.84 0.82 -48.42
N ILE G 132 25.88 1.13 -49.30
CA ILE G 132 26.17 1.18 -50.76
C ILE G 132 27.30 2.17 -51.16
N HIS G 133 27.31 3.35 -50.54
CA HIS G 133 28.42 4.31 -50.79
C HIS G 133 29.75 3.61 -50.42
N SER G 134 29.75 2.95 -49.24
CA SER G 134 30.95 2.33 -48.67
C SER G 134 31.48 1.22 -49.56
N GLU G 135 30.59 0.37 -50.06
CA GLU G 135 31.01 -0.75 -50.92
C GLU G 135 31.54 -0.22 -52.25
N THR G 136 30.99 0.90 -52.72
CA THR G 136 31.48 1.51 -53.95
C THR G 136 32.93 1.95 -53.77
N TYR G 137 33.21 2.55 -52.61
CA TYR G 137 34.57 3.01 -52.35
C TYR G 137 35.53 1.82 -52.18
N SER G 138 35.13 0.82 -51.39
CA SER G 138 35.91 -0.39 -51.32
C SER G 138 36.14 -1.01 -52.71
N LEU G 139 35.12 -1.07 -53.56
CA LEU G 139 35.36 -1.53 -54.93
C LEU G 139 36.28 -0.62 -55.75
N LEU G 140 36.22 0.70 -55.53
CA LEU G 140 37.15 1.63 -56.15
C LEU G 140 38.60 1.44 -55.65
N ILE G 141 38.82 1.39 -54.33
CA ILE G 141 40.15 1.12 -53.78
C ILE G 141 40.63 -0.29 -54.21
N ASP G 142 39.69 -1.16 -54.51
CA ASP G 142 40.00 -2.44 -55.10
C ASP G 142 40.62 -2.36 -56.50
N ASN G 143 40.27 -1.33 -57.26
CA ASN G 143 40.70 -1.18 -58.65
C ASN G 143 41.92 -0.28 -58.79
N TYR G 144 41.82 0.93 -58.25
CA TYR G 144 42.89 1.94 -58.28
C TYR G 144 44.11 1.50 -57.51
N ILE G 145 43.91 0.80 -56.40
CA ILE G 145 45.00 0.36 -55.52
C ILE G 145 44.89 -1.17 -55.41
N LYS G 146 44.97 -1.79 -56.58
CA LYS G 146 44.72 -3.22 -56.84
C LYS G 146 45.33 -4.22 -55.82
N ASP G 147 46.65 -4.13 -55.64
CA ASP G 147 47.50 -4.96 -54.79
C ASP G 147 47.34 -4.73 -53.28
N GLU G 148 47.00 -5.74 -52.48
CA GLU G 148 46.76 -5.51 -51.02
C GLU G 148 47.98 -5.07 -50.21
N LYS G 149 49.11 -4.97 -50.91
CA LYS G 149 50.44 -4.63 -50.35
C LYS G 149 50.43 -3.84 -49.00
N LEU G 154 46.28 2.38 -44.19
CA LEU G 154 45.21 3.10 -44.86
C LEU G 154 43.86 2.61 -44.36
N PHE G 155 43.76 1.30 -44.11
CA PHE G 155 42.66 0.68 -43.34
C PHE G 155 43.06 0.69 -41.84
N HIS G 156 44.36 0.49 -41.59
CA HIS G 156 45.00 0.68 -40.27
C HIS G 156 45.67 2.08 -40.14
N ALA G 157 46.44 2.49 -41.17
CA ALA G 157 47.25 3.73 -41.09
C ALA G 157 47.21 4.67 -42.30
N ILE G 158 46.37 5.72 -42.17
CA ILE G 158 46.40 6.95 -42.99
C ILE G 158 45.84 8.10 -42.20
N ILE G 161 45.84 10.98 -40.37
CA ILE G 161 46.42 12.27 -40.59
C ILE G 161 45.84 13.31 -39.59
N PRO G 162 46.37 14.54 -39.62
CA PRO G 162 45.82 15.64 -38.79
C PRO G 162 44.33 15.79 -39.03
N ALA G 163 43.90 15.52 -40.26
CA ALA G 163 42.51 15.69 -40.59
C ALA G 163 41.61 14.77 -39.75
N ILE G 164 42.10 13.58 -39.44
CA ILE G 164 41.46 12.64 -38.49
C ILE G 164 41.49 13.17 -37.01
N LYS G 165 42.60 13.79 -36.65
CA LYS G 165 42.71 14.58 -35.43
C LYS G 165 41.52 15.46 -35.22
N ASN G 166 41.38 16.38 -36.17
CA ASN G 166 40.31 17.36 -36.06
C ASN G 166 38.93 16.74 -36.25
N LYS G 167 38.75 15.86 -37.25
CA LYS G 167 37.48 15.15 -37.50
C LYS G 167 36.96 14.42 -36.25
N ALA G 168 37.84 13.69 -35.56
CA ALA G 168 37.42 13.02 -34.29
C ALA G 168 37.10 13.96 -33.12
N LEU G 169 38.02 14.86 -32.80
CA LEU G 169 37.82 15.77 -31.66
C LEU G 169 36.61 16.69 -31.80
N TRP G 170 36.30 17.08 -33.03
CA TRP G 170 35.06 17.80 -33.40
C TRP G 170 33.86 16.89 -33.13
N ALA G 171 34.02 15.60 -33.44
CA ALA G 171 32.96 14.62 -33.25
C ALA G 171 32.78 14.36 -31.76
N ALA G 172 33.86 14.50 -31.00
CA ALA G 172 33.83 14.36 -29.53
C ALA G 172 33.16 15.57 -28.82
N LYS G 173 33.39 16.79 -29.33
CA LYS G 173 32.78 18.04 -28.81
C LYS G 173 31.27 18.20 -29.05
N TRP G 174 30.81 17.83 -30.25
CA TRP G 174 29.43 18.04 -30.66
C TRP G 174 28.61 16.72 -30.82
N ILE G 175 29.10 15.75 -31.61
CA ILE G 175 28.36 14.52 -31.95
C ILE G 175 28.53 13.44 -30.85
N ASN G 176 27.79 12.32 -30.96
CA ASN G 176 27.90 11.14 -30.07
C ASN G 176 28.06 11.61 -28.60
N ASP G 177 27.35 12.71 -28.29
CA ASP G 177 27.52 13.54 -27.08
C ASP G 177 26.32 13.46 -26.11
N THR G 178 26.46 14.09 -24.93
CA THR G 178 25.39 14.12 -23.93
C THR G 178 25.09 15.56 -23.46
N ASN G 179 24.47 16.33 -24.34
CA ASN G 179 24.06 17.69 -24.05
C ASN G 179 22.69 18.05 -24.61
N SER G 180 22.66 18.35 -25.91
CA SER G 180 21.43 18.78 -26.56
C SER G 180 21.20 18.06 -27.87
N PHE G 181 19.95 17.68 -28.13
CA PHE G 181 19.63 17.04 -29.42
C PHE G 181 19.73 18.02 -30.56
N ALA G 182 19.23 19.23 -30.31
CA ALA G 182 19.47 20.42 -31.16
C ALA G 182 20.90 20.49 -31.75
N GLU G 183 21.89 20.55 -30.86
CA GLU G 183 23.30 20.57 -31.22
C GLU G 183 23.66 19.42 -32.13
N ARG G 184 23.18 18.24 -31.80
CA ARG G 184 23.60 17.07 -32.53
C ARG G 184 23.12 17.01 -34.01
N ILE G 185 21.91 17.52 -34.26
CA ILE G 185 21.39 17.76 -35.63
C ILE G 185 22.22 18.82 -36.41
N VAL G 186 22.54 19.95 -35.76
CA VAL G 186 23.34 20.99 -36.42
C VAL G 186 24.64 20.37 -36.83
N ALA G 187 25.26 19.67 -35.88
CA ALA G 187 26.56 19.03 -36.16
C ALA G 187 26.42 17.91 -37.20
N ASN G 188 25.31 17.18 -37.18
CA ASN G 188 25.01 16.15 -38.17
C ASN G 188 24.82 16.71 -39.55
N ALA G 189 24.23 17.90 -39.64
CA ALA G 189 23.98 18.57 -40.90
C ALA G 189 25.30 19.01 -41.47
N CYS G 190 26.28 19.23 -40.58
CA CYS G 190 27.64 19.60 -41.01
C CYS G 190 28.37 18.37 -41.52
N VAL G 191 28.18 17.23 -40.84
CA VAL G 191 28.83 15.96 -41.18
C VAL G 191 28.43 15.59 -42.59
N GLU G 192 27.13 15.72 -42.83
CA GLU G 192 26.55 15.42 -44.13
C GLU G 192 26.31 16.65 -45.00
N GLY G 193 27.15 17.69 -44.85
CA GLY G 193 27.03 18.88 -45.70
C GLY G 193 28.33 19.61 -45.91
N ILE G 194 29.11 19.74 -44.84
CA ILE G 194 30.39 20.45 -44.90
C ILE G 194 31.49 19.46 -45.08
N LEU G 195 31.46 18.39 -44.28
CA LEU G 195 32.48 17.34 -44.35
C LEU G 195 32.39 16.54 -45.63
N PHE G 196 33.56 16.40 -46.28
CA PHE G 196 33.76 15.79 -47.62
C PHE G 196 33.44 16.70 -48.82
N SER G 197 32.69 17.78 -48.56
CA SER G 197 32.34 18.77 -49.56
C SER G 197 33.55 19.23 -50.37
N GLY G 198 34.71 19.29 -49.70
CA GLY G 198 35.97 19.58 -50.36
C GLY G 198 36.44 18.46 -51.26
N SER G 199 36.37 17.23 -50.71
CA SER G 199 36.87 16.05 -51.43
C SER G 199 35.97 15.63 -52.59
N PHE G 200 34.66 15.87 -52.44
CA PHE G 200 33.71 15.64 -53.52
C PHE G 200 34.02 16.59 -54.67
N CYS G 201 34.22 17.87 -54.36
CA CYS G 201 34.48 18.83 -55.41
C CYS G 201 35.81 18.48 -56.17
N ALA G 202 36.77 17.92 -55.44
CA ALA G 202 38.04 17.61 -56.05
C ALA G 202 37.88 16.49 -57.10
N ILE G 203 36.97 15.53 -56.86
CA ILE G 203 36.73 14.48 -57.87
C ILE G 203 36.00 15.01 -59.15
N PHE G 204 35.14 16.00 -58.95
CA PHE G 204 34.49 16.68 -60.06
C PHE G 204 35.53 17.35 -60.96
N TRP G 205 36.64 17.82 -60.37
CA TRP G 205 37.77 18.37 -61.16
C TRP G 205 38.29 17.39 -62.22
N PHE G 206 38.18 16.10 -61.91
CA PHE G 206 38.51 15.05 -62.83
C PHE G 206 37.37 14.77 -63.85
N LYS G 207 36.11 14.98 -63.42
CA LYS G 207 34.93 14.98 -64.32
C LYS G 207 35.06 16.05 -65.39
N LYS G 208 35.57 17.22 -65.01
CA LYS G 208 35.73 18.35 -65.96
C LYS G 208 36.78 18.05 -67.04
N GLN G 209 37.67 17.08 -66.77
CA GLN G 209 38.69 16.65 -67.72
C GLN G 209 38.31 15.36 -68.47
N ASN G 210 37.05 14.93 -68.36
CA ASN G 210 36.54 13.73 -68.99
C ASN G 210 37.47 12.55 -68.74
N LYS G 211 37.81 12.40 -67.47
CA LYS G 211 38.62 11.29 -66.99
C LYS G 211 37.93 10.62 -65.81
N LEU G 212 38.40 9.42 -65.51
CA LEU G 212 37.96 8.53 -64.42
C LEU G 212 36.50 8.16 -64.28
N HIS G 213 35.95 7.67 -65.37
CA HIS G 213 34.97 6.59 -65.36
C HIS G 213 34.15 6.29 -64.13
N GLY G 214 33.42 7.21 -63.55
CA GLY G 214 32.65 6.69 -62.42
C GLY G 214 33.42 6.54 -61.12
N LEU G 215 34.68 6.94 -61.10
CA LEU G 215 35.21 7.61 -59.92
C LEU G 215 34.41 8.95 -59.84
N THR G 216 34.14 9.55 -61.00
CA THR G 216 33.40 10.79 -61.07
C THR G 216 31.92 10.55 -61.05
N PHE G 217 31.48 9.51 -61.77
CA PHE G 217 30.05 9.17 -61.85
C PHE G 217 29.51 8.59 -60.52
N SER G 218 30.34 7.83 -59.80
CA SER G 218 29.93 7.36 -58.47
C SER G 218 29.86 8.57 -57.60
N ASN G 219 30.97 9.30 -57.62
CA ASN G 219 31.09 10.54 -56.85
C ASN G 219 29.93 11.52 -57.11
N GLU G 220 29.31 11.36 -58.28
CA GLU G 220 28.12 12.14 -58.66
C GLU G 220 26.90 11.67 -57.87
N LEU G 221 26.73 10.36 -57.84
CA LEU G 221 25.61 9.76 -57.13
C LEU G 221 25.73 9.91 -55.62
N ILE G 222 26.95 9.75 -55.11
CA ILE G 222 27.22 9.92 -53.70
C ILE G 222 27.00 11.42 -53.22
N SER G 223 27.57 12.39 -53.95
CA SER G 223 27.37 13.79 -53.58
C SER G 223 25.90 14.23 -53.67
N ARG G 224 25.19 13.81 -54.71
CA ARG G 224 23.75 14.06 -54.80
C ARG G 224 23.06 13.44 -53.57
N ASP G 225 23.44 12.19 -53.25
CA ASP G 225 22.84 11.50 -52.14
C ASP G 225 23.08 12.22 -50.84
N GLU G 226 24.34 12.45 -50.49
CA GLU G 226 24.65 13.21 -49.28
C GLU G 226 24.05 14.63 -49.31
N GLY G 227 23.72 15.15 -50.50
CA GLY G 227 23.03 16.40 -50.60
C GLY G 227 21.64 16.22 -50.08
N LEU G 228 21.06 15.06 -50.34
CA LEU G 228 19.71 14.79 -49.89
C LEU G 228 19.61 14.75 -48.34
N HIS G 229 20.60 14.15 -47.70
CA HIS G 229 20.55 14.05 -46.23
C HIS G 229 20.79 15.41 -45.61
N THR G 230 21.53 16.27 -46.31
CA THR G 230 21.80 17.61 -45.81
C THR G 230 20.45 18.34 -45.70
N ASP G 231 19.69 18.35 -46.79
CA ASP G 231 18.42 19.07 -46.81
C ASP G 231 17.53 18.46 -45.73
N PHE G 232 17.74 17.17 -45.46
CA PHE G 232 16.87 16.46 -44.50
C PHE G 232 17.02 16.96 -43.07
N ASN G 233 18.23 16.97 -42.55
CA ASN G 233 18.47 17.49 -41.21
C ASN G 233 18.02 18.95 -41.06
N CYS G 234 17.94 19.67 -42.18
CA CYS G 234 17.45 21.04 -42.13
C CYS G 234 15.99 21.02 -41.75
N LEU G 235 15.24 20.10 -42.37
CA LEU G 235 13.79 20.00 -42.20
C LEU G 235 13.42 19.54 -40.81
N ILE G 236 14.28 18.73 -40.22
CA ILE G 236 14.09 18.31 -38.86
C ILE G 236 14.45 19.48 -37.86
N TYR G 237 15.46 20.29 -38.20
CA TYR G 237 15.75 21.53 -37.46
C TYR G 237 14.55 22.46 -37.61
N SER G 238 13.95 22.40 -38.81
CA SER G 238 12.81 23.22 -39.21
C SER G 238 11.59 22.90 -38.36
N LEU G 239 11.50 21.66 -37.92
CA LEU G 239 10.34 21.19 -37.16
C LEU G 239 10.66 21.21 -35.66
N LEU G 240 11.79 21.82 -35.31
CA LEU G 240 12.35 21.67 -33.97
C LEU G 240 11.58 22.39 -32.82
N GLU G 241 11.30 21.59 -31.79
CA GLU G 241 10.61 21.96 -30.58
C GLU G 241 11.15 23.21 -29.79
N ASN G 242 12.44 23.52 -29.98
CA ASN G 242 13.12 24.72 -29.44
C ASN G 242 14.43 24.91 -30.18
N LYS G 243 14.45 25.88 -31.10
CA LYS G 243 15.59 26.06 -31.96
C LYS G 243 16.75 26.70 -31.20
N LEU G 244 17.96 26.53 -31.70
CA LEU G 244 19.17 27.07 -31.07
C LEU G 244 19.38 28.58 -31.36
N PRO G 245 20.04 29.34 -30.45
CA PRO G 245 20.49 30.65 -30.86
C PRO G 245 21.53 30.50 -31.94
N GLU G 246 21.40 31.31 -33.00
CA GLU G 246 22.35 31.25 -34.13
C GLU G 246 23.82 31.44 -33.72
N ASN G 247 24.02 32.01 -32.54
CA ASN G 247 25.29 32.08 -31.82
C ASN G 247 26.00 30.74 -31.89
N VAL G 248 25.31 29.72 -31.37
CA VAL G 248 25.86 28.37 -31.24
C VAL G 248 25.99 27.64 -32.60
N VAL G 249 24.93 27.64 -33.39
CA VAL G 249 24.94 27.09 -34.73
C VAL G 249 26.17 27.53 -35.50
N GLN G 250 26.45 28.83 -35.48
CA GLN G 250 27.63 29.39 -36.15
C GLN G 250 28.95 28.76 -35.66
N ASN G 251 29.01 28.51 -34.36
CA ASN G 251 30.15 27.86 -33.71
C ASN G 251 30.43 26.46 -34.27
N ILE G 252 29.37 25.65 -34.27
CA ILE G 252 29.42 24.31 -34.80
C ILE G 252 29.93 24.40 -36.24
N VAL G 253 29.35 25.31 -37.03
CA VAL G 253 29.64 25.37 -38.47
C VAL G 253 31.09 25.82 -38.74
N LYS G 254 31.53 26.85 -38.02
CA LYS G 254 32.86 27.39 -38.15
C LYS G 254 33.78 26.20 -37.95
N GLU G 255 33.65 25.56 -36.79
CA GLU G 255 34.45 24.39 -36.38
C GLU G 255 34.45 23.29 -37.41
N ALA G 256 33.28 22.98 -37.98
CA ALA G 256 33.20 22.03 -39.12
C ALA G 256 33.99 22.48 -40.34
N VAL G 257 34.00 23.81 -40.61
CA VAL G 257 34.65 24.43 -41.78
C VAL G 257 36.14 24.24 -41.63
N GLU G 258 36.61 24.47 -40.41
CA GLU G 258 38.01 24.47 -40.06
C GLU G 258 38.50 23.05 -40.21
N VAL G 259 37.67 22.12 -39.73
CA VAL G 259 37.93 20.67 -39.75
C VAL G 259 38.00 20.14 -41.19
N GLU G 260 37.00 20.47 -42.02
CA GLU G 260 37.00 20.15 -43.46
C GLU G 260 38.23 20.68 -44.18
N ARG G 261 38.57 21.96 -43.96
CA ARG G 261 39.74 22.58 -44.66
C ARG G 261 41.08 21.89 -44.37
N SER G 262 41.23 21.32 -43.18
CA SER G 262 42.45 20.63 -42.83
C SER G 262 42.57 19.29 -43.54
N PHE G 263 41.57 18.95 -44.36
CA PHE G 263 41.67 17.82 -45.30
C PHE G 263 42.20 18.28 -46.68
N ILE G 264 41.31 18.82 -47.51
CA ILE G 264 41.64 19.28 -48.89
C ILE G 264 42.56 20.48 -49.07
N CYS G 265 42.68 21.39 -48.11
CA CYS G 265 43.68 22.47 -48.30
C CYS G 265 44.95 22.24 -47.55
N GLU G 266 44.99 21.20 -46.72
CA GLU G 266 46.12 21.06 -45.80
C GLU G 266 46.66 19.59 -45.79
N SER G 267 45.85 18.62 -45.33
CA SER G 267 46.29 17.19 -45.17
C SER G 267 46.48 16.52 -46.48
N LEU G 268 45.49 16.71 -47.35
CA LEU G 268 45.60 16.25 -48.73
C LEU G 268 45.18 17.36 -49.64
N PRO G 269 46.14 17.96 -50.33
CA PRO G 269 46.05 19.23 -51.02
C PRO G 269 45.27 19.00 -52.26
N CYS G 270 44.20 19.74 -52.47
CA CYS G 270 43.61 19.78 -53.79
C CYS G 270 44.60 20.46 -54.74
N ASP G 271 45.50 21.28 -54.17
CA ASP G 271 46.35 22.19 -55.00
C ASP G 271 47.43 21.45 -55.81
N LEU G 272 47.07 20.29 -56.33
CA LEU G 272 47.71 19.69 -57.51
C LEU G 272 47.19 18.25 -57.64
N ILE G 273 45.89 18.24 -57.76
CA ILE G 273 45.23 17.49 -58.78
C ILE G 273 45.04 18.52 -59.94
N GLY G 274 45.37 19.78 -59.65
CA GLY G 274 45.24 20.89 -60.61
C GLY G 274 44.52 22.10 -60.00
N MET G 275 43.91 21.89 -58.84
CA MET G 275 43.11 22.90 -58.18
C MET G 275 43.93 23.95 -57.44
N ASN G 276 43.27 25.01 -56.99
CA ASN G 276 43.90 25.91 -56.05
C ASN G 276 43.28 25.81 -54.63
N SER G 277 44.15 25.49 -53.67
CA SER G 277 43.71 25.33 -52.28
C SER G 277 43.03 26.55 -51.68
N ARG G 278 43.46 27.75 -52.07
CA ARG G 278 42.78 28.96 -51.62
C ARG G 278 41.36 29.13 -52.23
N LEU G 279 41.21 28.81 -53.53
CA LEU G 279 39.91 28.80 -54.20
C LEU G 279 38.96 27.77 -53.60
N MET G 280 39.47 26.56 -53.36
CA MET G 280 38.85 25.49 -52.54
C MET G 280 38.39 25.95 -51.15
N SER G 281 39.31 26.59 -50.42
CA SER G 281 38.96 27.13 -49.12
C SER G 281 37.74 28.05 -49.20
N GLN G 282 37.61 28.79 -50.31
CA GLN G 282 36.49 29.72 -50.52
C GLN G 282 35.19 28.98 -50.82
N TYR G 283 35.36 27.78 -51.42
CA TYR G 283 34.26 26.92 -51.79
C TYR G 283 33.63 26.42 -50.51
N ILE G 284 34.45 26.14 -49.50
CA ILE G 284 33.93 25.58 -48.25
C ILE G 284 33.06 26.63 -47.61
N GLU G 285 33.64 27.82 -47.45
CA GLU G 285 32.93 29.02 -46.97
C GLU G 285 31.54 29.07 -47.58
N PHE G 286 31.52 29.09 -48.92
CA PHE G 286 30.30 29.11 -49.71
C PHE G 286 29.33 27.97 -49.36
N VAL G 287 29.83 26.73 -49.28
CA VAL G 287 28.99 25.58 -48.90
C VAL G 287 28.46 25.84 -47.49
N ALA G 288 29.36 26.17 -46.57
CA ALA G 288 28.95 26.54 -45.21
C ALA G 288 27.84 27.59 -45.21
N ASP G 289 28.02 28.73 -45.89
CA ASP G 289 26.96 29.76 -45.88
C ASP G 289 25.64 29.23 -46.39
N ARG G 290 25.66 28.46 -47.49
CA ARG G 290 24.42 27.84 -48.01
C ARG G 290 23.79 26.95 -46.98
N LEU G 291 24.64 26.31 -46.20
CA LEU G 291 24.16 25.45 -45.12
C LEU G 291 23.41 26.29 -44.11
N LEU G 292 24.05 27.35 -43.62
CA LEU G 292 23.43 28.20 -42.65
C LEU G 292 22.08 28.67 -43.14
N GLU G 293 21.95 28.97 -44.44
CA GLU G 293 20.64 29.40 -44.96
C GLU G 293 19.61 28.29 -44.95
N CYS G 294 20.08 27.08 -45.20
CA CYS G 294 19.24 25.88 -45.13
C CYS G 294 18.83 25.68 -43.69
N LEU G 295 19.70 26.11 -42.77
CA LEU G 295 19.42 25.98 -41.33
C LEU G 295 18.62 27.12 -40.74
N GLY G 296 18.30 28.11 -41.59
CA GLY G 296 17.50 29.25 -41.13
C GLY G 296 18.34 30.17 -40.29
N CYS G 297 19.57 30.37 -40.71
CA CYS G 297 20.49 31.23 -40.01
C CYS G 297 21.20 32.16 -41.00
N SER G 298 21.62 33.33 -40.51
CA SER G 298 22.38 34.32 -41.28
C SER G 298 23.78 33.80 -41.60
N LYS G 299 24.33 34.19 -42.74
CA LYS G 299 25.69 33.79 -43.16
C LYS G 299 26.82 34.28 -42.21
N VAL G 300 28.07 33.93 -42.55
CA VAL G 300 29.23 34.10 -41.66
C VAL G 300 30.45 34.58 -42.43
N PHE G 301 30.55 34.12 -43.68
CA PHE G 301 31.68 34.49 -44.56
C PHE G 301 31.24 34.83 -45.93
N HIS G 302 30.00 35.28 -46.10
CA HIS G 302 29.61 35.96 -47.34
C HIS G 302 30.66 35.81 -48.48
N SER G 303 30.55 34.74 -49.28
CA SER G 303 31.48 34.51 -50.37
C SER G 303 30.76 33.90 -51.56
N LYS G 304 30.94 34.52 -52.72
CA LYS G 304 30.38 34.06 -54.02
C LYS G 304 30.91 32.65 -54.52
N ASN G 305 30.34 32.17 -55.63
CA ASN G 305 30.63 30.84 -56.12
C ASN G 305 31.99 30.73 -56.83
N PRO G 306 33.00 30.21 -56.13
CA PRO G 306 34.28 30.21 -56.85
C PRO G 306 34.21 29.35 -58.14
N PHE G 307 33.45 28.26 -58.11
CA PHE G 307 33.33 27.39 -59.27
C PHE G 307 31.87 27.26 -59.69
N ASN G 308 31.57 27.77 -60.88
CA ASN G 308 30.24 27.70 -61.44
C ASN G 308 29.87 26.23 -61.83
N TRP G 309 30.92 25.48 -62.25
CA TRP G 309 30.84 24.01 -62.44
C TRP G 309 30.53 23.27 -61.12
N MET H 47 37.47 -13.44 -46.64
CA MET H 47 36.17 -12.80 -46.28
C MET H 47 35.10 -13.81 -46.07
N TYR H 48 33.86 -13.36 -45.83
CA TYR H 48 32.70 -14.25 -45.58
C TYR H 48 31.83 -14.41 -46.83
N PRO H 49 32.32 -15.15 -47.85
CA PRO H 49 31.71 -15.12 -49.22
C PRO H 49 30.29 -15.64 -49.32
N GLU H 50 29.91 -16.55 -48.40
CA GLU H 50 28.58 -17.15 -48.48
C GLU H 50 27.56 -16.17 -47.91
N VAL H 51 27.98 -15.41 -46.90
CA VAL H 51 27.20 -14.29 -46.36
C VAL H 51 27.04 -13.16 -47.37
N TRP H 52 28.08 -12.88 -48.12
CA TRP H 52 28.04 -11.88 -49.19
C TRP H 52 26.96 -12.12 -50.27
N ASN H 53 26.72 -13.40 -50.58
CA ASN H 53 25.76 -13.83 -51.60
C ASN H 53 24.33 -13.56 -51.15
N PHE H 54 24.09 -13.60 -49.83
CA PHE H 54 22.76 -13.33 -49.27
C PHE H 54 22.43 -11.85 -49.34
N TYR H 55 23.45 -11.01 -49.18
CA TYR H 55 23.25 -9.55 -49.27
C TYR H 55 23.00 -9.10 -50.72
N LYS H 56 23.78 -9.66 -51.65
CA LYS H 56 23.65 -9.32 -53.08
C LYS H 56 22.31 -9.83 -53.67
N LYS H 57 21.75 -10.88 -53.03
CA LYS H 57 20.43 -11.46 -53.38
C LYS H 57 19.26 -10.70 -52.70
N ALA H 58 19.51 -10.12 -51.54
CA ALA H 58 18.56 -9.20 -50.93
C ALA H 58 18.49 -7.91 -51.75
N GLU H 59 19.66 -7.32 -51.98
CA GLU H 59 19.83 -6.07 -52.71
C GLU H 59 19.31 -6.20 -54.14
N ALA H 60 19.66 -7.32 -54.79
CA ALA H 60 19.21 -7.56 -56.17
C ALA H 60 17.76 -8.00 -56.22
N SER H 61 17.14 -8.05 -55.02
CA SER H 61 15.77 -8.48 -54.83
C SER H 61 14.95 -7.39 -54.22
N PHE H 62 15.52 -6.20 -54.17
CA PHE H 62 14.91 -5.06 -53.55
C PHE H 62 13.68 -4.63 -54.33
N TRP H 63 12.68 -4.19 -53.58
CA TRP H 63 11.41 -3.73 -54.12
C TRP H 63 10.73 -2.68 -53.23
N THR H 64 9.82 -1.93 -53.83
CA THR H 64 9.18 -0.87 -53.07
C THR H 64 7.66 -0.85 -53.20
N ALA H 65 7.00 -0.20 -52.25
CA ALA H 65 5.52 -0.18 -52.19
C ALA H 65 4.82 0.47 -53.43
N GLU H 66 5.61 1.13 -54.28
CA GLU H 66 5.17 1.59 -55.59
C GLU H 66 4.80 0.46 -56.54
N GLU H 67 5.49 -0.66 -56.39
CA GLU H 67 5.33 -1.80 -57.32
C GLU H 67 3.99 -2.52 -57.21
N ILE H 68 3.12 -2.10 -56.30
CA ILE H 68 1.98 -2.92 -55.94
C ILE H 68 0.67 -2.43 -56.53
N ASP H 69 0.33 -1.15 -56.31
CA ASP H 69 -0.87 -0.50 -56.86
C ASP H 69 -2.17 -1.25 -56.61
N LEU H 70 -2.69 -1.10 -55.40
CA LEU H 70 -3.87 -1.83 -54.88
C LEU H 70 -5.16 -1.56 -55.67
N SER H 71 -5.00 -0.98 -56.85
CA SER H 71 -6.13 -0.36 -57.55
C SER H 71 -7.33 -1.27 -57.78
N SER H 72 -7.07 -2.54 -58.01
CA SER H 72 -8.01 -3.34 -58.80
C SER H 72 -8.98 -4.22 -58.04
N ASP H 73 -8.72 -4.49 -56.77
CA ASP H 73 -9.62 -5.37 -56.08
C ASP H 73 -9.96 -4.99 -54.61
N LEU H 74 -10.76 -3.94 -54.42
CA LEU H 74 -11.53 -3.74 -53.18
C LEU H 74 -12.94 -4.19 -53.53
N LYS H 75 -13.15 -4.39 -54.83
CA LYS H 75 -14.34 -5.03 -55.38
C LYS H 75 -14.38 -6.47 -54.88
N ASP H 76 -13.21 -7.12 -54.84
CA ASP H 76 -13.10 -8.49 -54.32
C ASP H 76 -13.38 -8.51 -52.78
N PHE H 77 -12.86 -7.50 -52.09
CA PHE H 77 -13.01 -7.40 -50.65
C PHE H 77 -14.47 -7.09 -50.28
N GLU H 78 -15.19 -6.36 -51.15
CA GLU H 78 -16.62 -6.18 -50.89
C GLU H 78 -17.45 -7.39 -51.39
N LYS H 79 -16.93 -8.09 -52.39
CA LYS H 79 -17.56 -9.34 -52.88
C LYS H 79 -17.37 -10.49 -51.84
N LEU H 80 -16.27 -10.39 -51.07
CA LEU H 80 -15.96 -11.34 -49.99
C LEU H 80 -17.09 -11.35 -48.97
N ASN H 81 -16.87 -11.85 -47.77
CA ASN H 81 -17.98 -11.86 -46.79
C ASN H 81 -17.63 -11.35 -45.38
N VAL H 82 -18.62 -11.33 -44.48
CA VAL H 82 -18.39 -11.05 -43.05
C VAL H 82 -17.17 -11.82 -42.61
N ASN H 83 -17.22 -13.15 -42.81
CA ASN H 83 -16.19 -14.09 -42.37
C ASN H 83 -14.81 -13.90 -43.03
N GLU H 84 -14.77 -13.85 -44.36
CA GLU H 84 -13.47 -13.81 -45.04
C GLU H 84 -12.84 -12.43 -44.88
N LYS H 85 -13.61 -11.42 -44.44
CA LYS H 85 -13.08 -10.05 -44.47
C LYS H 85 -12.46 -9.55 -43.20
N HIS H 86 -13.13 -9.72 -42.04
CA HIS H 86 -12.56 -9.29 -40.71
C HIS H 86 -11.38 -10.18 -40.30
N PHE H 87 -11.21 -11.32 -40.98
CA PHE H 87 -10.02 -12.09 -40.83
C PHE H 87 -8.92 -11.20 -41.37
N ILE H 88 -9.06 -10.79 -42.63
CA ILE H 88 -8.07 -9.89 -43.27
C ILE H 88 -7.84 -8.60 -42.49
N LYS H 89 -8.92 -7.94 -42.10
CA LYS H 89 -8.85 -6.68 -41.34
C LYS H 89 -8.01 -6.85 -40.09
N HIS H 90 -8.09 -8.04 -39.49
CA HIS H 90 -7.35 -8.39 -38.29
C HIS H 90 -5.94 -8.92 -38.58
N VAL H 91 -5.77 -9.74 -39.62
CA VAL H 91 -4.41 -10.19 -40.00
C VAL H 91 -3.47 -9.00 -40.33
N LEU H 92 -3.98 -8.04 -41.12
CA LEU H 92 -3.16 -6.92 -41.51
C LEU H 92 -2.89 -5.99 -40.29
N ALA H 93 -3.86 -5.93 -39.38
CA ALA H 93 -3.69 -5.20 -38.13
C ALA H 93 -2.68 -5.92 -37.21
N PHE H 94 -2.58 -7.26 -37.36
CA PHE H 94 -1.64 -8.02 -36.55
C PHE H 94 -0.19 -7.94 -37.07
N PHE H 95 -0.04 -7.98 -38.39
CA PHE H 95 1.22 -7.75 -39.03
C PHE H 95 1.82 -6.37 -38.66
N ALA H 96 0.97 -5.38 -38.38
CA ALA H 96 1.43 -4.02 -37.98
C ALA H 96 1.38 -3.79 -36.46
N ALA H 97 2.26 -4.47 -35.73
CA ALA H 97 2.35 -4.39 -34.26
C ALA H 97 3.79 -4.71 -33.83
N SER H 98 4.34 -5.77 -34.44
CA SER H 98 5.69 -6.32 -34.21
C SER H 98 6.63 -5.82 -35.32
N GLU H 104 9.19 -3.11 -33.70
CA GLU H 104 10.06 -3.88 -32.81
C GLU H 104 11.52 -3.76 -33.30
N ASN H 105 12.47 -3.75 -32.36
CA ASN H 105 13.90 -3.76 -32.69
C ASN H 105 14.52 -5.18 -32.66
N LEU H 106 15.26 -5.51 -33.72
CA LEU H 106 15.63 -6.90 -34.03
C LEU H 106 17.03 -6.94 -34.64
N ALA H 107 17.06 -6.69 -35.95
CA ALA H 107 18.26 -6.65 -36.75
C ALA H 107 19.27 -5.67 -36.19
N SER H 108 18.83 -4.56 -35.61
CA SER H 108 19.82 -3.62 -35.14
C SER H 108 20.50 -4.12 -33.86
N LYS H 109 19.84 -5.03 -33.16
CA LYS H 109 20.46 -5.71 -32.00
C LYS H 109 21.61 -6.61 -32.44
N PHE H 110 21.46 -7.19 -33.62
CA PHE H 110 22.49 -8.02 -34.25
C PHE H 110 23.52 -7.21 -35.04
N LEU H 111 23.11 -6.08 -35.61
CA LEU H 111 23.99 -5.11 -36.25
C LEU H 111 25.18 -4.76 -35.35
N ARG H 112 24.89 -4.49 -34.06
CA ARG H 112 25.94 -4.13 -33.10
C ARG H 112 26.75 -5.35 -32.61
N GLU H 113 26.10 -6.50 -32.49
CA GLU H 113 26.77 -7.71 -31.99
C GLU H 113 27.66 -8.36 -33.05
N VAL H 114 27.08 -8.81 -34.17
CA VAL H 114 27.85 -9.52 -35.23
C VAL H 114 28.92 -8.65 -35.86
N GLU H 115 30.19 -8.91 -35.49
CA GLU H 115 31.33 -8.07 -35.89
C GLU H 115 31.94 -8.37 -37.26
N ILE H 116 31.12 -8.79 -38.24
CA ILE H 116 31.66 -9.03 -39.62
C ILE H 116 30.97 -8.21 -40.71
N ILE H 117 31.79 -7.42 -41.41
CA ILE H 117 31.26 -6.37 -42.26
C ILE H 117 30.19 -6.87 -43.19
N GLU H 118 30.45 -8.05 -43.77
CA GLU H 118 29.56 -8.71 -44.72
C GLU H 118 28.18 -8.88 -44.12
N ALA H 119 28.15 -9.09 -42.80
CA ALA H 119 26.89 -9.41 -42.05
C ALA H 119 26.18 -8.15 -41.64
N LYS H 120 26.92 -7.18 -41.17
CA LYS H 120 26.32 -5.92 -40.80
C LYS H 120 25.62 -5.39 -42.04
N LYS H 121 26.24 -5.64 -43.18
CA LYS H 121 25.71 -5.19 -44.45
C LYS H 121 24.35 -5.83 -44.77
N PHE H 122 24.22 -7.12 -44.48
CA PHE H 122 22.92 -7.79 -44.65
C PHE H 122 21.89 -7.32 -43.64
N TYR H 123 22.31 -7.14 -42.39
CA TYR H 123 21.40 -6.64 -41.36
C TYR H 123 20.91 -5.18 -41.59
N SER H 124 21.83 -4.28 -41.94
CA SER H 124 21.49 -2.86 -42.27
C SER H 124 20.51 -2.78 -43.46
N PHE H 125 20.62 -3.74 -44.37
CA PHE H 125 19.70 -3.84 -45.50
C PHE H 125 18.38 -4.45 -45.08
N GLN H 126 18.41 -5.26 -44.01
CA GLN H 126 17.20 -5.96 -43.58
C GLN H 126 16.18 -5.04 -42.90
N ILE H 127 16.65 -4.08 -42.09
CA ILE H 127 15.74 -3.05 -41.52
C ILE H 127 15.13 -2.14 -42.58
N ALA H 128 15.89 -1.81 -43.62
CA ALA H 128 15.35 -1.00 -44.70
C ALA H 128 14.23 -1.75 -45.41
N VAL H 129 14.46 -2.97 -45.85
CA VAL H 129 13.36 -3.68 -46.53
C VAL H 129 12.20 -4.06 -45.56
N GLU H 130 12.47 -4.11 -44.25
CA GLU H 130 11.45 -4.52 -43.25
C GLU H 130 10.55 -3.33 -43.02
N ASN H 131 11.14 -2.14 -43.11
CA ASN H 131 10.35 -0.94 -43.11
C ASN H 131 9.51 -0.79 -44.38
N ILE H 132 10.03 -1.24 -45.51
CA ILE H 132 9.26 -1.32 -46.73
C ILE H 132 8.03 -2.23 -46.58
N HIS H 133 8.16 -3.36 -45.85
CA HIS H 133 7.03 -4.27 -45.62
C HIS H 133 6.00 -3.56 -44.83
N SER H 134 6.48 -2.89 -43.79
CA SER H 134 5.67 -2.12 -42.87
C SER H 134 4.77 -1.08 -43.58
N GLU H 135 5.35 -0.28 -44.48
CA GLU H 135 4.54 0.71 -45.18
C GLU H 135 3.54 0.08 -46.15
N THR H 136 3.89 -1.08 -46.72
CA THR H 136 3.01 -1.90 -47.55
C THR H 136 1.75 -2.22 -46.78
N TYR H 137 1.94 -2.62 -45.53
CA TYR H 137 0.82 -2.99 -44.70
C TYR H 137 0.01 -1.80 -44.26
N SER H 138 0.69 -0.72 -43.87
CA SER H 138 -0.02 0.54 -43.55
C SER H 138 -0.80 1.09 -44.76
N LEU H 139 -0.23 0.93 -45.97
CA LEU H 139 -0.94 1.22 -47.21
C LEU H 139 -2.17 0.30 -47.43
N LEU H 140 -2.01 -0.98 -47.13
CA LEU H 140 -3.10 -1.92 -47.25
C LEU H 140 -4.20 -1.65 -46.24
N ILE H 141 -3.79 -1.47 -45.01
CA ILE H 141 -4.67 -1.06 -43.95
C ILE H 141 -5.42 0.21 -44.35
N ASP H 142 -4.78 1.05 -45.18
CA ASP H 142 -5.36 2.31 -45.67
C ASP H 142 -6.49 2.08 -46.69
N ASN H 143 -6.46 0.96 -47.38
CA ASN H 143 -7.49 0.71 -48.37
C ASN H 143 -8.58 -0.27 -47.99
N TYR H 144 -8.21 -1.36 -47.32
CA TYR H 144 -9.23 -2.36 -46.90
C TYR H 144 -10.03 -1.85 -45.72
N ILE H 145 -9.45 -0.91 -44.98
CA ILE H 145 -9.99 -0.38 -43.73
C ILE H 145 -9.93 1.14 -43.85
N LYS H 146 -10.47 1.63 -44.97
CA LYS H 146 -10.28 3.02 -45.38
C LYS H 146 -10.54 4.09 -44.29
N ASP H 147 -11.70 4.02 -43.63
CA ASP H 147 -12.15 4.99 -42.61
C ASP H 147 -11.39 4.91 -41.25
N GLU H 148 -10.71 5.98 -40.83
CA GLU H 148 -9.95 6.00 -39.56
C GLU H 148 -10.58 5.56 -38.19
N LYS H 149 -11.86 5.18 -38.12
CA LYS H 149 -12.45 4.68 -36.87
C LYS H 149 -11.96 3.24 -36.55
N GLU H 150 -11.77 2.43 -37.59
CA GLU H 150 -11.27 1.10 -37.31
C GLU H 150 -9.78 1.09 -36.95
N ARG H 151 -8.91 1.62 -37.81
CA ARG H 151 -7.49 1.75 -37.46
C ARG H 151 -7.27 1.78 -35.93
N LEU H 152 -8.15 2.49 -35.21
CA LEU H 152 -8.00 2.56 -33.78
C LEU H 152 -8.67 1.40 -33.06
N ASN H 153 -9.90 1.07 -33.42
CA ASN H 153 -10.61 -0.04 -32.79
C ASN H 153 -10.15 -1.36 -33.39
N LEU H 154 -8.85 -1.46 -33.59
CA LEU H 154 -8.27 -2.57 -34.37
C LEU H 154 -6.83 -2.73 -33.91
N PHE H 155 -6.16 -1.57 -33.84
CA PHE H 155 -4.77 -1.49 -33.40
C PHE H 155 -4.65 -1.54 -31.86
N HIS H 156 -5.76 -1.25 -31.16
CA HIS H 156 -5.88 -1.47 -29.71
C HIS H 156 -6.98 -2.52 -29.40
N ALA H 157 -7.66 -2.97 -30.45
CA ALA H 157 -8.43 -4.20 -30.36
C ALA H 157 -7.43 -5.32 -30.61
N ILE H 158 -6.29 -4.98 -31.17
CA ILE H 158 -5.20 -5.93 -31.27
C ILE H 158 -4.28 -5.91 -30.05
N GLU H 159 -4.04 -4.72 -29.51
CA GLU H 159 -3.02 -4.43 -28.44
C GLU H 159 -2.87 -5.38 -27.19
N ASN H 160 -4.00 -5.82 -26.64
CA ASN H 160 -4.01 -6.93 -25.67
C ASN H 160 -4.88 -8.08 -26.23
N ILE H 161 -4.21 -9.04 -26.88
CA ILE H 161 -4.85 -10.17 -27.57
C ILE H 161 -3.98 -11.43 -27.42
N PRO H 162 -4.56 -12.53 -26.94
CA PRO H 162 -3.81 -13.68 -26.41
C PRO H 162 -2.56 -14.01 -27.21
N ALA H 163 -2.66 -13.94 -28.53
CA ALA H 163 -1.52 -14.06 -29.44
C ALA H 163 -0.33 -13.18 -29.04
N ILE H 164 -0.59 -11.92 -28.63
CA ILE H 164 0.51 -11.05 -28.24
C ILE H 164 0.96 -11.31 -26.79
N LYS H 165 0.05 -11.77 -25.96
CA LYS H 165 0.42 -12.39 -24.69
C LYS H 165 1.58 -13.37 -24.94
N ASN H 166 1.29 -14.35 -25.81
CA ASN H 166 2.19 -15.42 -26.17
C ASN H 166 3.45 -14.89 -26.87
N LYS H 167 3.26 -14.13 -27.95
CA LYS H 167 4.36 -13.49 -28.68
C LYS H 167 5.33 -12.68 -27.79
N ALA H 168 4.79 -11.87 -26.87
CA ALA H 168 5.62 -10.99 -26.05
C ALA H 168 6.41 -11.77 -25.00
N LEU H 169 5.73 -12.63 -24.26
CA LEU H 169 6.37 -13.40 -23.18
C LEU H 169 7.48 -14.33 -23.66
N TRP H 170 7.29 -14.93 -24.84
CA TRP H 170 8.33 -15.70 -25.54
C TRP H 170 9.50 -14.78 -25.95
N ALA H 171 9.17 -13.54 -26.34
CA ALA H 171 10.18 -12.54 -26.69
C ALA H 171 10.96 -12.14 -25.47
N ALA H 172 10.30 -12.18 -24.31
CA ALA H 172 10.91 -11.82 -23.03
C ALA H 172 11.80 -12.96 -22.49
N LYS H 173 11.43 -14.20 -22.81
CA LYS H 173 12.18 -15.37 -22.37
C LYS H 173 13.44 -15.67 -23.20
N TRP H 174 13.38 -15.47 -24.52
CA TRP H 174 14.53 -15.78 -25.38
C TRP H 174 15.21 -14.58 -26.07
N ILE H 175 14.44 -13.72 -26.73
CA ILE H 175 15.03 -12.51 -27.37
C ILE H 175 15.11 -11.31 -26.43
N ASN H 176 15.49 -10.14 -26.97
CA ASN H 176 15.73 -8.92 -26.16
C ASN H 176 16.41 -9.22 -24.77
N ASP H 177 17.28 -10.24 -24.73
CA ASP H 177 17.63 -11.06 -23.54
C ASP H 177 19.11 -10.89 -23.10
N THR H 178 19.45 -11.43 -21.93
CA THR H 178 20.78 -11.30 -21.33
C THR H 178 21.37 -12.67 -20.87
N ASN H 179 21.65 -13.55 -21.83
CA ASN H 179 22.28 -14.85 -21.50
C ASN H 179 23.23 -15.42 -22.55
N SER H 180 22.68 -15.83 -23.70
CA SER H 180 23.47 -16.44 -24.79
C SER H 180 23.16 -15.79 -26.12
N PHE H 181 24.21 -15.49 -26.89
CA PHE H 181 24.05 -15.00 -28.30
C PHE H 181 23.50 -16.10 -29.21
N ALA H 182 24.03 -17.33 -29.07
CA ALA H 182 23.48 -18.52 -29.69
C ALA H 182 21.95 -18.62 -29.60
N GLU H 183 21.42 -18.46 -28.39
CA GLU H 183 19.98 -18.55 -28.16
C GLU H 183 19.22 -17.48 -28.95
N ARG H 184 19.75 -16.26 -28.97
CA ARG H 184 19.06 -15.15 -29.61
C ARG H 184 18.86 -15.37 -31.11
N ILE H 185 19.91 -15.85 -31.80
CA ILE H 185 19.89 -16.22 -33.22
C ILE H 185 18.86 -17.34 -33.48
N VAL H 186 18.84 -18.37 -32.63
CA VAL H 186 17.85 -19.42 -32.83
C VAL H 186 16.45 -18.83 -32.67
N ALA H 187 16.22 -18.11 -31.58
CA ALA H 187 14.92 -17.48 -31.41
C ALA H 187 14.61 -16.47 -32.55
N ASN H 188 15.64 -15.79 -33.04
CA ASN H 188 15.45 -14.88 -34.15
C ASN H 188 15.21 -15.54 -35.52
N ALA H 189 15.72 -16.76 -35.68
CA ALA H 189 15.41 -17.53 -36.87
C ALA H 189 13.99 -18.11 -36.76
N CYS H 190 13.44 -18.07 -35.56
CA CYS H 190 12.02 -18.44 -35.37
C CYS H 190 11.10 -17.23 -35.67
N VAL H 191 11.52 -16.06 -35.21
CA VAL H 191 10.77 -14.83 -35.44
C VAL H 191 10.61 -14.65 -36.94
N GLU H 192 11.68 -14.94 -37.69
CA GLU H 192 11.63 -14.74 -39.13
C GLU H 192 11.51 -16.05 -39.89
N GLY H 193 10.84 -17.04 -39.31
CA GLY H 193 10.65 -18.33 -39.97
C GLY H 193 9.36 -19.00 -39.55
N ILE H 194 9.16 -19.12 -38.24
CA ILE H 194 7.97 -19.75 -37.72
C ILE H 194 6.88 -18.68 -37.58
N LEU H 195 7.22 -17.56 -36.95
CA LEU H 195 6.20 -16.55 -36.67
C LEU H 195 5.74 -15.87 -37.96
N PHE H 196 4.42 -15.82 -38.10
CA PHE H 196 3.73 -15.33 -39.29
C PHE H 196 3.63 -16.32 -40.47
N SER H 197 4.35 -17.44 -40.39
CA SER H 197 4.21 -18.50 -41.40
C SER H 197 2.75 -18.96 -41.59
N GLY H 198 2.00 -18.98 -40.49
CA GLY H 198 0.58 -19.26 -40.58
C GLY H 198 -0.18 -18.17 -41.32
N SER H 199 0.08 -16.92 -40.95
CA SER H 199 -0.66 -15.75 -41.50
C SER H 199 -0.40 -15.59 -42.98
N PHE H 200 0.84 -15.86 -43.36
CA PHE H 200 1.30 -15.80 -44.72
C PHE H 200 0.62 -16.87 -45.57
N CYS H 201 0.51 -18.09 -45.05
CA CYS H 201 -0.16 -19.20 -45.76
C CYS H 201 -1.61 -18.82 -45.97
N ALA H 202 -2.21 -18.25 -44.93
CA ALA H 202 -3.60 -17.75 -44.99
C ALA H 202 -3.90 -16.72 -46.14
N ILE H 203 -2.96 -15.82 -46.42
CA ILE H 203 -3.12 -14.95 -47.58
C ILE H 203 -2.97 -15.68 -48.95
N PHE H 204 -2.11 -16.72 -49.02
CA PHE H 204 -2.06 -17.57 -50.22
C PHE H 204 -3.35 -18.33 -50.53
N TRP H 205 -4.12 -18.64 -49.50
CA TRP H 205 -5.45 -19.21 -49.68
C TRP H 205 -6.36 -18.35 -50.55
N PHE H 206 -6.13 -17.03 -50.54
CA PHE H 206 -6.87 -16.12 -51.40
C PHE H 206 -6.19 -15.99 -52.75
N LYS H 207 -4.85 -16.08 -52.78
CA LYS H 207 -4.12 -16.19 -54.06
C LYS H 207 -4.60 -17.40 -54.86
N LYS H 208 -4.96 -18.48 -54.15
CA LYS H 208 -5.53 -19.71 -54.73
C LYS H 208 -6.89 -19.48 -55.43
N GLN H 209 -7.56 -18.41 -55.01
CA GLN H 209 -8.92 -18.04 -55.46
C GLN H 209 -8.92 -16.95 -56.54
N ASN H 210 -7.74 -16.55 -56.99
CA ASN H 210 -7.60 -15.46 -57.95
C ASN H 210 -8.30 -14.22 -57.41
N LYS H 211 -8.09 -13.91 -56.13
CA LYS H 211 -8.66 -12.73 -55.50
C LYS H 211 -7.56 -11.92 -54.84
N LEU H 212 -7.86 -10.65 -54.55
CA LEU H 212 -7.03 -9.80 -53.71
C LEU H 212 -5.62 -9.48 -54.23
N HIS H 213 -5.62 -9.07 -55.48
CA HIS H 213 -4.64 -8.17 -56.07
C HIS H 213 -3.49 -7.65 -55.22
N GLY H 214 -2.51 -8.47 -54.87
CA GLY H 214 -1.40 -7.82 -54.17
C GLY H 214 -1.61 -7.51 -52.68
N LEU H 215 -2.77 -7.95 -52.18
CA LEU H 215 -2.85 -8.46 -50.84
C LEU H 215 -2.00 -9.73 -50.91
N THR H 216 -2.11 -10.41 -52.05
CA THR H 216 -1.48 -11.71 -52.26
C THR H 216 -0.10 -11.52 -52.87
N PHE H 217 0.01 -10.54 -53.76
CA PHE H 217 1.26 -10.25 -54.48
C PHE H 217 2.28 -9.66 -53.54
N SER H 218 1.85 -8.74 -52.68
CA SER H 218 2.77 -8.20 -51.69
C SER H 218 3.12 -9.37 -50.77
N ASN H 219 2.07 -10.04 -50.29
CA ASN H 219 2.26 -11.15 -49.39
C ASN H 219 3.27 -12.13 -49.93
N GLU H 220 3.37 -12.22 -51.24
CA GLU H 220 4.32 -13.14 -51.86
C GLU H 220 5.75 -12.60 -51.82
N LEU H 221 5.90 -11.27 -51.94
CA LEU H 221 7.19 -10.57 -51.91
C LEU H 221 7.70 -10.54 -50.49
N ILE H 222 6.77 -10.30 -49.56
CA ILE H 222 7.09 -10.30 -48.13
C ILE H 222 7.51 -11.71 -47.66
N SER H 223 6.75 -12.75 -48.01
CA SER H 223 7.05 -14.11 -47.59
C SER H 223 8.40 -14.58 -48.15
N ARG H 224 8.63 -14.33 -49.44
CA ARG H 224 9.90 -14.65 -50.04
C ARG H 224 11.03 -13.92 -49.35
N ASP H 225 10.82 -12.65 -49.05
CA ASP H 225 11.83 -11.86 -48.38
C ASP H 225 12.11 -12.46 -47.00
N GLU H 226 11.08 -12.65 -46.18
CA GLU H 226 11.31 -13.17 -44.84
C GLU H 226 11.86 -14.63 -44.92
N GLY H 227 11.77 -15.24 -46.10
CA GLY H 227 12.36 -16.56 -46.31
C GLY H 227 13.86 -16.40 -46.37
N LEU H 228 14.31 -15.34 -47.06
CA LEU H 228 15.74 -14.99 -47.17
C LEU H 228 16.35 -14.73 -45.79
N HIS H 229 15.64 -14.01 -44.93
CA HIS H 229 16.20 -13.70 -43.60
C HIS H 229 16.32 -14.96 -42.74
N THR H 230 15.38 -15.89 -42.89
CA THR H 230 15.48 -17.20 -42.20
C THR H 230 16.75 -17.93 -42.61
N ASP H 231 16.95 -18.15 -43.91
CA ASP H 231 18.11 -18.90 -44.35
C ASP H 231 19.37 -18.23 -43.86
N PHE H 232 19.29 -16.91 -43.72
CA PHE H 232 20.42 -16.12 -43.26
C PHE H 232 20.86 -16.45 -41.82
N ASN H 233 19.96 -16.34 -40.85
CA ASN H 233 20.34 -16.60 -39.45
C ASN H 233 20.76 -18.10 -39.26
N CYS H 234 20.43 -18.93 -40.25
CA CYS H 234 20.87 -20.29 -40.29
C CYS H 234 22.36 -20.30 -40.56
N LEU H 235 22.79 -19.53 -41.57
CA LEU H 235 24.21 -19.52 -41.92
C LEU H 235 25.11 -18.94 -40.83
N ILE H 236 24.58 -18.00 -40.05
CA ILE H 236 25.32 -17.46 -38.90
C ILE H 236 25.43 -18.51 -37.79
N TYR H 237 24.35 -19.25 -37.57
CA TYR H 237 24.43 -20.36 -36.62
C TYR H 237 25.39 -21.41 -37.19
N SER H 238 25.42 -21.51 -38.52
CA SER H 238 26.33 -22.39 -39.27
C SER H 238 27.82 -22.01 -39.08
N LEU H 239 28.05 -20.73 -38.77
CA LEU H 239 29.38 -20.16 -38.60
C LEU H 239 29.82 -20.07 -37.13
N LEU H 240 29.46 -21.08 -36.33
CA LEU H 240 29.42 -20.91 -34.86
C LEU H 240 30.68 -21.35 -34.10
N GLU H 241 31.12 -20.51 -33.16
CA GLU H 241 32.23 -20.85 -32.29
C GLU H 241 31.75 -22.06 -31.47
N ASN H 242 30.57 -21.91 -30.88
CA ASN H 242 30.04 -22.96 -30.04
C ASN H 242 28.54 -23.09 -30.22
N LYS H 243 28.16 -24.11 -30.98
CA LYS H 243 26.75 -24.39 -31.28
C LYS H 243 26.02 -24.87 -30.07
N LEU H 244 24.71 -24.68 -30.05
CA LEU H 244 23.91 -25.09 -28.90
C LEU H 244 23.60 -26.59 -28.88
N PRO H 245 23.26 -27.14 -27.69
CA PRO H 245 22.77 -28.50 -27.68
C PRO H 245 21.39 -28.52 -28.31
N GLU H 246 21.18 -29.44 -29.25
CA GLU H 246 19.89 -29.61 -29.93
C GLU H 246 18.70 -29.62 -28.98
N ASN H 247 18.98 -29.96 -27.72
CA ASN H 247 17.99 -30.01 -26.66
C ASN H 247 17.30 -28.66 -26.47
N VAL H 248 18.13 -27.63 -26.42
CA VAL H 248 17.69 -26.27 -26.19
C VAL H 248 17.02 -25.70 -27.43
N VAL H 249 17.65 -25.88 -28.59
CA VAL H 249 17.12 -25.37 -29.84
C VAL H 249 15.69 -25.84 -30.05
N GLN H 250 15.44 -27.13 -29.76
CA GLN H 250 14.11 -27.71 -29.85
C GLN H 250 13.10 -27.08 -28.88
N ASN H 251 13.56 -26.65 -27.71
CA ASN H 251 12.70 -25.92 -26.76
C ASN H 251 12.24 -24.58 -27.29
N ILE H 252 13.20 -23.82 -27.81
CA ILE H 252 12.99 -22.54 -28.49
C ILE H 252 11.97 -22.68 -29.61
N VAL H 253 12.16 -23.72 -30.43
CA VAL H 253 11.30 -23.91 -31.57
C VAL H 253 9.89 -24.39 -31.13
N LYS H 254 9.80 -25.40 -30.27
CA LYS H 254 8.50 -25.79 -29.71
C LYS H 254 7.71 -24.57 -29.33
N GLU H 255 8.27 -23.79 -28.40
CA GLU H 255 7.60 -22.64 -27.82
C GLU H 255 7.25 -21.56 -28.85
N ALA H 256 8.07 -21.42 -29.91
CA ALA H 256 7.65 -20.52 -31.00
C ALA H 256 6.50 -21.09 -31.85
N VAL H 257 6.44 -22.41 -31.96
CA VAL H 257 5.37 -23.07 -32.72
C VAL H 257 4.05 -22.97 -31.99
N GLU H 258 4.06 -23.26 -30.71
CA GLU H 258 2.87 -23.05 -29.91
C GLU H 258 2.45 -21.56 -29.88
N VAL H 259 3.42 -20.62 -29.89
CA VAL H 259 3.11 -19.17 -29.90
C VAL H 259 2.49 -18.69 -31.24
N GLU H 260 3.11 -19.10 -32.33
CA GLU H 260 2.56 -19.08 -33.69
C GLU H 260 1.10 -19.58 -33.82
N ARG H 261 0.85 -20.81 -33.34
CA ARG H 261 -0.44 -21.50 -33.41
C ARG H 261 -1.56 -20.75 -32.76
N SER H 262 -1.26 -20.11 -31.64
CA SER H 262 -2.23 -19.26 -30.95
C SER H 262 -2.64 -17.97 -31.76
N PHE H 263 -2.02 -17.72 -32.91
CA PHE H 263 -2.54 -16.72 -33.85
C PHE H 263 -3.60 -17.31 -34.80
N ILE H 264 -3.13 -18.09 -35.76
CA ILE H 264 -3.96 -18.58 -36.86
C ILE H 264 -4.91 -19.75 -36.55
N CYS H 265 -4.64 -20.53 -35.53
CA CYS H 265 -5.64 -21.54 -35.29
C CYS H 265 -6.42 -21.33 -33.99
N GLU H 266 -6.15 -20.22 -33.29
CA GLU H 266 -6.89 -19.89 -32.06
C GLU H 266 -7.40 -18.47 -32.00
N SER H 267 -6.48 -17.47 -32.01
CA SER H 267 -6.89 -16.08 -31.79
C SER H 267 -7.54 -15.50 -33.03
N LEU H 268 -6.95 -15.72 -34.20
CA LEU H 268 -7.66 -15.45 -35.44
C LEU H 268 -7.60 -16.64 -36.32
N PRO H 269 -8.63 -17.47 -36.23
CA PRO H 269 -8.83 -18.74 -36.91
C PRO H 269 -8.76 -18.63 -38.40
N CYS H 270 -7.80 -19.32 -39.00
CA CYS H 270 -7.78 -19.51 -40.44
C CYS H 270 -9.03 -20.32 -40.84
N ASP H 271 -9.55 -21.09 -39.89
CA ASP H 271 -10.71 -21.95 -40.16
C ASP H 271 -11.92 -21.07 -40.55
N LEU H 272 -11.60 -19.79 -40.79
CA LEU H 272 -12.50 -18.62 -40.95
C LEU H 272 -12.43 -17.93 -42.36
N ILE H 273 -11.48 -18.34 -43.20
CA ILE H 273 -11.40 -17.89 -44.60
C ILE H 273 -11.63 -19.04 -45.61
N GLY H 274 -11.77 -20.25 -45.09
CA GLY H 274 -12.02 -21.44 -45.90
C GLY H 274 -11.09 -22.57 -45.54
N MET H 275 -10.11 -22.28 -44.70
CA MET H 275 -9.04 -23.22 -44.34
C MET H 275 -9.49 -24.11 -43.21
N ASN H 276 -8.68 -25.14 -42.96
CA ASN H 276 -8.80 -26.03 -41.82
C ASN H 276 -7.73 -25.66 -40.77
N SER H 277 -8.14 -25.24 -39.59
CA SER H 277 -7.16 -24.96 -38.51
C SER H 277 -6.27 -26.17 -38.14
N ARG H 278 -6.77 -27.38 -38.26
CA ARG H 278 -5.93 -28.52 -37.92
C ARG H 278 -4.83 -28.74 -39.01
N LEU H 279 -5.25 -28.67 -40.30
CA LEU H 279 -4.35 -28.72 -41.45
C LEU H 279 -3.26 -27.68 -41.35
N MET H 280 -3.66 -26.45 -40.98
CA MET H 280 -2.78 -25.30 -40.69
C MET H 280 -1.79 -25.60 -39.57
N SER H 281 -2.34 -26.10 -38.46
CA SER H 281 -1.53 -26.53 -37.35
C SER H 281 -0.43 -27.50 -37.80
N GLN H 282 -0.74 -28.39 -38.77
CA GLN H 282 0.29 -29.31 -39.28
C GLN H 282 1.31 -28.65 -40.21
N TYR H 283 0.88 -27.59 -40.89
CA TYR H 283 1.81 -26.82 -41.72
C TYR H 283 2.83 -26.05 -40.87
N ILE H 284 2.44 -25.56 -39.67
CA ILE H 284 3.46 -25.02 -38.75
C ILE H 284 4.49 -26.11 -38.40
N GLU H 285 4.00 -27.28 -38.00
CA GLU H 285 4.90 -28.40 -37.68
C GLU H 285 5.94 -28.49 -38.77
N PHE H 286 5.45 -28.53 -40.01
CA PHE H 286 6.24 -28.77 -41.19
C PHE H 286 7.28 -27.70 -41.29
N VAL H 287 6.82 -26.46 -41.20
CA VAL H 287 7.71 -25.29 -41.31
C VAL H 287 8.78 -25.38 -40.20
N ALA H 288 8.32 -25.56 -38.97
CA ALA H 288 9.18 -25.82 -37.83
C ALA H 288 10.26 -26.87 -38.08
N ASP H 289 9.85 -28.07 -38.53
CA ASP H 289 10.77 -29.17 -38.92
C ASP H 289 11.80 -28.73 -39.98
N ARG H 290 11.32 -28.11 -41.05
CA ARG H 290 12.16 -27.53 -42.08
C ARG H 290 13.21 -26.61 -41.46
N LEU H 291 12.78 -25.85 -40.45
CA LEU H 291 13.68 -24.91 -39.78
C LEU H 291 14.76 -25.68 -39.06
N LEU H 292 14.36 -26.64 -38.25
CA LEU H 292 15.35 -27.50 -37.58
C LEU H 292 16.43 -28.08 -38.53
N GLU H 293 16.02 -28.48 -39.73
CA GLU H 293 16.95 -28.89 -40.80
C GLU H 293 17.92 -27.77 -41.19
N CYS H 294 17.35 -26.58 -41.41
CA CYS H 294 18.10 -25.36 -41.74
C CYS H 294 19.08 -25.08 -40.64
N LEU H 295 18.70 -25.44 -39.42
CA LEU H 295 19.50 -25.16 -38.23
C LEU H 295 20.52 -26.25 -37.91
N GLY H 296 20.55 -27.29 -38.74
CA GLY H 296 21.44 -28.41 -38.50
C GLY H 296 20.99 -29.18 -37.28
N CYS H 297 19.70 -29.44 -37.19
CA CYS H 297 19.11 -30.22 -36.10
C CYS H 297 18.11 -31.27 -36.61
N SER H 298 17.88 -32.31 -35.80
CA SER H 298 16.92 -33.38 -36.11
C SER H 298 15.50 -32.91 -35.83
N LYS H 299 14.54 -33.42 -36.62
CA LYS H 299 13.12 -33.02 -36.55
C LYS H 299 12.53 -33.29 -35.18
N VAL H 300 11.26 -32.95 -34.97
CA VAL H 300 10.60 -33.17 -33.70
C VAL H 300 9.13 -33.52 -33.88
N PHE H 301 8.55 -33.13 -35.02
CA PHE H 301 7.15 -33.48 -35.30
C PHE H 301 6.96 -34.09 -36.70
N HIS H 302 8.03 -34.61 -37.29
CA HIS H 302 7.96 -35.30 -38.60
C HIS H 302 6.55 -35.33 -39.19
N SER H 303 6.25 -34.35 -40.01
CA SER H 303 4.93 -34.28 -40.65
C SER H 303 5.03 -33.74 -42.09
N LYS H 304 4.38 -34.43 -43.04
CA LYS H 304 4.54 -34.07 -44.48
C LYS H 304 3.86 -32.75 -44.84
N ASN H 305 4.02 -32.34 -46.11
CA ASN H 305 3.41 -31.10 -46.68
C ASN H 305 1.89 -31.13 -46.73
N PRO H 306 1.21 -30.51 -45.77
CA PRO H 306 -0.27 -30.53 -45.85
C PRO H 306 -0.84 -29.80 -47.07
N PHE H 307 -0.06 -28.86 -47.61
CA PHE H 307 -0.45 -28.16 -48.87
C PHE H 307 0.77 -28.06 -49.76
N ASN H 308 0.62 -28.60 -50.98
CA ASN H 308 1.72 -28.56 -51.96
C ASN H 308 1.74 -27.18 -52.67
N TRP H 309 0.62 -26.48 -52.69
CA TRP H 309 0.68 -25.06 -53.13
C TRP H 309 1.40 -24.22 -52.07
FE FE I . 13.67 12.26 32.39
FE FE J . -14.80 -30.07 15.29
FE FE K . -14.26 -49.77 2.45
FE FE L . 30.36 -5.49 29.53
FE FE M . -26.31 45.75 10.45
FE FE N . -26.26 25.68 -3.17
FE FE O . 24.40 11.23 -46.02
FE FE P . 12.93 -10.63 -41.66
#